data_2BIP
# 
_entry.id   2BIP 
# 
_audit_conform.dict_name       mmcif_pdbx.dic 
_audit_conform.dict_version    5.382 
_audit_conform.dict_location   http://mmcif.pdb.org/dictionaries/ascii/mmcif_pdbx.dic 
# 
loop_
_database_2.database_id 
_database_2.database_code 
_database_2.pdbx_database_accession 
_database_2.pdbx_DOI 
PDB   2BIP         pdb_00002bip 10.2210/pdb2bip/pdb 
PDBE  EBI-21700    ?            ?                   
WWPDB D_1290021700 ?            ?                   
# 
loop_
_pdbx_database_related.db_name 
_pdbx_database_related.db_id 
_pdbx_database_related.content_type 
_pdbx_database_related.details 
PDB 1A1U unspecified 'SOLUTION STRUCTURE DETERMINATION OF A P53 MUTANT DIMERIZATION DOMAIN, NMR, MINIMIZED AVERAGE STRUCTURE' 
PDB 1AIE unspecified 'P53 TETRAMERIZATION DOMAIN CRYSTAL STRUCTURE' 
PDB 1C26 unspecified 'CRYSTAL STRUCTURE OF P53 TETRAMERIZATION DOMAIN' 
PDB 1DT7 unspecified 
'SOLUTION STRUCTURE OF THE C-TERMINAL NEGATIVE REGULATORY DOMAIN OF P53 IN A COMPLEX WITH CA2+-BOUND S100B(BB)'          
PDB 1GZH unspecified 'CRYSTAL STRUCTURE OF THE BRCT DOMAINS OF HUMAN 53BP1 BOUND TO THE P53 TUMOR SUPRESSOR' 
PDB 1H26 unspecified 'CDK2/CYCLINA IN COMPLEX WITH AN 11-RESIDUE RECRUITMENT PEPTIDE FROM P53' 
PDB 1HS5 unspecified 'NMR SOLUTION STRUCTURE OF DESIGNED P53 DIMER' 
PDB 1JSP unspecified 'NMR STRUCTURE OF CBP BROMODOMAIN IN COMPLEX WITH P53 PEPTIDE' 
PDB 1KZY unspecified 'CRYSTAL STRUCTURE OF THE 53BP1 BRCT REGION COMPLEXED TOTUMOR SUPPRESSOR P53' 
PDB 1MA3 unspecified 'STRUCTURE OF A SIR2 ENZYME BOUND TO AN ACETYLATED P53PEPTIDE' 
PDB 1OLG unspecified 'P53 (OLIGOMERIZATION DOMAIN) (NMR, MINIMIZED AVERAGE STRUCTURE)' 
PDB 1OLH unspecified 'P53 (OLIGOMERIZATION DOMAIN) (NMR, 35 STRUCTURES)' 
PDB 1PES unspecified 'TUMOR ANTIGEN P53 (TETRAMERIZATION DOMAIN) (P53TET) (NMR, MINIMIZED AVERAGE STRUCTURE)' 
PDB 1PET unspecified 'TUMOR ANTIGEN P53 (TETRAMERIZATION DOMAIN) (P53TET) (NMR, 19 STRUCTURES)' 
PDB 1SAE unspecified 
'HIGH RESOLUTION SOLUTION NMR STRUCTURE OF THE OLIGOMERIZATION DOMAIN OF P53 BY MULTI- DIMENSIONAL NMR (SAC STRUCTURES)' 
PDB 1SAF unspecified 
'HIGH RESOLUTION SOLUTION NMR STRUCTURE OF THE OLIGOMERIZATION DOMAIN OF P53 BY MULTI- DIMENSIONAL NMR (SAD STRUCTURES)' 
PDB 1SAG unspecified 
'HIGH RESOLUTION SOLUTION NMR STRUCTURE OF THE OLIGOMERIZATION DOMAIN OF P53 BY MULTI- DIMENSIONAL NMR (SAC STRUCTURES)' 
PDB 1SAH unspecified 
'HIGH RESOLUTION SOLUTION NMR STRUCTURE OF THE OLIGOMERIZATION DOMAIN OF P53 BY MULTI- DIMENSIONAL NMR (SAD STRUCTURES)' 
PDB 1SAI unspecified 
'HIGH RESOLUTION SOLUTION NMR STRUCTURE OF THE OLIGOMERIZATION DOMAIN OF P53 BY MULTI- DIMENSIONAL NMR (SAC STRUCTURES)' 
PDB 1SAJ unspecified 
'HIGH RESOLUTION SOLUTION NMR STRUCTURE OF THE OLIGOMERIZATION DOMAIN OF P53 BY MULTI- DIMENSIONAL NMR (SAD STRUCTURES)' 
PDB 1SAK unspecified 
'HIGH RESOLUTION SOLUTION NMR STRUCTURE OF THE OLIGOMERIZATION DOMAIN OF P53 BY MULTI- DIMENSIONAL NMR (SAC STRUCTURES)' 
PDB 1SAL unspecified 
'HIGH RESOLUTION SOLUTION NMR STRUCTURE OF THE OLIGOMERIZATION DOMAIN OF P53 BY MULTI- DIMENSIONAL NMR (SAD STRUCTURES)' 
PDB 1TSR unspecified 'P53 CORE DOMAIN IN COMPLEX WITH DEOXYRIBONUCLEIC ACID' 
PDB 1TUP unspecified 'TUMOR SUPPRESSOR P53 COMPLEXED WITH DEOXYRIBONUCLEIC ACID' 
PDB 1UOL unspecified 'CRYSTAL STRUCTURE OF THE HUMAN P53 CORE DOMAIN MUTANT M133L/V203A/N239Y/N268D AT 1 .9 A RESOLUTION.' 
PDB 1XQH unspecified 
'CRYSTAL STRUCTURE OF A TERNARY COMPLEX OF THEMETHYLTRANSFERASE SET9 (ALSO KNOWN AS SET7 /9) WITH A P53PEPTIDE AND SAH'  
PDB 1YCQ unspecified 'XENOPUS LAEVIS MDM2 BOUND TO THE TRANSACTIVATION DOMAIN OF HUMAN P53' 
PDB 1YCR unspecified 'MDM2 BOUND TO THE TRANSACTIVATION DOMAIN OF P53' 
PDB 1YCS unspecified 'P53-53BP2 COMPLEX' 
PDB 2BIM unspecified 'HUMAN P53 CORE DOMAIN MUTANT M133L-V203A- N239Y-N268D-R273H' 
PDB 2BIN unspecified 'HUMAN P53 CORE DOMAIN MUTANT M133L-H168R- V203A-N239Y-N268D' 
PDB 2BIO unspecified 'HUMAN P53 CORE DOMAIN MUTANT M133L-V203A- N239Y-R249S-N268D' 
PDB 2BIQ unspecified 'HUMAN P53 CORE DOMAIN MUTANT T123A-M133L- H168R-V203A-N239Y-R249S-N268D' 
PDB 3SAK unspecified 
'HIGH RESOLUTION SOLUTION NMR STRUCTURE OF THE OLIGOMERIZATION DOMAIN OF P53 BY MULTI- DIMENSIONAL NMR (SAC STRUCTURES)' 
# 
_pdbx_database_status.status_code                     REL 
_pdbx_database_status.entry_id                        2BIP 
_pdbx_database_status.deposit_site                    PDBE 
_pdbx_database_status.process_site                    PDBE 
_pdbx_database_status.SG_entry                        . 
_pdbx_database_status.recvd_initial_deposition_date   2005-01-25 
_pdbx_database_status.pdb_format_compatible           Y 
_pdbx_database_status.status_code_sf                  REL 
_pdbx_database_status.status_code_mr                  ? 
_pdbx_database_status.status_code_cs                  ? 
_pdbx_database_status.methods_development_category    ? 
_pdbx_database_status.status_code_nmr_data            ? 
# 
loop_
_audit_author.name 
_audit_author.pdbx_ordinal 
'Joerger, A.C.' 1 
'Fersht, A.R.'  2 
# 
loop_
_citation.id 
_citation.title 
_citation.journal_abbrev 
_citation.journal_volume 
_citation.page_first 
_citation.page_last 
_citation.year 
_citation.journal_id_ASTM 
_citation.country 
_citation.journal_id_ISSN 
_citation.journal_id_CSD 
_citation.book_publisher 
_citation.pdbx_database_id_PubMed 
_citation.pdbx_database_id_DOI 
primary 'Structures of P53 Cancer Mutants and Mechanism of Rescue by Second-Site Suppressor Mutations' J.Biol.Chem. 280 16030 ? 
2005 JBCHA3 US 0021-9258 0071 ? 15703170 10.1074/JBC.M500179200  
1       
'Crystal Structure of a Superstable Mutant of Human P53 Core Domain: Insights Into the Mechanism of Rescuing Oncogenic Mutations' 
J.Biol.Chem. 279 1291  ? 2004 JBCHA3 US 0021-9258 0071 ? 14534297 10.1074/JBC.M309732200  
2       'Crystal Structure of a P53 Tumor Suppressor-DNA Complex: Understanding Tumorigenic Mutations' Science      265 346   ? 
1994 SCIEAS US 0036-8075 0038 ? 8023157  10.1126/SCIENCE.8023157 
# 
loop_
_citation_author.citation_id 
_citation_author.name 
_citation_author.ordinal 
_citation_author.identifier_ORCID 
primary 'Joerger, A.C.'    1  ? 
primary 'Ang, H.C.'        2  ? 
primary 'Veprintsev, D.B.' 3  ? 
primary 'Blair, C.M.'      4  ? 
primary 'Fersht, A.R.'     5  ? 
1       'Joerger, A.C.'    6  ? 
1       'Allen, M.D.'      7  ? 
1       'Fersht, A.R.'     8  ? 
2       'Cho, Y.'          9  ? 
2       'Gorina, S.'       10 ? 
2       'Jeffrey, P.D.'    11 ? 
2       'Pavletich, N.P.'  12 ? 
# 
_cell.entry_id           2BIP 
_cell.length_a           45.403 
_cell.length_b           45.403 
_cell.length_c           331.385 
_cell.angle_alpha        90.00 
_cell.angle_beta         90.00 
_cell.angle_gamma        120.00 
_cell.Z_PDB              12 
_cell.pdbx_unique_axis   ? 
# 
_symmetry.entry_id                         2BIP 
_symmetry.space_group_name_H-M             'P 65 2 2' 
_symmetry.pdbx_full_space_group_name_H-M   ? 
_symmetry.cell_setting                     ? 
_symmetry.Int_Tables_number                179 
# 
loop_
_entity.id 
_entity.type 
_entity.src_method 
_entity.pdbx_description 
_entity.formula_weight 
_entity.pdbx_number_of_molecules 
_entity.pdbx_ec 
_entity.pdbx_mutation 
_entity.pdbx_fragment 
_entity.details 
1 polymer     man 'CELLULAR TUMOR ANTIGEN P53' 24539.775 1   ? YES 'DNA-BINDING (CORE) DOMAIN, RESIDUES 94-312' ? 
2 non-polymer syn 'ZINC ION'                   65.409    1   ? ?   ?                                            ? 
3 water       nat water                        18.015    112 ? ?   ?                                            ? 
# 
_entity_name_com.entity_id   1 
_entity_name_com.name        'TUMOR SUPPRESSOR P53, PHOSPHOPROTEIN P53, ANTIGEN NY-CO-13' 
# 
_entity_poly.entity_id                      1 
_entity_poly.type                           'polypeptide(L)' 
_entity_poly.nstd_linkage                   no 
_entity_poly.nstd_monomer                   no 
_entity_poly.pdbx_seq_one_letter_code       
;SSSVPSQKTYQGSYGFRLGFLHSGTAKSVTCTYSPALNKLFCQLAKTCPVQLWVDSTPPPGTRVRAMAIYKQSQRMTEVV
RRCPHHERCSDSDGLAPPQHLIRVEGNLRAEYLDDRNTFRHSVVVPYEPPEVGSDCTTIHYNYMCYSSCMGGMNRSPILT
IITLEDSSGNLLGRDSFEVRVCACPGRDRRTEEENLRKKGEPHHELPPGSTKRALPNNT
;
_entity_poly.pdbx_seq_one_letter_code_can   
;SSSVPSQKTYQGSYGFRLGFLHSGTAKSVTCTYSPALNKLFCQLAKTCPVQLWVDSTPPPGTRVRAMAIYKQSQRMTEVV
RRCPHHERCSDSDGLAPPQHLIRVEGNLRAEYLDDRNTFRHSVVVPYEPPEVGSDCTTIHYNYMCYSSCMGGMNRSPILT
IITLEDSSGNLLGRDSFEVRVCACPGRDRRTEEENLRKKGEPHHELPPGSTKRALPNNT
;
_entity_poly.pdbx_strand_id                 A 
_entity_poly.pdbx_target_identifier         ? 
# 
loop_
_entity_poly_seq.entity_id 
_entity_poly_seq.num 
_entity_poly_seq.mon_id 
_entity_poly_seq.hetero 
1 1   SER n 
1 2   SER n 
1 3   SER n 
1 4   VAL n 
1 5   PRO n 
1 6   SER n 
1 7   GLN n 
1 8   LYS n 
1 9   THR n 
1 10  TYR n 
1 11  GLN n 
1 12  GLY n 
1 13  SER n 
1 14  TYR n 
1 15  GLY n 
1 16  PHE n 
1 17  ARG n 
1 18  LEU n 
1 19  GLY n 
1 20  PHE n 
1 21  LEU n 
1 22  HIS n 
1 23  SER n 
1 24  GLY n 
1 25  THR n 
1 26  ALA n 
1 27  LYS n 
1 28  SER n 
1 29  VAL n 
1 30  THR n 
1 31  CYS n 
1 32  THR n 
1 33  TYR n 
1 34  SER n 
1 35  PRO n 
1 36  ALA n 
1 37  LEU n 
1 38  ASN n 
1 39  LYS n 
1 40  LEU n 
1 41  PHE n 
1 42  CYS n 
1 43  GLN n 
1 44  LEU n 
1 45  ALA n 
1 46  LYS n 
1 47  THR n 
1 48  CYS n 
1 49  PRO n 
1 50  VAL n 
1 51  GLN n 
1 52  LEU n 
1 53  TRP n 
1 54  VAL n 
1 55  ASP n 
1 56  SER n 
1 57  THR n 
1 58  PRO n 
1 59  PRO n 
1 60  PRO n 
1 61  GLY n 
1 62  THR n 
1 63  ARG n 
1 64  VAL n 
1 65  ARG n 
1 66  ALA n 
1 67  MET n 
1 68  ALA n 
1 69  ILE n 
1 70  TYR n 
1 71  LYS n 
1 72  GLN n 
1 73  SER n 
1 74  GLN n 
1 75  ARG n 
1 76  MET n 
1 77  THR n 
1 78  GLU n 
1 79  VAL n 
1 80  VAL n 
1 81  ARG n 
1 82  ARG n 
1 83  CYS n 
1 84  PRO n 
1 85  HIS n 
1 86  HIS n 
1 87  GLU n 
1 88  ARG n 
1 89  CYS n 
1 90  SER n 
1 91  ASP n 
1 92  SER n 
1 93  ASP n 
1 94  GLY n 
1 95  LEU n 
1 96  ALA n 
1 97  PRO n 
1 98  PRO n 
1 99  GLN n 
1 100 HIS n 
1 101 LEU n 
1 102 ILE n 
1 103 ARG n 
1 104 VAL n 
1 105 GLU n 
1 106 GLY n 
1 107 ASN n 
1 108 LEU n 
1 109 ARG n 
1 110 ALA n 
1 111 GLU n 
1 112 TYR n 
1 113 LEU n 
1 114 ASP n 
1 115 ASP n 
1 116 ARG n 
1 117 ASN n 
1 118 THR n 
1 119 PHE n 
1 120 ARG n 
1 121 HIS n 
1 122 SER n 
1 123 VAL n 
1 124 VAL n 
1 125 VAL n 
1 126 PRO n 
1 127 TYR n 
1 128 GLU n 
1 129 PRO n 
1 130 PRO n 
1 131 GLU n 
1 132 VAL n 
1 133 GLY n 
1 134 SER n 
1 135 ASP n 
1 136 CYS n 
1 137 THR n 
1 138 THR n 
1 139 ILE n 
1 140 HIS n 
1 141 TYR n 
1 142 ASN n 
1 143 TYR n 
1 144 MET n 
1 145 CYS n 
1 146 TYR n 
1 147 SER n 
1 148 SER n 
1 149 CYS n 
1 150 MET n 
1 151 GLY n 
1 152 GLY n 
1 153 MET n 
1 154 ASN n 
1 155 ARG n 
1 156 SER n 
1 157 PRO n 
1 158 ILE n 
1 159 LEU n 
1 160 THR n 
1 161 ILE n 
1 162 ILE n 
1 163 THR n 
1 164 LEU n 
1 165 GLU n 
1 166 ASP n 
1 167 SER n 
1 168 SER n 
1 169 GLY n 
1 170 ASN n 
1 171 LEU n 
1 172 LEU n 
1 173 GLY n 
1 174 ARG n 
1 175 ASP n 
1 176 SER n 
1 177 PHE n 
1 178 GLU n 
1 179 VAL n 
1 180 ARG n 
1 181 VAL n 
1 182 CYS n 
1 183 ALA n 
1 184 CYS n 
1 185 PRO n 
1 186 GLY n 
1 187 ARG n 
1 188 ASP n 
1 189 ARG n 
1 190 ARG n 
1 191 THR n 
1 192 GLU n 
1 193 GLU n 
1 194 GLU n 
1 195 ASN n 
1 196 LEU n 
1 197 ARG n 
1 198 LYS n 
1 199 LYS n 
1 200 GLY n 
1 201 GLU n 
1 202 PRO n 
1 203 HIS n 
1 204 HIS n 
1 205 GLU n 
1 206 LEU n 
1 207 PRO n 
1 208 PRO n 
1 209 GLY n 
1 210 SER n 
1 211 THR n 
1 212 LYS n 
1 213 ARG n 
1 214 ALA n 
1 215 LEU n 
1 216 PRO n 
1 217 ASN n 
1 218 ASN n 
1 219 THR n 
# 
_entity_src_gen.entity_id                          1 
_entity_src_gen.pdbx_src_id                        1 
_entity_src_gen.pdbx_alt_source_flag               sample 
_entity_src_gen.pdbx_seq_type                      ? 
_entity_src_gen.pdbx_beg_seq_num                   ? 
_entity_src_gen.pdbx_end_seq_num                   ? 
_entity_src_gen.gene_src_common_name               HUMAN 
_entity_src_gen.gene_src_genus                     ? 
_entity_src_gen.pdbx_gene_src_gene                 ? 
_entity_src_gen.gene_src_species                   ? 
_entity_src_gen.gene_src_strain                    ? 
_entity_src_gen.gene_src_tissue                    ? 
_entity_src_gen.gene_src_tissue_fraction           ? 
_entity_src_gen.gene_src_details                   ? 
_entity_src_gen.pdbx_gene_src_fragment             ? 
_entity_src_gen.pdbx_gene_src_scientific_name      'HOMO SAPIENS' 
_entity_src_gen.pdbx_gene_src_ncbi_taxonomy_id     9606 
_entity_src_gen.pdbx_gene_src_variant              ? 
_entity_src_gen.pdbx_gene_src_cell_line            ? 
_entity_src_gen.pdbx_gene_src_atcc                 ? 
_entity_src_gen.pdbx_gene_src_organ                ? 
_entity_src_gen.pdbx_gene_src_organelle            ? 
_entity_src_gen.pdbx_gene_src_cell                 ? 
_entity_src_gen.pdbx_gene_src_cellular_location    ? 
_entity_src_gen.host_org_common_name               ? 
_entity_src_gen.pdbx_host_org_scientific_name      'ESCHERICHIA COLI' 
_entity_src_gen.pdbx_host_org_ncbi_taxonomy_id     562 
_entity_src_gen.host_org_genus                     ? 
_entity_src_gen.pdbx_host_org_gene                 ? 
_entity_src_gen.pdbx_host_org_organ                ? 
_entity_src_gen.host_org_species                   ? 
_entity_src_gen.pdbx_host_org_tissue               ? 
_entity_src_gen.pdbx_host_org_tissue_fraction      ? 
_entity_src_gen.pdbx_host_org_strain               ? 
_entity_src_gen.pdbx_host_org_variant              ? 
_entity_src_gen.pdbx_host_org_cell_line            ? 
_entity_src_gen.pdbx_host_org_atcc                 ? 
_entity_src_gen.pdbx_host_org_culture_collection   ? 
_entity_src_gen.pdbx_host_org_cell                 ? 
_entity_src_gen.pdbx_host_org_organelle            ? 
_entity_src_gen.pdbx_host_org_cellular_location    ? 
_entity_src_gen.pdbx_host_org_vector_type          ? 
_entity_src_gen.pdbx_host_org_vector               ? 
_entity_src_gen.host_org_details                   ? 
_entity_src_gen.expression_system_id               ? 
_entity_src_gen.plasmid_name                       ? 
_entity_src_gen.plasmid_details                    ? 
_entity_src_gen.pdbx_description                   ? 
# 
_struct_ref.id                         1 
_struct_ref.db_name                    UNP 
_struct_ref.db_code                    P53_HUMAN 
_struct_ref.entity_id                  1 
_struct_ref.pdbx_seq_one_letter_code   ? 
_struct_ref.pdbx_align_begin           ? 
_struct_ref.pdbx_db_accession          P04637 
_struct_ref.pdbx_db_isoform            ? 
# 
_struct_ref_seq.align_id                      1 
_struct_ref_seq.ref_id                        1 
_struct_ref_seq.pdbx_PDB_id_code              2BIP 
_struct_ref_seq.pdbx_strand_id                A 
_struct_ref_seq.seq_align_beg                 1 
_struct_ref_seq.pdbx_seq_align_beg_ins_code   ? 
_struct_ref_seq.seq_align_end                 219 
_struct_ref_seq.pdbx_seq_align_end_ins_code   ? 
_struct_ref_seq.pdbx_db_accession             P04637 
_struct_ref_seq.db_align_beg                  94 
_struct_ref_seq.pdbx_db_align_beg_ins_code    ? 
_struct_ref_seq.db_align_end                  312 
_struct_ref_seq.pdbx_db_align_end_ins_code    ? 
_struct_ref_seq.pdbx_auth_seq_align_beg       94 
_struct_ref_seq.pdbx_auth_seq_align_end       312 
# 
loop_
_struct_ref_seq_dif.align_id 
_struct_ref_seq_dif.pdbx_pdb_id_code 
_struct_ref_seq_dif.mon_id 
_struct_ref_seq_dif.pdbx_pdb_strand_id 
_struct_ref_seq_dif.seq_num 
_struct_ref_seq_dif.pdbx_pdb_ins_code 
_struct_ref_seq_dif.pdbx_seq_db_name 
_struct_ref_seq_dif.pdbx_seq_db_accession_code 
_struct_ref_seq_dif.db_mon_id 
_struct_ref_seq_dif.pdbx_seq_db_seq_num 
_struct_ref_seq_dif.details 
_struct_ref_seq_dif.pdbx_auth_seq_num 
_struct_ref_seq_dif.pdbx_ordinal 
1 2BIP LEU A 40  ? PDB 2BIP MET 133 'engineered mutation' 133 1 
1 2BIP ARG A 75  ? PDB 2BIP HIS 168 'engineered mutation' 168 2 
1 2BIP ALA A 110 ? PDB 2BIP VAL 203 'engineered mutation' 203 3 
1 2BIP TYR A 146 ? PDB 2BIP ASN 239 'engineered mutation' 239 4 
1 2BIP SER A 156 ? PDB 2BIP ARG 249 'engineered mutation' 249 5 
1 2BIP ASP A 175 ? PDB 2BIP ASN 268 'engineered mutation' 268 6 
# 
loop_
_chem_comp.id 
_chem_comp.type 
_chem_comp.mon_nstd_flag 
_chem_comp.name 
_chem_comp.pdbx_synonyms 
_chem_comp.formula 
_chem_comp.formula_weight 
ALA 'L-peptide linking' y ALANINE         ? 'C3 H7 N O2'     89.093  
ARG 'L-peptide linking' y ARGININE        ? 'C6 H15 N4 O2 1' 175.209 
ASN 'L-peptide linking' y ASPARAGINE      ? 'C4 H8 N2 O3'    132.118 
ASP 'L-peptide linking' y 'ASPARTIC ACID' ? 'C4 H7 N O4'     133.103 
CYS 'L-peptide linking' y CYSTEINE        ? 'C3 H7 N O2 S'   121.158 
GLN 'L-peptide linking' y GLUTAMINE       ? 'C5 H10 N2 O3'   146.144 
GLU 'L-peptide linking' y 'GLUTAMIC ACID' ? 'C5 H9 N O4'     147.129 
GLY 'peptide linking'   y GLYCINE         ? 'C2 H5 N O2'     75.067  
HIS 'L-peptide linking' y HISTIDINE       ? 'C6 H10 N3 O2 1' 156.162 
HOH non-polymer         . WATER           ? 'H2 O'           18.015  
ILE 'L-peptide linking' y ISOLEUCINE      ? 'C6 H13 N O2'    131.173 
LEU 'L-peptide linking' y LEUCINE         ? 'C6 H13 N O2'    131.173 
LYS 'L-peptide linking' y LYSINE          ? 'C6 H15 N2 O2 1' 147.195 
MET 'L-peptide linking' y METHIONINE      ? 'C5 H11 N O2 S'  149.211 
PHE 'L-peptide linking' y PHENYLALANINE   ? 'C9 H11 N O2'    165.189 
PRO 'L-peptide linking' y PROLINE         ? 'C5 H9 N O2'     115.130 
SER 'L-peptide linking' y SERINE          ? 'C3 H7 N O3'     105.093 
THR 'L-peptide linking' y THREONINE       ? 'C4 H9 N O3'     119.119 
TRP 'L-peptide linking' y TRYPTOPHAN      ? 'C11 H12 N2 O2'  204.225 
TYR 'L-peptide linking' y TYROSINE        ? 'C9 H11 N O3'    181.189 
VAL 'L-peptide linking' y VALINE          ? 'C5 H11 N O2'    117.146 
ZN  non-polymer         . 'ZINC ION'      ? 'Zn 2'           65.409  
# 
_exptl.entry_id          2BIP 
_exptl.method            'X-RAY DIFFRACTION' 
_exptl.crystals_number   ? 
# 
_exptl_crystal.id                    1 
_exptl_crystal.density_meas          ? 
_exptl_crystal.density_Matthews      2.23 
_exptl_crystal.density_percent_sol   44.45 
_exptl_crystal.description           ? 
# 
_diffrn.id                     1 
_diffrn.ambient_temp           100.0 
_diffrn.ambient_temp_details   ? 
_diffrn.crystal_id             1 
# 
_diffrn_detector.diffrn_id              1 
_diffrn_detector.detector               CCD 
_diffrn_detector.type                   'ADSC CCD' 
_diffrn_detector.pdbx_collection_date   ? 
_diffrn_detector.details                ? 
# 
_diffrn_radiation.diffrn_id                        1 
_diffrn_radiation.wavelength_id                    1 
_diffrn_radiation.pdbx_monochromatic_or_laue_m_l   M 
_diffrn_radiation.monochromator                    ? 
_diffrn_radiation.pdbx_diffrn_protocol             'SINGLE WAVELENGTH' 
_diffrn_radiation.pdbx_scattering_type             x-ray 
# 
_diffrn_radiation_wavelength.id           1 
_diffrn_radiation_wavelength.wavelength   1.488 
_diffrn_radiation_wavelength.wt           1.0 
# 
_diffrn_source.diffrn_id                   1 
_diffrn_source.source                      SYNCHROTRON 
_diffrn_source.type                        'SRS BEAMLINE PX14.1' 
_diffrn_source.pdbx_synchrotron_site       SRS 
_diffrn_source.pdbx_synchrotron_beamline   PX14.1 
_diffrn_source.pdbx_wavelength             1.488 
_diffrn_source.pdbx_wavelength_list        ? 
# 
_reflns.pdbx_diffrn_id               1 
_reflns.pdbx_ordinal                 1 
_reflns.entry_id                     2BIP 
_reflns.observed_criterion_sigma_I   ? 
_reflns.observed_criterion_sigma_F   ? 
_reflns.d_resolution_low             39.300 
_reflns.d_resolution_high            1.800 
_reflns.number_obs                   19672 
_reflns.number_all                   ? 
_reflns.percent_possible_obs         98.4 
_reflns.pdbx_Rmerge_I_obs            0.07000 
_reflns.pdbx_Rsym_value              ? 
_reflns.pdbx_netI_over_sigmaI        21.4000 
_reflns.B_iso_Wilson_estimate        ? 
_reflns.pdbx_redundancy              7.000 
# 
_reflns_shell.pdbx_diffrn_id         1 
_reflns_shell.pdbx_ordinal           1 
_reflns_shell.d_res_high             1.80 
_reflns_shell.d_res_low              1.90 
_reflns_shell.percent_possible_all   97.2 
_reflns_shell.Rmerge_I_obs           0.18000 
_reflns_shell.pdbx_Rsym_value        ? 
_reflns_shell.meanI_over_sigI_obs    3.900 
_reflns_shell.pdbx_redundancy        3.00 
# 
_refine.pdbx_refine_id                           'X-RAY DIFFRACTION' 
_refine.entry_id                                 2BIP 
_refine.pdbx_diffrn_id                           1 
_refine.pdbx_TLS_residual_ADP_flag               ? 
_refine.ls_number_reflns_obs                     19672 
_refine.ls_number_reflns_all                     ? 
_refine.pdbx_ls_sigma_I                          ? 
_refine.pdbx_ls_sigma_F                          ? 
_refine.pdbx_data_cutoff_high_absF               ? 
_refine.pdbx_data_cutoff_low_absF                ? 
_refine.pdbx_data_cutoff_high_rms_absF           ? 
_refine.ls_d_res_low                             39.3 
_refine.ls_d_res_high                            1.80 
_refine.ls_percent_reflns_obs                    98.4 
_refine.ls_R_factor_obs                          0.217 
_refine.ls_R_factor_all                          ? 
_refine.ls_R_factor_R_work                       0.217 
_refine.ls_R_factor_R_free                       0.235 
_refine.ls_R_factor_R_free_error                 ? 
_refine.ls_R_factor_R_free_error_details         ? 
_refine.ls_percent_reflns_R_free                 5.0 
_refine.ls_number_reflns_R_free                  ? 
_refine.ls_number_parameters                     ? 
_refine.ls_number_restraints                     ? 
_refine.occupancy_min                            ? 
_refine.occupancy_max                            ? 
_refine.correlation_coeff_Fo_to_Fc               ? 
_refine.correlation_coeff_Fo_to_Fc_free          ? 
_refine.B_iso_mean                               ? 
_refine.aniso_B[1][1]                            ? 
_refine.aniso_B[2][2]                            ? 
_refine.aniso_B[3][3]                            ? 
_refine.aniso_B[1][2]                            ? 
_refine.aniso_B[1][3]                            ? 
_refine.aniso_B[2][3]                            ? 
_refine.solvent_model_details                    ? 
_refine.solvent_model_param_ksol                 ? 
_refine.solvent_model_param_bsol                 ? 
_refine.pdbx_solvent_vdw_probe_radii             ? 
_refine.pdbx_solvent_ion_probe_radii             ? 
_refine.pdbx_solvent_shrinkage_radii             ? 
_refine.pdbx_ls_cross_valid_method               THROUGHOUT 
_refine.details                                  ? 
_refine.pdbx_starting_model                      'PDB ENTRY 1UOL' 
_refine.pdbx_method_to_determine_struct          'MOLECULAR REPLACEMENT' 
_refine.pdbx_isotropic_thermal_model             ? 
_refine.pdbx_stereochemistry_target_values       ? 
_refine.pdbx_stereochem_target_val_spec_case     ? 
_refine.pdbx_R_Free_selection_details            RANDON 
_refine.pdbx_overall_ESU_R                       ? 
_refine.pdbx_overall_ESU_R_Free                  ? 
_refine.overall_SU_ML                            ? 
_refine.pdbx_overall_phase_error                 ? 
_refine.overall_SU_B                             ? 
_refine.overall_SU_R_Cruickshank_DPI             ? 
_refine.pdbx_overall_SU_R_free_Cruickshank_DPI   ? 
_refine.pdbx_overall_SU_R_Blow_DPI               ? 
_refine.pdbx_overall_SU_R_free_Blow_DPI          ? 
# 
_refine_hist.pdbx_refine_id                   'X-RAY DIFFRACTION' 
_refine_hist.cycle_id                         LAST 
_refine_hist.pdbx_number_atoms_protein        1465 
_refine_hist.pdbx_number_atoms_nucleic_acid   0 
_refine_hist.pdbx_number_atoms_ligand         1 
_refine_hist.number_atoms_solvent             112 
_refine_hist.number_atoms_total               1578 
_refine_hist.d_res_high                       1.80 
_refine_hist.d_res_low                        39.3 
# 
loop_
_refine_ls_restr.type 
_refine_ls_restr.dev_ideal 
_refine_ls_restr.dev_ideal_target 
_refine_ls_restr.weight 
_refine_ls_restr.number 
_refine_ls_restr.pdbx_refine_id 
_refine_ls_restr.pdbx_restraint_function 
c_bond_d                0.009 ? ? ? 'X-RAY DIFFRACTION' ? 
c_bond_d_na             ?     ? ? ? 'X-RAY DIFFRACTION' ? 
c_bond_d_prot           ?     ? ? ? 'X-RAY DIFFRACTION' ? 
c_angle_d               ?     ? ? ? 'X-RAY DIFFRACTION' ? 
c_angle_d_na            ?     ? ? ? 'X-RAY DIFFRACTION' ? 
c_angle_d_prot          ?     ? ? ? 'X-RAY DIFFRACTION' ? 
c_angle_deg             1.5   ? ? ? 'X-RAY DIFFRACTION' ? 
c_angle_deg_na          ?     ? ? ? 'X-RAY DIFFRACTION' ? 
c_angle_deg_prot        ?     ? ? ? 'X-RAY DIFFRACTION' ? 
c_dihedral_angle_d      ?     ? ? ? 'X-RAY DIFFRACTION' ? 
c_dihedral_angle_d_na   ?     ? ? ? 'X-RAY DIFFRACTION' ? 
c_dihedral_angle_d_prot ?     ? ? ? 'X-RAY DIFFRACTION' ? 
c_improper_angle_d      ?     ? ? ? 'X-RAY DIFFRACTION' ? 
c_improper_angle_d_na   ?     ? ? ? 'X-RAY DIFFRACTION' ? 
c_improper_angle_d_prot ?     ? ? ? 'X-RAY DIFFRACTION' ? 
c_mcbond_it             ?     ? ? ? 'X-RAY DIFFRACTION' ? 
c_mcangle_it            ?     ? ? ? 'X-RAY DIFFRACTION' ? 
c_scbond_it             ?     ? ? ? 'X-RAY DIFFRACTION' ? 
c_scangle_it            ?     ? ? ? 'X-RAY DIFFRACTION' ? 
# 
_struct.entry_id                  2BIP 
_struct.title                     'human p53 core domain mutant M133L-H168R-V203A-N239Y-R249S-N268D' 
_struct.pdbx_model_details        ? 
_struct.pdbx_CASP_flag            ? 
_struct.pdbx_model_type_details   ? 
# 
_struct_keywords.entry_id        2BIP 
_struct_keywords.pdbx_keywords   'DNA BINDING PROTEIN' 
_struct_keywords.text            
;ACTIVATOR, ANTI-ONCOGENE, APOPTOSIS, DISEASE MUTATION, DNA-BINDING, DNA-BINDING PROTEIN, LI-FRAUMENI SYNDROME, NUCLEAR PROTEIN, P53 DNA-BINDING DOMAIN, PHOSPHORYLATION, POLYMORPHISM, SECOND-SITE SUPPRESSOR MUTATION, SUPERSTABLE MUTANT, TRANSCRIPTION REGULATION, TUMOR SUPPRESSOR, TRANSFERASE, ACETYLATION, GLYCOPROTEIN METAL-BINDING, ZINC, DNA BINDING PROTEIN
;
# 
loop_
_struct_asym.id 
_struct_asym.pdbx_blank_PDB_chainid_flag 
_struct_asym.pdbx_modified 
_struct_asym.entity_id 
_struct_asym.details 
A N N 1 ? 
B N N 2 ? 
C N N 3 ? 
# 
_struct_biol.id   1 
# 
loop_
_struct_conf.conf_type_id 
_struct_conf.id 
_struct_conf.pdbx_PDB_helix_id 
_struct_conf.beg_label_comp_id 
_struct_conf.beg_label_asym_id 
_struct_conf.beg_label_seq_id 
_struct_conf.pdbx_beg_PDB_ins_code 
_struct_conf.end_label_comp_id 
_struct_conf.end_label_asym_id 
_struct_conf.end_label_seq_id 
_struct_conf.pdbx_end_PDB_ins_code 
_struct_conf.beg_auth_comp_id 
_struct_conf.beg_auth_asym_id 
_struct_conf.beg_auth_seq_id 
_struct_conf.end_auth_comp_id 
_struct_conf.end_auth_asym_id 
_struct_conf.end_auth_seq_id 
_struct_conf.pdbx_PDB_helix_class 
_struct_conf.details 
_struct_conf.pdbx_PDB_helix_length 
HELX_P HELX_P1 1 GLN A 72  ? MET A 76  ? GLN A 165 MET A 169 5 ? 5  
HELX_P HELX_P2 2 PRO A 84  ? ARG A 88  ? PRO A 177 ARG A 181 5 ? 5  
HELX_P HELX_P3 3 CYS A 184 ? ARG A 197 ? CYS A 277 ARG A 290 1 ? 14 
# 
_struct_conf_type.id          HELX_P 
_struct_conf_type.criteria    ? 
_struct_conf_type.reference   ? 
# 
loop_
_struct_conn.id 
_struct_conn.conn_type_id 
_struct_conn.pdbx_leaving_atom_flag 
_struct_conn.pdbx_PDB_id 
_struct_conn.ptnr1_label_asym_id 
_struct_conn.ptnr1_label_comp_id 
_struct_conn.ptnr1_label_seq_id 
_struct_conn.ptnr1_label_atom_id 
_struct_conn.pdbx_ptnr1_label_alt_id 
_struct_conn.pdbx_ptnr1_PDB_ins_code 
_struct_conn.pdbx_ptnr1_standard_comp_id 
_struct_conn.ptnr1_symmetry 
_struct_conn.ptnr2_label_asym_id 
_struct_conn.ptnr2_label_comp_id 
_struct_conn.ptnr2_label_seq_id 
_struct_conn.ptnr2_label_atom_id 
_struct_conn.pdbx_ptnr2_label_alt_id 
_struct_conn.pdbx_ptnr2_PDB_ins_code 
_struct_conn.ptnr1_auth_asym_id 
_struct_conn.ptnr1_auth_comp_id 
_struct_conn.ptnr1_auth_seq_id 
_struct_conn.ptnr2_auth_asym_id 
_struct_conn.ptnr2_auth_comp_id 
_struct_conn.ptnr2_auth_seq_id 
_struct_conn.ptnr2_symmetry 
_struct_conn.pdbx_ptnr3_label_atom_id 
_struct_conn.pdbx_ptnr3_label_seq_id 
_struct_conn.pdbx_ptnr3_label_comp_id 
_struct_conn.pdbx_ptnr3_label_asym_id 
_struct_conn.pdbx_ptnr3_label_alt_id 
_struct_conn.pdbx_ptnr3_PDB_ins_code 
_struct_conn.details 
_struct_conn.pdbx_dist_value 
_struct_conn.pdbx_value_order 
_struct_conn.pdbx_role 
metalc1 metalc ? ? A CYS 83  SG  ? ? ? 1_555 B ZN . ZN ? ? A CYS 176 A ZN 1291 1_555 ? ? ? ? ? ? ? 2.384 ? ? 
metalc2 metalc ? ? A HIS 86  ND1 ? ? ? 1_555 B ZN . ZN ? ? A HIS 179 A ZN 1291 1_555 ? ? ? ? ? ? ? 1.946 ? ? 
metalc3 metalc ? ? A CYS 145 SG  ? ? ? 1_555 B ZN . ZN ? ? A CYS 238 A ZN 1291 1_555 ? ? ? ? ? ? ? 2.363 ? ? 
metalc4 metalc ? ? A CYS 149 SG  ? ? ? 1_555 B ZN . ZN ? ? A CYS 242 A ZN 1291 1_555 ? ? ? ? ? ? ? 2.376 ? ? 
# 
_struct_conn_type.id          metalc 
_struct_conn_type.criteria    ? 
_struct_conn_type.reference   ? 
# 
loop_
_struct_sheet.id 
_struct_sheet.type 
_struct_sheet.number_strands 
_struct_sheet.details 
AA ? 4 ? 
AB ? 7 ? 
# 
loop_
_struct_sheet_order.sheet_id 
_struct_sheet_order.range_id_1 
_struct_sheet_order.range_id_2 
_struct_sheet_order.offset 
_struct_sheet_order.sense 
AA 1 2 ? anti-parallel 
AA 2 3 ? anti-parallel 
AA 3 4 ? anti-parallel 
AB 1 2 ? anti-parallel 
AB 2 3 ? parallel      
AB 3 4 ? anti-parallel 
AB 4 5 ? anti-parallel 
AB 5 6 ? anti-parallel 
AB 6 7 ? anti-parallel 
# 
loop_
_struct_sheet_range.sheet_id 
_struct_sheet_range.id 
_struct_sheet_range.beg_label_comp_id 
_struct_sheet_range.beg_label_asym_id 
_struct_sheet_range.beg_label_seq_id 
_struct_sheet_range.pdbx_beg_PDB_ins_code 
_struct_sheet_range.end_label_comp_id 
_struct_sheet_range.end_label_asym_id 
_struct_sheet_range.end_label_seq_id 
_struct_sheet_range.pdbx_end_PDB_ins_code 
_struct_sheet_range.beg_auth_comp_id 
_struct_sheet_range.beg_auth_asym_id 
_struct_sheet_range.beg_auth_seq_id 
_struct_sheet_range.end_auth_comp_id 
_struct_sheet_range.end_auth_asym_id 
_struct_sheet_range.end_auth_seq_id 
AA 1 ARG A 17  ? PHE A 20  ? ARG A 110 PHE A 113 
AA 2 CYS A 48  ? TRP A 53  ? CYS A 141 TRP A 146 
AA 3 THR A 137 ? TYR A 143 ? THR A 230 TYR A 236 
AA 4 ILE A 102 ? GLU A 105 ? ILE A 195 GLU A 198 
AB 1 CYS A 31  ? SER A 34  ? CYS A 124 SER A 127 
AB 2 LYS A 39  ? CYS A 42  ? LYS A 132 CYS A 135 
AB 3 LEU A 171 ? VAL A 181 ? LEU A 264 VAL A 274 
AB 4 ILE A 158 ? GLU A 165 ? ILE A 251 GLU A 258 
AB 5 ARG A 63  ? TYR A 70  ? ARG A 156 TYR A 163 
AB 6 HIS A 121 ? PRO A 126 ? HIS A 214 PRO A 219 
AB 7 GLU A 111 ? ASP A 114 ? GLU A 204 ASP A 207 
# 
loop_
_pdbx_struct_sheet_hbond.sheet_id 
_pdbx_struct_sheet_hbond.range_id_1 
_pdbx_struct_sheet_hbond.range_id_2 
_pdbx_struct_sheet_hbond.range_1_label_atom_id 
_pdbx_struct_sheet_hbond.range_1_label_comp_id 
_pdbx_struct_sheet_hbond.range_1_label_asym_id 
_pdbx_struct_sheet_hbond.range_1_label_seq_id 
_pdbx_struct_sheet_hbond.range_1_PDB_ins_code 
_pdbx_struct_sheet_hbond.range_1_auth_atom_id 
_pdbx_struct_sheet_hbond.range_1_auth_comp_id 
_pdbx_struct_sheet_hbond.range_1_auth_asym_id 
_pdbx_struct_sheet_hbond.range_1_auth_seq_id 
_pdbx_struct_sheet_hbond.range_2_label_atom_id 
_pdbx_struct_sheet_hbond.range_2_label_comp_id 
_pdbx_struct_sheet_hbond.range_2_label_asym_id 
_pdbx_struct_sheet_hbond.range_2_label_seq_id 
_pdbx_struct_sheet_hbond.range_2_PDB_ins_code 
_pdbx_struct_sheet_hbond.range_2_auth_atom_id 
_pdbx_struct_sheet_hbond.range_2_auth_comp_id 
_pdbx_struct_sheet_hbond.range_2_auth_asym_id 
_pdbx_struct_sheet_hbond.range_2_auth_seq_id 
AA 1 2 N GLY A 19  ? N GLY A 112 O GLN A 51  ? O GLN A 144 
AA 2 3 N LEU A 52  ? N LEU A 145 O THR A 137 ? O THR A 230 
AA 3 4 N ASN A 142 ? N ASN A 235 O ARG A 103 ? O ARG A 196 
AB 1 2 N SER A 34  ? N SER A 127 O LYS A 39  ? O LYS A 132 
AB 2 3 N LEU A 40  ? N LEU A 133 O GLU A 178 ? O GLU A 271 
AB 3 4 N VAL A 179 ? N VAL A 272 O ILE A 158 ? O ILE A 251 
AB 4 5 N GLU A 165 ? N GLU A 258 O ARG A 63  ? O ARG A 156 
AB 5 6 N ALA A 66  ? N ALA A 159 O VAL A 123 ? O VAL A 216 
AB 6 7 N VAL A 124 ? N VAL A 217 O GLU A 111 ? O GLU A 204 
# 
_struct_site.id                   AC1 
_struct_site.pdbx_evidence_code   Software 
_struct_site.pdbx_auth_asym_id    ? 
_struct_site.pdbx_auth_comp_id    ? 
_struct_site.pdbx_auth_seq_id     ? 
_struct_site.pdbx_auth_ins_code   ? 
_struct_site.pdbx_num_residues    4 
_struct_site.details              'BINDING SITE FOR RESIDUE ZN A1291' 
# 
loop_
_struct_site_gen.id 
_struct_site_gen.site_id 
_struct_site_gen.pdbx_num_res 
_struct_site_gen.label_comp_id 
_struct_site_gen.label_asym_id 
_struct_site_gen.label_seq_id 
_struct_site_gen.pdbx_auth_ins_code 
_struct_site_gen.auth_comp_id 
_struct_site_gen.auth_asym_id 
_struct_site_gen.auth_seq_id 
_struct_site_gen.label_atom_id 
_struct_site_gen.label_alt_id 
_struct_site_gen.symmetry 
_struct_site_gen.details 
1 AC1 4 CYS A 83  ? CYS A 176 . ? 1_555 ? 
2 AC1 4 HIS A 86  ? HIS A 179 . ? 1_555 ? 
3 AC1 4 CYS A 145 ? CYS A 238 . ? 1_555 ? 
4 AC1 4 CYS A 149 ? CYS A 242 . ? 1_555 ? 
# 
_atom_sites.entry_id                    2BIP 
_atom_sites.fract_transf_matrix[1][1]   0.01758828 
_atom_sites.fract_transf_matrix[1][2]   0.01836376 
_atom_sites.fract_transf_matrix[1][3]   -0.00047097 
_atom_sites.fract_transf_matrix[2][1]   0.01646463 
_atom_sites.fract_transf_matrix[2][2]   0.00233455 
_atom_sites.fract_transf_matrix[2][3]   0.01924194 
_atom_sites.fract_transf_matrix[3][1]   0.00190978 
_atom_sites.fract_transf_matrix[3][2]   -0.00186524 
_atom_sites.fract_transf_matrix[3][3]   -0.00140783 
_atom_sites.fract_transf_vector[1]      1.398215 
_atom_sites.fract_transf_vector[2]      -1.757865 
_atom_sites.fract_transf_vector[3]      -0.796654 
# 
loop_
_atom_type.symbol 
C  
N  
O  
S  
ZN 
# 
loop_
_atom_site.group_PDB 
_atom_site.id 
_atom_site.type_symbol 
_atom_site.label_atom_id 
_atom_site.label_alt_id 
_atom_site.label_comp_id 
_atom_site.label_asym_id 
_atom_site.label_entity_id 
_atom_site.label_seq_id 
_atom_site.pdbx_PDB_ins_code 
_atom_site.Cartn_x 
_atom_site.Cartn_y 
_atom_site.Cartn_z 
_atom_site.occupancy 
_atom_site.B_iso_or_equiv 
_atom_site.pdbx_formal_charge 
_atom_site.auth_seq_id 
_atom_site.auth_comp_id 
_atom_site.auth_asym_id 
_atom_site.auth_atom_id 
_atom_site.pdbx_PDB_model_num 
ATOM   1    N  N   . SER A 1 3   ? -19.251 3.103   -2.320  1.00 54.66 ? 96   SER A N   1 
ATOM   2    C  CA  . SER A 1 3   ? -18.500 4.014   -3.235  1.00 52.58 ? 96   SER A CA  1 
ATOM   3    C  C   . SER A 1 3   ? -17.130 3.423   -3.542  1.00 50.52 ? 96   SER A C   1 
ATOM   4    O  O   . SER A 1 3   ? -16.810 2.309   -3.109  1.00 49.47 ? 96   SER A O   1 
ATOM   5    C  CB  . SER A 1 3   ? -18.328 5.388   -2.580  1.00 51.34 ? 96   SER A CB  1 
ATOM   6    O  OG  . SER A 1 3   ? -17.698 5.262   -1.316  1.00 51.14 ? 96   SER A OG  1 
ATOM   7    N  N   . VAL A 1 4   ? -16.329 4.164   -4.300  1.00 43.92 ? 97   VAL A N   1 
ATOM   8    C  CA  . VAL A 1 4   ? -14.996 3.706   -4.638  1.00 37.76 ? 97   VAL A CA  1 
ATOM   9    C  C   . VAL A 1 4   ? -13.968 4.814   -4.414  1.00 36.52 ? 97   VAL A C   1 
ATOM   10   O  O   . VAL A 1 4   ? -14.067 5.896   -4.986  1.00 34.18 ? 97   VAL A O   1 
ATOM   11   C  CB  . VAL A 1 4   ? -14.912 3.237   -6.104  1.00 37.47 ? 97   VAL A CB  1 
ATOM   12   C  CG1 . VAL A 1 4   ? -13.492 2.705   -6.407  1.00 40.54 ? 97   VAL A CG1 1 
ATOM   13   C  CG2 . VAL A 1 4   ? -15.953 2.145   -6.365  1.00 42.43 ? 97   VAL A CG2 1 
ATOM   14   N  N   . PRO A 1 5   ? -12.966 4.554   -3.567  1.00 33.17 ? 98   PRO A N   1 
ATOM   15   C  CA  . PRO A 1 5   ? -11.932 5.551   -3.294  1.00 27.21 ? 98   PRO A CA  1 
ATOM   16   C  C   . PRO A 1 5   ? -11.296 6.023   -4.592  1.00 28.82 ? 98   PRO A C   1 
ATOM   17   O  O   . PRO A 1 5   ? -11.094 5.242   -5.519  1.00 26.96 ? 98   PRO A O   1 
ATOM   18   C  CB  . PRO A 1 5   ? -10.941 4.788   -2.423  1.00 31.12 ? 98   PRO A CB  1 
ATOM   19   C  CG  . PRO A 1 5   ? -11.827 3.832   -1.667  1.00 33.52 ? 98   PRO A CG  1 
ATOM   20   C  CD  . PRO A 1 5   ? -12.771 3.341   -2.752  1.00 33.15 ? 98   PRO A CD  1 
ATOM   21   N  N   . SER A 1 6   ? -10.977 7.305   -4.668  1.00 27.07 ? 99   SER A N   1 
ATOM   22   C  CA  . SER A 1 6   ? -10.361 7.822   -5.875  1.00 28.45 ? 99   SER A CA  1 
ATOM   23   C  C   . SER A 1 6   ? -8.946  7.298   -5.980  1.00 29.16 ? 99   SER A C   1 
ATOM   24   O  O   . SER A 1 6   ? -8.269  7.143   -4.972  1.00 26.90 ? 99   SER A O   1 
ATOM   25   C  CB  . SER A 1 6   ? -10.313 9.355   -5.845  1.00 33.72 ? 99   SER A CB  1 
ATOM   26   O  OG  . SER A 1 6   ? -9.416  9.841   -6.838  1.00 28.52 ? 99   SER A OG  1 
ATOM   27   N  N   . GLN A 1 7   ? -8.496  7.019   -7.199  1.00 24.67 ? 100  GLN A N   1 
ATOM   28   C  CA  . GLN A 1 7   ? -7.137  6.563   -7.382  1.00 25.45 ? 100  GLN A CA  1 
ATOM   29   C  C   . GLN A 1 7   ? -6.363  7.592   -8.208  1.00 25.88 ? 100  GLN A C   1 
ATOM   30   O  O   . GLN A 1 7   ? -5.221  7.358   -8.591  1.00 26.48 ? 100  GLN A O   1 
ATOM   31   C  CB  . GLN A 1 7   ? -7.104  5.185   -8.064  1.00 29.58 ? 100  GLN A CB  1 
ATOM   32   C  CG  . GLN A 1 7   ? -7.560  5.185   -9.502  1.00 35.46 ? 100  GLN A CG  1 
ATOM   33   C  CD  . GLN A 1 7   ? -7.655  3.778   -10.078 1.00 40.89 ? 100  GLN A CD  1 
ATOM   34   O  OE1 . GLN A 1 7   ? -8.573  3.015   -9.753  1.00 36.87 ? 100  GLN A OE1 1 
ATOM   35   N  NE2 . GLN A 1 7   ? -6.698  3.428   -10.931 1.00 37.12 ? 100  GLN A NE2 1 
ATOM   36   N  N   . LYS A 1 8   ? -6.973  8.755   -8.437  1.00 25.78 ? 101  LYS A N   1 
ATOM   37   C  CA  . LYS A 1 8   ? -6.332  9.822   -9.223  1.00 26.19 ? 101  LYS A CA  1 
ATOM   38   C  C   . LYS A 1 8   ? -5.012  10.297  -8.601  1.00 20.99 ? 101  LYS A C   1 
ATOM   39   O  O   . LYS A 1 8   ? -4.957  10.680  -7.431  1.00 22.88 ? 101  LYS A O   1 
ATOM   40   C  CB  . LYS A 1 8   ? -7.289  11.016  -9.337  1.00 26.37 ? 101  LYS A CB  1 
ATOM   41   C  CG  . LYS A 1 8   ? -6.726  12.220  -10.063 1.00 30.91 ? 101  LYS A CG  1 
ATOM   42   C  CD  . LYS A 1 8   ? -6.597  11.944  -11.548 1.00 32.36 ? 101  LYS A CD  1 
ATOM   43   C  CE  . LYS A 1 8   ? -6.104  13.176  -12.290 1.00 39.08 ? 101  LYS A CE  1 
ATOM   44   N  NZ  . LYS A 1 8   ? -6.241  12.958  -13.748 1.00 45.69 ? 101  LYS A NZ  1 
ATOM   45   N  N   . THR A 1 9   ? -3.938  10.276  -9.375  1.00 22.61 ? 102  THR A N   1 
ATOM   46   C  CA  . THR A 1 9   ? -2.665  10.770  -8.861  1.00 17.43 ? 102  THR A CA  1 
ATOM   47   C  C   . THR A 1 9   ? -2.794  12.284  -8.594  1.00 19.73 ? 102  THR A C   1 
ATOM   48   O  O   . THR A 1 9   ? -3.394  13.004  -9.398  1.00 18.10 ? 102  THR A O   1 
ATOM   49   C  CB  . THR A 1 9   ? -1.552  10.499  -9.868  1.00 23.43 ? 102  THR A CB  1 
ATOM   50   O  OG1 . THR A 1 9   ? -1.458  9.080   -10.067 1.00 30.62 ? 102  THR A OG1 1 
ATOM   51   C  CG2 . THR A 1 9   ? -0.214  11.032  -9.355  1.00 23.77 ? 102  THR A CG2 1 
ATOM   52   N  N   . TYR A 1 10  ? -2.245  12.745  -7.470  1.00 17.13 ? 103  TYR A N   1 
ATOM   53   C  CA  . TYR A 1 10  ? -2.319  14.152  -7.044  1.00 16.40 ? 103  TYR A CA  1 
ATOM   54   C  C   . TYR A 1 10  ? -1.065  14.524  -6.259  1.00 18.69 ? 103  TYR A C   1 
ATOM   55   O  O   . TYR A 1 10  ? -0.926  14.210  -5.081  1.00 17.56 ? 103  TYR A O   1 
ATOM   56   C  CB  . TYR A 1 10  ? -3.577  14.372  -6.158  1.00 15.27 ? 103  TYR A CB  1 
ATOM   57   C  CG  . TYR A 1 10  ? -3.720  15.735  -5.489  1.00 16.79 ? 103  TYR A CG  1 
ATOM   58   C  CD1 . TYR A 1 10  ? -3.750  16.918  -6.246  1.00 17.98 ? 103  TYR A CD1 1 
ATOM   59   C  CD2 . TYR A 1 10  ? -3.913  15.837  -4.107  1.00 16.38 ? 103  TYR A CD2 1 
ATOM   60   C  CE1 . TYR A 1 10  ? -3.981  18.161  -5.642  1.00 16.27 ? 103  TYR A CE1 1 
ATOM   61   C  CE2 . TYR A 1 10  ? -4.141  17.072  -3.488  1.00 18.36 ? 103  TYR A CE2 1 
ATOM   62   C  CZ  . TYR A 1 10  ? -4.177  18.230  -4.269  1.00 17.42 ? 103  TYR A CZ  1 
ATOM   63   O  OH  . TYR A 1 10  ? -4.402  19.442  -3.684  1.00 15.39 ? 103  TYR A OH  1 
ATOM   64   N  N   . GLN A 1 11  ? -0.126  15.197  -6.904  1.00 21.04 ? 104  GLN A N   1 
ATOM   65   C  CA  . GLN A 1 11  ? 1.087   15.558  -6.182  1.00 18.74 ? 104  GLN A CA  1 
ATOM   66   C  C   . GLN A 1 11  ? 0.857   16.631  -5.124  1.00 19.15 ? 104  GLN A C   1 
ATOM   67   O  O   . GLN A 1 11  ? 1.560   16.679  -4.110  1.00 22.96 ? 104  GLN A O   1 
ATOM   68   C  CB  . GLN A 1 11  ? 2.182   15.979  -7.180  1.00 24.18 ? 104  GLN A CB  1 
ATOM   69   C  CG  . GLN A 1 11  ? 2.656   14.811  -8.028  1.00 31.02 ? 104  GLN A CG  1 
ATOM   70   C  CD  . GLN A 1 11  ? 3.805   15.171  -8.933  1.00 36.77 ? 104  GLN A CD  1 
ATOM   71   O  OE1 . GLN A 1 11  ? 4.688   15.927  -8.550  1.00 43.38 ? 104  GLN A OE1 1 
ATOM   72   N  NE2 . GLN A 1 11  ? 3.803   14.623  -10.139 1.00 45.10 ? 104  GLN A NE2 1 
ATOM   73   N  N   . GLY A 1 12  ? -0.151  17.475  -5.338  1.00 20.86 ? 105  GLY A N   1 
ATOM   74   C  CA  . GLY A 1 12  ? -0.458  18.504  -4.357  1.00 20.94 ? 105  GLY A CA  1 
ATOM   75   C  C   . GLY A 1 12  ? 0.601   19.579  -4.149  1.00 23.79 ? 105  GLY A C   1 
ATOM   76   O  O   . GLY A 1 12  ? 1.584   19.654  -4.900  1.00 24.82 ? 105  GLY A O   1 
ATOM   77   N  N   . SER A 1 13  ? 0.401   20.381  -3.113  1.00 23.08 ? 106  SER A N   1 
ATOM   78   C  CA  . SER A 1 13  ? 1.285   21.511  -2.791  1.00 26.89 ? 106  SER A CA  1 
ATOM   79   C  C   . SER A 1 13  ? 2.685   21.097  -2.399  1.00 28.90 ? 106  SER A C   1 
ATOM   80   O  O   . SER A 1 13  ? 3.638   21.843  -2.649  1.00 25.99 ? 106  SER A O   1 
ATOM   81   C  CB  . SER A 1 13  ? 0.689   22.364  -1.661  1.00 30.08 ? 106  SER A CB  1 
ATOM   82   O  OG  . SER A 1 13  ? -0.558  22.898  -2.047  1.00 36.58 ? 106  SER A OG  1 
ATOM   83   N  N   . TYR A 1 14  ? 2.817   19.928  -1.773  1.00 24.05 ? 107  TYR A N   1 
ATOM   84   C  CA  . TYR A 1 14  ? 4.144   19.455  -1.357  1.00 21.53 ? 107  TYR A CA  1 
ATOM   85   C  C   . TYR A 1 14  ? 4.896   18.595  -2.391  1.00 22.58 ? 107  TYR A C   1 
ATOM   86   O  O   . TYR A 1 14  ? 6.005   18.149  -2.112  1.00 24.68 ? 107  TYR A O   1 
ATOM   87   C  CB  . TYR A 1 14  ? 4.030   18.708  0.000   1.00 22.14 ? 107  TYR A CB  1 
ATOM   88   C  CG  . TYR A 1 14  ? 3.420   19.551  1.096   1.00 20.98 ? 107  TYR A CG  1 
ATOM   89   C  CD1 . TYR A 1 14  ? 4.196   20.474  1.811   1.00 22.56 ? 107  TYR A CD1 1 
ATOM   90   C  CD2 . TYR A 1 14  ? 2.046   19.507  1.356   1.00 24.95 ? 107  TYR A CD2 1 
ATOM   91   C  CE1 . TYR A 1 14  ? 3.619   21.334  2.740   1.00 28.18 ? 107  TYR A CE1 1 
ATOM   92   C  CE2 . TYR A 1 14  ? 1.460   20.360  2.284   1.00 25.57 ? 107  TYR A CE2 1 
ATOM   93   C  CZ  . TYR A 1 14  ? 2.254   21.277  2.968   1.00 29.91 ? 107  TYR A CZ  1 
ATOM   94   O  OH  . TYR A 1 14  ? 1.676   22.151  3.848   1.00 30.41 ? 107  TYR A OH  1 
ATOM   95   N  N   . GLY A 1 15  ? 4.323   18.389  -3.585  1.00 20.03 ? 108  GLY A N   1 
ATOM   96   C  CA  . GLY A 1 15  ? 4.976   17.588  -4.620  1.00 22.54 ? 108  GLY A CA  1 
ATOM   97   C  C   . GLY A 1 15  ? 5.200   16.154  -4.167  1.00 26.71 ? 108  GLY A C   1 
ATOM   98   O  O   . GLY A 1 15  ? 6.288   15.605  -4.252  1.00 23.79 ? 108  GLY A O   1 
ATOM   99   N  N   . PHE A 1 16  ? 4.135   15.545  -3.678  1.00 22.53 ? 109  PHE A N   1 
ATOM   100  C  CA  . PHE A 1 16  ? 4.183   14.192  -3.147  1.00 17.95 ? 109  PHE A CA  1 
ATOM   101  C  C   . PHE A 1 16  ? 4.084   13.097  -4.208  1.00 18.43 ? 109  PHE A C   1 
ATOM   102  O  O   . PHE A 1 16  ? 3.217   13.147  -5.078  1.00 21.54 ? 109  PHE A O   1 
ATOM   103  C  CB  . PHE A 1 16  ? 3.025   14.048  -2.122  1.00 21.30 ? 109  PHE A CB  1 
ATOM   104  C  CG  . PHE A 1 16  ? 2.772   12.628  -1.658  1.00 25.80 ? 109  PHE A CG  1 
ATOM   105  C  CD1 . PHE A 1 16  ? 3.550   12.063  -0.656  1.00 24.83 ? 109  PHE A CD1 1 
ATOM   106  C  CD2 . PHE A 1 16  ? 1.754   11.865  -2.235  1.00 25.41 ? 109  PHE A CD2 1 
ATOM   107  C  CE1 . PHE A 1 16  ? 3.325   10.744  -0.222  1.00 25.95 ? 109  PHE A CE1 1 
ATOM   108  C  CE2 . PHE A 1 16  ? 1.513   10.543  -1.811  1.00 22.04 ? 109  PHE A CE2 1 
ATOM   109  C  CZ  . PHE A 1 16  ? 2.301   9.985   -0.807  1.00 19.60 ? 109  PHE A CZ  1 
ATOM   110  N  N   . ARG A 1 17  ? 5.001   12.123  -4.157  1.00 17.39 ? 110  ARG A N   1 
ATOM   111  C  CA  . ARG A 1 17  ? 4.951   10.966  -5.050  1.00 17.61 ? 110  ARG A CA  1 
ATOM   112  C  C   . ARG A 1 17  ? 5.737   9.801   -4.431  1.00 16.24 ? 110  ARG A C   1 
ATOM   113  O  O   . ARG A 1 17  ? 6.525   9.984   -3.511  1.00 21.22 ? 110  ARG A O   1 
ATOM   114  C  CB  . ARG A 1 17  ? 5.447   11.275  -6.485  1.00 26.23 ? 110  ARG A CB  1 
ATOM   115  C  CG  . ARG A 1 17  ? 6.929   11.523  -6.649  1.00 26.48 ? 110  ARG A CG  1 
ATOM   116  C  CD  . ARG A 1 17  ? 7.361   12.859  -6.088  1.00 25.37 ? 110  ARG A CD  1 
ATOM   117  N  NE  . ARG A 1 17  ? 8.773   13.103  -6.399  1.00 26.50 ? 110  ARG A NE  1 
ATOM   118  C  CZ  . ARG A 1 17  ? 9.501   14.081  -5.875  1.00 30.77 ? 110  ARG A CZ  1 
ATOM   119  N  NH1 . ARG A 1 17  ? 8.961   14.933  -5.004  1.00 29.26 ? 110  ARG A NH1 1 
ATOM   120  N  NH2 . ARG A 1 17  ? 10.785  14.199  -6.218  1.00 30.49 ? 110  ARG A NH2 1 
ATOM   121  N  N   . LEU A 1 18  ? 5.446   8.601   -4.892  1.00 15.69 ? 111  LEU A N   1 
ATOM   122  C  CA  . LEU A 1 18  ? 6.081   7.404   -4.356  1.00 20.31 ? 111  LEU A CA  1 
ATOM   123  C  C   . LEU A 1 18  ? 7.264   6.930   -5.169  1.00 24.66 ? 111  LEU A C   1 
ATOM   124  O  O   . LEU A 1 18  ? 7.304   7.110   -6.384  1.00 26.38 ? 111  LEU A O   1 
ATOM   125  C  CB  . LEU A 1 18  ? 5.076   6.259   -4.291  1.00 21.43 ? 111  LEU A CB  1 
ATOM   126  C  CG  . LEU A 1 18  ? 3.797   6.501   -3.464  1.00 16.04 ? 111  LEU A CG  1 
ATOM   127  C  CD1 . LEU A 1 18  ? 2.801   5.374   -3.732  1.00 19.09 ? 111  LEU A CD1 1 
ATOM   128  C  CD2 . LEU A 1 18  ? 4.139   6.615   -1.983  1.00 15.71 ? 111  LEU A CD2 1 
ATOM   129  N  N   . GLY A 1 19  ? 8.198   6.284   -4.478  1.00 23.36 ? 112  GLY A N   1 
ATOM   130  C  CA  . GLY A 1 19  ? 9.367   5.708   -5.120  1.00 26.30 ? 112  GLY A CA  1 
ATOM   131  C  C   . GLY A 1 19  ? 9.469   4.313   -4.525  1.00 30.07 ? 112  GLY A C   1 
ATOM   132  O  O   . GLY A 1 19  ? 8.916   4.081   -3.449  1.00 26.21 ? 112  GLY A O   1 
ATOM   133  N  N   . PHE A 1 20  ? 10.163  3.392   -5.192  1.00 26.41 ? 113  PHE A N   1 
ATOM   134  C  CA  . PHE A 1 20  ? 10.281  2.014   -4.709  1.00 29.69 ? 113  PHE A CA  1 
ATOM   135  C  C   . PHE A 1 20  ? 11.700  1.484   -4.853  1.00 36.38 ? 113  PHE A C   1 
ATOM   136  O  O   . PHE A 1 20  ? 12.486  2.019   -5.628  1.00 37.29 ? 113  PHE A O   1 
ATOM   137  C  CB  . PHE A 1 20  ? 9.365   1.103   -5.516  1.00 27.97 ? 113  PHE A CB  1 
ATOM   138  C  CG  . PHE A 1 20  ? 7.941   1.549   -5.533  1.00 25.18 ? 113  PHE A CG  1 
ATOM   139  C  CD1 . PHE A 1 20  ? 7.532   2.558   -6.403  1.00 23.56 ? 113  PHE A CD1 1 
ATOM   140  C  CD2 . PHE A 1 20  ? 7.019   0.991   -4.651  1.00 25.78 ? 113  PHE A CD2 1 
ATOM   141  C  CE1 . PHE A 1 20  ? 6.213   3.012   -6.398  1.00 30.85 ? 113  PHE A CE1 1 
ATOM   142  C  CE2 . PHE A 1 20  ? 5.702   1.435   -4.638  1.00 25.06 ? 113  PHE A CE2 1 
ATOM   143  C  CZ  . PHE A 1 20  ? 5.296   2.445   -5.507  1.00 27.82 ? 113  PHE A CZ  1 
ATOM   144  N  N   . LEU A 1 21  ? 12.008  0.420   -4.113  1.00 42.68 ? 114  LEU A N   1 
ATOM   145  C  CA  . LEU A 1 21  ? 13.331  -0.196  -4.175  1.00 50.01 ? 114  LEU A CA  1 
ATOM   146  C  C   . LEU A 1 21  ? 13.304  -1.504  -4.961  1.00 52.78 ? 114  LEU A C   1 
ATOM   147  O  O   . LEU A 1 21  ? 13.313  -2.590  -4.376  1.00 57.81 ? 114  LEU A O   1 
ATOM   148  C  CB  . LEU A 1 21  ? 13.870  -0.463  -2.771  1.00 47.27 ? 114  LEU A CB  1 
ATOM   149  C  CG  . LEU A 1 21  ? 14.334  0.754   -1.979  1.00 48.82 ? 114  LEU A CG  1 
ATOM   150  C  CD1 . LEU A 1 21  ? 15.080  0.281   -0.749  1.00 49.49 ? 114  LEU A CD1 1 
ATOM   151  C  CD2 . LEU A 1 21  ? 15.238  1.620   -2.843  1.00 42.90 ? 114  LEU A CD2 1 
ATOM   152  N  N   . SER A 1 28  ? 16.998  -14.984 -3.316  1.00 55.43 ? 121  SER A N   1 
ATOM   153  C  CA  . SER A 1 28  ? 15.662  -14.834 -3.886  1.00 55.06 ? 121  SER A CA  1 
ATOM   154  C  C   . SER A 1 28  ? 15.188  -13.385 -3.792  1.00 51.22 ? 121  SER A C   1 
ATOM   155  O  O   . SER A 1 28  ? 15.896  -12.521 -3.268  1.00 52.33 ? 121  SER A O   1 
ATOM   156  C  CB  . SER A 1 28  ? 14.670  -15.738 -3.157  1.00 57.23 ? 121  SER A CB  1 
ATOM   157  O  OG  . SER A 1 28  ? 14.621  -15.410 -1.780  1.00 62.19 ? 121  SER A OG  1 
ATOM   158  N  N   . VAL A 1 29  ? 13.988  -13.129 -4.303  1.00 45.49 ? 122  VAL A N   1 
ATOM   159  C  CA  . VAL A 1 29  ? 13.410  -11.790 -4.289  1.00 41.66 ? 122  VAL A CA  1 
ATOM   160  C  C   . VAL A 1 29  ? 12.158  -11.749 -3.420  1.00 37.72 ? 122  VAL A C   1 
ATOM   161  O  O   . VAL A 1 29  ? 11.202  -12.484 -3.660  1.00 41.10 ? 122  VAL A O   1 
ATOM   162  C  CB  . VAL A 1 29  ? 13.048  -11.335 -5.733  1.00 44.54 ? 122  VAL A CB  1 
ATOM   163  C  CG1 . VAL A 1 29  ? 12.243  -12.419 -6.424  1.00 49.91 ? 122  VAL A CG1 1 
ATOM   164  C  CG2 . VAL A 1 29  ? 12.255  -10.033 -5.706  1.00 41.35 ? 122  VAL A CG2 1 
ATOM   165  N  N   . THR A 1 30  ? 12.166  -10.883 -2.413  1.00 34.12 ? 123  THR A N   1 
ATOM   166  C  CA  . THR A 1 30  ? 11.018  -10.743 -1.524  1.00 32.68 ? 123  THR A CA  1 
ATOM   167  C  C   . THR A 1 30  ? 10.068  -9.634  -1.978  1.00 34.23 ? 123  THR A C   1 
ATOM   168  O  O   . THR A 1 30  ? 8.864   -9.697  -1.711  1.00 30.04 ? 123  THR A O   1 
ATOM   169  C  CB  . THR A 1 30  ? 11.458  -10.417 -0.080  1.00 28.91 ? 123  THR A CB  1 
ATOM   170  O  OG1 . THR A 1 30  ? 12.464  -9.396  -0.108  1.00 33.10 ? 123  THR A OG1 1 
ATOM   171  C  CG2 . THR A 1 30  ? 12.009  -11.660 0.611   1.00 36.36 ? 123  THR A CG2 1 
ATOM   172  N  N   . CYS A 1 31  ? 10.619  -8.621  -2.651  1.00 31.49 ? 124  CYS A N   1 
ATOM   173  C  CA  . CYS A 1 31  ? 9.842   -7.478  -3.133  1.00 28.16 ? 124  CYS A CA  1 
ATOM   174  C  C   . CYS A 1 31  ? 10.531  -6.825  -4.341  1.00 30.04 ? 124  CYS A C   1 
ATOM   175  O  O   . CYS A 1 31  ? 11.734  -6.544  -4.309  1.00 27.08 ? 124  CYS A O   1 
ATOM   176  C  CB  . CYS A 1 31  ? 9.714   -6.444  -2.016  1.00 34.80 ? 124  CYS A CB  1 
ATOM   177  S  SG  . CYS A 1 31  ? 8.664   -5.047  -2.436  1.00 38.92 ? 124  CYS A SG  1 
ATOM   178  N  N   . THR A 1 32  ? 9.770   -6.589  -5.398  1.00 24.16 ? 125  THR A N   1 
ATOM   179  C  CA  . THR A 1 32  ? 10.312  -5.965  -6.599  1.00 23.47 ? 125  THR A CA  1 
ATOM   180  C  C   . THR A 1 32  ? 9.248   -5.123  -7.318  1.00 23.82 ? 125  THR A C   1 
ATOM   181  O  O   . THR A 1 32  ? 8.092   -5.531  -7.479  1.00 24.98 ? 125  THR A O   1 
ATOM   182  C  CB  . THR A 1 32  ? 10.921  -7.041  -7.568  1.00 27.68 ? 125  THR A CB  1 
ATOM   183  O  OG1 . THR A 1 32  ? 11.511  -6.381  -8.693  1.00 27.75 ? 125  THR A OG1 1 
ATOM   184  C  CG2 . THR A 1 32  ? 9.854   -8.013  -8.078  1.00 25.68 ? 125  THR A CG2 1 
ATOM   185  N  N   . TYR A 1 33  ? 9.657   -3.947  -7.772  1.00 24.49 ? 126  TYR A N   1 
ATOM   186  C  CA  . TYR A 1 33  ? 8.749   -3.018  -8.437  1.00 23.25 ? 126  TYR A CA  1 
ATOM   187  C  C   . TYR A 1 33  ? 8.995   -2.809  -9.927  1.00 25.02 ? 126  TYR A C   1 
ATOM   188  O  O   . TYR A 1 33  ? 10.138  -2.629  -10.357 1.00 26.57 ? 126  TYR A O   1 
ATOM   189  C  CB  . TYR A 1 33  ? 8.844   -1.657  -7.749  1.00 21.97 ? 126  TYR A CB  1 
ATOM   190  C  CG  . TYR A 1 33  ? 8.015   -0.595  -8.421  1.00 24.79 ? 126  TYR A CG  1 
ATOM   191  C  CD1 . TYR A 1 33  ? 6.629   -0.546  -8.248  1.00 22.15 ? 126  TYR A CD1 1 
ATOM   192  C  CD2 . TYR A 1 33  ? 8.614   0.375   -9.224  1.00 24.18 ? 126  TYR A CD2 1 
ATOM   193  C  CE1 . TYR A 1 33  ? 5.862   0.454   -8.861  1.00 25.07 ? 126  TYR A CE1 1 
ATOM   194  C  CE2 . TYR A 1 33  ? 7.853   1.380   -9.844  1.00 29.53 ? 126  TYR A CE2 1 
ATOM   195  C  CZ  . TYR A 1 33  ? 6.480   1.416   -9.657  1.00 25.43 ? 126  TYR A CZ  1 
ATOM   196  O  OH  . TYR A 1 33  ? 5.738   2.425   -10.230 1.00 25.61 ? 126  TYR A OH  1 
ATOM   197  N  N   . SER A 1 34  ? 7.920   -2.818  -10.704 1.00 24.13 ? 127  SER A N   1 
ATOM   198  C  CA  . SER A 1 34  ? 8.012   -2.605  -12.140 1.00 26.30 ? 127  SER A CA  1 
ATOM   199  C  C   . SER A 1 34  ? 7.487   -1.235  -12.555 1.00 25.80 ? 127  SER A C   1 
ATOM   200  O  O   . SER A 1 34  ? 6.277   -0.999  -12.578 1.00 23.54 ? 127  SER A O   1 
ATOM   201  C  CB  . SER A 1 34  ? 7.231   -3.673  -12.889 1.00 26.70 ? 127  SER A CB  1 
ATOM   202  O  OG  . SER A 1 34  ? 7.110   -3.335  -14.258 1.00 27.21 ? 127  SER A OG  1 
ATOM   203  N  N   . PRO A 1 35  ? 8.396   -0.315  -12.905 1.00 28.70 ? 128  PRO A N   1 
ATOM   204  C  CA  . PRO A 1 35  ? 7.976   1.028   -13.321 1.00 26.79 ? 128  PRO A CA  1 
ATOM   205  C  C   . PRO A 1 35  ? 7.070   0.969   -14.548 1.00 27.18 ? 128  PRO A C   1 
ATOM   206  O  O   . PRO A 1 35  ? 6.089   1.701   -14.654 1.00 28.98 ? 128  PRO A O   1 
ATOM   207  C  CB  . PRO A 1 35  ? 9.308   1.735   -13.590 1.00 25.10 ? 128  PRO A CB  1 
ATOM   208  C  CG  . PRO A 1 35  ? 10.251  1.062   -12.636 1.00 26.39 ? 128  PRO A CG  1 
ATOM   209  C  CD  . PRO A 1 35  ? 9.862   -0.399  -12.778 1.00 28.14 ? 128  PRO A CD  1 
ATOM   210  N  N   . ALA A 1 36  ? 7.384   0.070   -15.476 1.00 30.21 ? 129  ALA A N   1 
ATOM   211  C  CA  . ALA A 1 36  ? 6.590   -0.061  -16.683 1.00 27.96 ? 129  ALA A CA  1 
ATOM   212  C  C   . ALA A 1 36  ? 5.143   -0.442  -16.371 1.00 28.94 ? 129  ALA A C   1 
ATOM   213  O  O   . ALA A 1 36  ? 4.212   0.029   -17.015 1.00 27.09 ? 129  ALA A O   1 
ATOM   214  C  CB  . ALA A 1 36  ? 7.223   -1.100  -17.615 1.00 29.64 ? 129  ALA A CB  1 
ATOM   215  N  N   . LEU A 1 37  ? 4.955   -1.297  -15.374 1.00 23.98 ? 130  LEU A N   1 
ATOM   216  C  CA  . LEU A 1 37  ? 3.609   -1.731  -15.007 1.00 23.29 ? 130  LEU A CA  1 
ATOM   217  C  C   . LEU A 1 37  ? 3.001   -0.941  -13.832 1.00 21.40 ? 130  LEU A C   1 
ATOM   218  O  O   . LEU A 1 37  ? 1.782   -1.033  -13.599 1.00 25.36 ? 130  LEU A O   1 
ATOM   219  C  CB  . LEU A 1 37  ? 3.667   -3.218  -14.630 1.00 23.49 ? 130  LEU A CB  1 
ATOM   220  C  CG  . LEU A 1 37  ? 4.090   -4.175  -15.744 1.00 24.75 ? 130  LEU A CG  1 
ATOM   221  C  CD1 . LEU A 1 37  ? 4.498   -5.521  -15.148 1.00 26.59 ? 130  LEU A CD1 1 
ATOM   222  C  CD2 . LEU A 1 37  ? 2.924   -4.340  -16.727 1.00 31.70 ? 130  LEU A CD2 1 
ATOM   223  N  N   . ASN A 1 38  ? 3.843   -0.153  -13.157 1.00 24.02 ? 131  ASN A N   1 
ATOM   224  C  CA  . ASN A 1 38  ? 3.509   0.608   -11.943 1.00 22.34 ? 131  ASN A CA  1 
ATOM   225  C  C   . ASN A 1 38  ? 2.909   -0.458  -11.046 1.00 25.31 ? 131  ASN A C   1 
ATOM   226  O  O   . ASN A 1 38  ? 1.819   -0.282  -10.498 1.00 20.98 ? 131  ASN A O   1 
ATOM   227  C  CB  . ASN A 1 38  ? 2.466   1.721   -12.171 1.00 22.06 ? 131  ASN A CB  1 
ATOM   228  C  CG  . ASN A 1 38  ? 2.125   2.480   -10.867 1.00 19.40 ? 131  ASN A CG  1 
ATOM   229  O  OD1 . ASN A 1 38  ? 1.017   3.029   -10.722 1.00 29.91 ? 131  ASN A OD1 1 
ATOM   230  N  ND2 . ASN A 1 38  ? 3.065   2.516   -9.930  1.00 18.10 ? 131  ASN A ND2 1 
ATOM   231  N  N   . LYS A 1 39  ? 3.650   -1.556  -10.900 1.00 24.83 ? 132  LYS A N   1 
ATOM   232  C  CA  . LYS A 1 39  ? 3.184   -2.701  -10.121 1.00 25.65 ? 132  LYS A CA  1 
ATOM   233  C  C   . LYS A 1 39  ? 4.265   -3.284  -9.233  1.00 23.04 ? 132  LYS A C   1 
ATOM   234  O  O   . LYS A 1 39  ? 5.395   -3.510  -9.665  1.00 23.09 ? 132  LYS A O   1 
ATOM   235  C  CB  . LYS A 1 39  ? 2.647   -3.766  -11.082 1.00 25.69 ? 132  LYS A CB  1 
ATOM   236  C  CG  . LYS A 1 39  ? 2.061   -5.015  -10.412 1.00 22.47 ? 132  LYS A CG  1 
ATOM   237  C  CD  . LYS A 1 39  ? 1.241   -5.809  -11.381 1.00 24.96 ? 132  LYS A CD  1 
ATOM   238  C  CE  . LYS A 1 39  ? 0.740   -7.099  -10.757 1.00 24.79 ? 132  LYS A CE  1 
ATOM   239  N  NZ  . LYS A 1 39  ? -0.306  -7.717  -11.638 1.00 23.75 ? 132  LYS A NZ  1 
ATOM   240  N  N   . LEU A 1 40  ? 3.900   -3.530  -7.976  1.00 19.73 ? 133  LEU A N   1 
ATOM   241  C  CA  . LEU A 1 40  ? 4.805   -4.077  -6.985  1.00 19.17 ? 133  LEU A CA  1 
ATOM   242  C  C   . LEU A 1 40  ? 4.508   -5.563  -6.809  1.00 22.49 ? 133  LEU A C   1 
ATOM   243  O  O   . LEU A 1 40  ? 3.344   -5.950  -6.665  1.00 22.81 ? 133  LEU A O   1 
ATOM   244  C  CB  . LEU A 1 40  ? 4.595   -3.344  -5.657  1.00 22.66 ? 133  LEU A CB  1 
ATOM   245  C  CG  . LEU A 1 40  ? 5.482   -3.813  -4.505  1.00 21.54 ? 133  LEU A CG  1 
ATOM   246  C  CD1 . LEU A 1 40  ? 6.950   -3.525  -4.829  1.00 27.05 ? 133  LEU A CD1 1 
ATOM   247  C  CD2 . LEU A 1 40  ? 5.078   -3.067  -3.231  1.00 29.30 ? 133  LEU A CD2 1 
ATOM   248  N  N   . PHE A 1 41  ? 5.557   -6.386  -6.840  1.00 21.38 ? 134  PHE A N   1 
ATOM   249  C  CA  . PHE A 1 41  ? 5.432   -7.838  -6.681  1.00 21.70 ? 134  PHE A CA  1 
ATOM   250  C  C   . PHE A 1 41  ? 6.098   -8.204  -5.375  1.00 24.41 ? 134  PHE A C   1 
ATOM   251  O  O   . PHE A 1 41  ? 7.263   -7.872  -5.158  1.00 20.58 ? 134  PHE A O   1 
ATOM   252  C  CB  . PHE A 1 41  ? 6.122   -8.573  -7.842  1.00 23.44 ? 134  PHE A CB  1 
ATOM   253  C  CG  . PHE A 1 41  ? 5.513   -8.292  -9.175  1.00 23.51 ? 134  PHE A CG  1 
ATOM   254  C  CD1 . PHE A 1 41  ? 5.797   -7.109  -9.849  1.00 22.67 ? 134  PHE A CD1 1 
ATOM   255  C  CD2 . PHE A 1 41  ? 4.626   -9.195  -9.755  1.00 19.98 ? 134  PHE A CD2 1 
ATOM   256  C  CE1 . PHE A 1 41  ? 5.202   -6.840  -11.079 1.00 18.88 ? 134  PHE A CE1 1 
ATOM   257  C  CE2 . PHE A 1 41  ? 4.028   -8.933  -10.988 1.00 23.77 ? 134  PHE A CE2 1 
ATOM   258  C  CZ  . PHE A 1 41  ? 4.323   -7.743  -11.654 1.00 26.44 ? 134  PHE A CZ  1 
ATOM   259  N  N   . CYS A 1 42  ? 5.380   -8.876  -4.475  1.00 19.60 ? 135  CYS A N   1 
ATOM   260  C  CA  . CYS A 1 42  ? 6.006   -9.205  -3.198  1.00 19.36 ? 135  CYS A CA  1 
ATOM   261  C  C   . CYS A 1 42  ? 5.554   -10.522 -2.594  1.00 18.35 ? 135  CYS A C   1 
ATOM   262  O  O   . CYS A 1 42  ? 4.473   -11.025 -2.906  1.00 20.63 ? 135  CYS A O   1 
ATOM   263  C  CB  . CYS A 1 42  ? 5.706   -8.105  -2.186  1.00 18.26 ? 135  CYS A CB  1 
ATOM   264  S  SG  . CYS A 1 42  ? 3.908   -7.951  -1.862  1.00 25.38 ? 135  CYS A SG  1 
ATOM   265  N  N   . GLN A 1 43  ? 6.386   -11.054 -1.703  1.00 21.86 ? 136  GLN A N   1 
ATOM   266  C  CA  . GLN A 1 43  ? 6.037   -12.287 -1.014  1.00 24.83 ? 136  GLN A CA  1 
ATOM   267  C  C   . GLN A 1 43  ? 5.157   -11.996 0.205   1.00 22.57 ? 136  GLN A C   1 
ATOM   268  O  O   . GLN A 1 43  ? 5.147   -10.887 0.736   1.00 23.17 ? 136  GLN A O   1 
ATOM   269  C  CB  . GLN A 1 43  ? 7.293   -13.027 -0.564  1.00 24.33 ? 136  GLN A CB  1 
ATOM   270  C  CG  . GLN A 1 43  ? 8.025   -13.660 -1.705  1.00 26.65 ? 136  GLN A CG  1 
ATOM   271  C  CD  . GLN A 1 43  ? 9.163   -14.544 -1.221  1.00 36.28 ? 136  GLN A CD  1 
ATOM   272  O  OE1 . GLN A 1 43  ? 9.845   -14.220 -0.238  1.00 35.77 ? 136  GLN A OE1 1 
ATOM   273  N  NE2 . GLN A 1 43  ? 9.375   -15.663 -1.909  1.00 39.75 ? 136  GLN A NE2 1 
ATOM   274  N  N   . LEU A 1 44  ? 4.433   -13.020 0.634   1.00 24.62 ? 137  LEU A N   1 
ATOM   275  C  CA  . LEU A 1 44  ? 3.541   -12.931 1.788   1.00 22.38 ? 137  LEU A CA  1 
ATOM   276  C  C   . LEU A 1 44  ? 4.231   -12.500 3.068   1.00 22.36 ? 137  LEU A C   1 
ATOM   277  O  O   . LEU A 1 44  ? 5.206   -13.119 3.495   1.00 23.53 ? 137  LEU A O   1 
ATOM   278  C  CB  . LEU A 1 44  ? 2.889   -14.297 2.014   1.00 24.58 ? 137  LEU A CB  1 
ATOM   279  C  CG  . LEU A 1 44  ? 1.858   -14.368 3.141   1.00 29.14 ? 137  LEU A CG  1 
ATOM   280  C  CD1 . LEU A 1 44  ? 0.681   -13.521 2.761   1.00 27.10 ? 137  LEU A CD1 1 
ATOM   281  C  CD2 . LEU A 1 44  ? 1.393   -15.819 3.331   1.00 32.54 ? 137  LEU A CD2 1 
ATOM   282  N  N   . ALA A 1 45  ? 3.711   -11.436 3.678   1.00 21.67 ? 138  ALA A N   1 
ATOM   283  C  CA  . ALA A 1 45  ? 4.198   -10.885 4.934   1.00 22.19 ? 138  ALA A CA  1 
ATOM   284  C  C   . ALA A 1 45  ? 5.624   -10.349 4.963   1.00 25.24 ? 138  ALA A C   1 
ATOM   285  O  O   . ALA A 1 45  ? 6.115   -9.980  6.028   1.00 33.30 ? 138  ALA A O   1 
ATOM   286  C  CB  . ALA A 1 45  ? 3.997   -11.929 6.068   1.00 28.53 ? 138  ALA A CB  1 
ATOM   287  N  N   . LYS A 1 46  ? 6.288   -10.284 3.810   1.00 22.70 ? 139  LYS A N   1 
ATOM   288  C  CA  . LYS A 1 46  ? 7.660   -9.784  3.758   1.00 24.02 ? 139  LYS A CA  1 
ATOM   289  C  C   . LYS A 1 46  ? 7.719   -8.260  3.653   1.00 23.69 ? 139  LYS A C   1 
ATOM   290  O  O   . LYS A 1 46  ? 6.761   -7.609  3.190   1.00 22.59 ? 139  LYS A O   1 
ATOM   291  C  CB  . LYS A 1 46  ? 8.390   -10.400 2.559   1.00 25.77 ? 139  LYS A CB  1 
ATOM   292  C  CG  . LYS A 1 46  ? 8.347   -11.929 2.541   1.00 34.26 ? 139  LYS A CG  1 
ATOM   293  C  CD  . LYS A 1 46  ? 9.073   -12.498 3.737   1.00 39.00 ? 139  LYS A CD  1 
ATOM   294  C  CE  . LYS A 1 46  ? 9.217   -14.007 3.636   1.00 44.12 ? 139  LYS A CE  1 
ATOM   295  N  NZ  . LYS A 1 46  ? 10.086  -14.524 4.723   1.00 51.41 ? 139  LYS A NZ  1 
ATOM   296  N  N   . THR A 1 47  ? 8.854   -7.708  4.074   1.00 22.85 ? 140  THR A N   1 
ATOM   297  C  CA  . THR A 1 47  ? 9.083   -6.265  4.067   1.00 23.71 ? 140  THR A CA  1 
ATOM   298  C  C   . THR A 1 47  ? 9.026   -5.681  2.657   1.00 27.30 ? 140  THR A C   1 
ATOM   299  O  O   . THR A 1 47  ? 9.730   -6.153  1.755   1.00 25.46 ? 140  THR A O   1 
ATOM   300  C  CB  . THR A 1 47  ? 10.478  -5.921  4.674   1.00 27.48 ? 140  THR A CB  1 
ATOM   301  O  OG1 . THR A 1 47  ? 10.592  -6.474  5.995   1.00 26.02 ? 140  THR A OG1 1 
ATOM   302  C  CG2 . THR A 1 47  ? 10.665  -4.396  4.755   1.00 24.27 ? 140  THR A CG2 1 
ATOM   303  N  N   . CYS A 1 48  ? 8.196   -4.646  2.477   1.00 24.06 ? 141  CYS A N   1 
ATOM   304  C  CA  . CYS A 1 48  ? 8.044   -3.949  1.197   1.00 20.63 ? 141  CYS A CA  1 
ATOM   305  C  C   . CYS A 1 48  ? 8.354   -2.479  1.479   1.00 22.33 ? 141  CYS A C   1 
ATOM   306  O  O   . CYS A 1 48  ? 7.552   -1.762  2.085   1.00 22.02 ? 141  CYS A O   1 
ATOM   307  C  CB  . CYS A 1 48  ? 6.615   -4.039  0.661   1.00 22.74 ? 141  CYS A CB  1 
ATOM   308  S  SG  . CYS A 1 48  ? 6.029   -5.711  0.301   1.00 26.81 ? 141  CYS A SG  1 
ATOM   309  N  N   . PRO A 1 49  ? 9.535   -2.018  1.061   1.00 24.31 ? 142  PRO A N   1 
ATOM   310  C  CA  . PRO A 1 49  ? 9.922   -0.626  1.291   1.00 24.42 ? 142  PRO A CA  1 
ATOM   311  C  C   . PRO A 1 49  ? 9.258   0.299   0.291   1.00 24.64 ? 142  PRO A C   1 
ATOM   312  O  O   . PRO A 1 49  ? 9.458   0.153   -0.903  1.00 28.33 ? 142  PRO A O   1 
ATOM   313  C  CB  . PRO A 1 49  ? 11.449  -0.641  1.076   1.00 26.35 ? 142  PRO A CB  1 
ATOM   314  C  CG  . PRO A 1 49  ? 11.834  -2.082  1.220   1.00 27.49 ? 142  PRO A CG  1 
ATOM   315  C  CD  . PRO A 1 49  ? 10.682  -2.806  0.579   1.00 26.41 ? 142  PRO A CD  1 
ATOM   316  N  N   . VAL A 1 50  ? 8.482   1.255   0.782   1.00 22.12 ? 143  VAL A N   1 
ATOM   317  C  CA  . VAL A 1 50  ? 7.825   2.210   -0.089  1.00 20.81 ? 143  VAL A CA  1 
ATOM   318  C  C   . VAL A 1 50  ? 8.347   3.564   0.372   1.00 21.07 ? 143  VAL A C   1 
ATOM   319  O  O   . VAL A 1 50  ? 8.332   3.877   1.571   1.00 20.92 ? 143  VAL A O   1 
ATOM   320  C  CB  . VAL A 1 50  ? 6.289   2.152   0.065   1.00 19.66 ? 143  VAL A CB  1 
ATOM   321  C  CG1 . VAL A 1 50  ? 5.646   3.241   -0.807  1.00 22.15 ? 143  VAL A CG1 1 
ATOM   322  C  CG2 . VAL A 1 50  ? 5.792   0.789   -0.371  1.00 20.79 ? 143  VAL A CG2 1 
ATOM   323  N  N   . GLN A 1 51  ? 8.832   4.348   -0.586  1.00 19.70 ? 144  GLN A N   1 
ATOM   324  C  CA  . GLN A 1 51  ? 9.395   5.650   -0.293  1.00 18.14 ? 144  GLN A CA  1 
ATOM   325  C  C   . GLN A 1 51  ? 8.398   6.769   -0.575  1.00 14.86 ? 144  GLN A C   1 
ATOM   326  O  O   . GLN A 1 51  ? 7.673   6.735   -1.579  1.00 20.12 ? 144  GLN A O   1 
ATOM   327  C  CB  . GLN A 1 51  ? 10.646  5.897   -1.161  1.00 24.94 ? 144  GLN A CB  1 
ATOM   328  C  CG  . GLN A 1 51  ? 11.643  4.744   -1.200  1.00 28.28 ? 144  GLN A CG  1 
ATOM   329  C  CD  . GLN A 1 51  ? 12.762  4.979   -2.212  1.00 34.13 ? 144  GLN A CD  1 
ATOM   330  O  OE1 . GLN A 1 51  ? 12.542  5.591   -3.262  1.00 24.36 ? 144  GLN A OE1 1 
ATOM   331  N  NE2 . GLN A 1 51  ? 13.957  4.472   -1.910  1.00 33.63 ? 144  GLN A NE2 1 
ATOM   332  N  N   . LEU A 1 52  ? 8.414   7.762   0.301   1.00 17.37 ? 145  LEU A N   1 
ATOM   333  C  CA  . LEU A 1 52  ? 7.562   8.942   0.155   1.00 16.77 ? 145  LEU A CA  1 
ATOM   334  C  C   . LEU A 1 52  ? 8.527   10.065  -0.254  1.00 20.20 ? 145  LEU A C   1 
ATOM   335  O  O   . LEU A 1 52  ? 9.460   10.372  0.484   1.00 22.80 ? 145  LEU A O   1 
ATOM   336  C  CB  . LEU A 1 52  ? 6.931   9.312   1.486   1.00 17.35 ? 145  LEU A CB  1 
ATOM   337  C  CG  . LEU A 1 52  ? 6.187   8.180   2.226   1.00 17.52 ? 145  LEU A CG  1 
ATOM   338  C  CD1 . LEU A 1 52  ? 5.552   8.741   3.479   1.00 22.24 ? 145  LEU A CD1 1 
ATOM   339  C  CD2 . LEU A 1 52  ? 5.130   7.569   1.307   1.00 18.46 ? 145  LEU A CD2 1 
ATOM   340  N  N   . TRP A 1 53  ? 8.302   10.643  -1.423  1.00 23.19 ? 146  TRP A N   1 
ATOM   341  C  CA  . TRP A 1 53  ? 9.144   11.744  -1.913  1.00 21.91 ? 146  TRP A CA  1 
ATOM   342  C  C   . TRP A 1 53  ? 8.310   13.020  -1.937  1.00 23.03 ? 146  TRP A C   1 
ATOM   343  O  O   . TRP A 1 53  ? 7.182   13.003  -2.418  1.00 19.82 ? 146  TRP A O   1 
ATOM   344  C  CB  . TRP A 1 53  ? 9.623   11.458  -3.337  1.00 19.22 ? 146  TRP A CB  1 
ATOM   345  C  CG  . TRP A 1 53  ? 10.639  10.360  -3.453  1.00 30.38 ? 146  TRP A CG  1 
ATOM   346  C  CD1 . TRP A 1 53  ? 10.402  9.014   -3.444  1.00 30.89 ? 146  TRP A CD1 1 
ATOM   347  C  CD2 . TRP A 1 53  ? 12.063  10.518  -3.573  1.00 29.44 ? 146  TRP A CD2 1 
ATOM   348  N  NE1 . TRP A 1 53  ? 11.589  8.324   -3.547  1.00 31.55 ? 146  TRP A NE1 1 
ATOM   349  C  CE2 . TRP A 1 53  ? 12.624  9.221   -3.624  1.00 28.14 ? 146  TRP A CE2 1 
ATOM   350  C  CE3 . TRP A 1 53  ? 12.916  11.630  -3.643  1.00 30.61 ? 146  TRP A CE3 1 
ATOM   351  C  CZ2 . TRP A 1 53  ? 14.009  9.001   -3.742  1.00 31.86 ? 146  TRP A CZ2 1 
ATOM   352  C  CZ3 . TRP A 1 53  ? 14.296  11.409  -3.762  1.00 33.91 ? 146  TRP A CZ3 1 
ATOM   353  C  CH2 . TRP A 1 53  ? 14.823  10.102  -3.810  1.00 31.35 ? 146  TRP A CH2 1 
ATOM   354  N  N   . VAL A 1 54  ? 8.857   14.120  -1.425  1.00 22.93 ? 147  VAL A N   1 
ATOM   355  C  CA  . VAL A 1 54  ? 8.157   15.411  -1.454  1.00 21.66 ? 147  VAL A CA  1 
ATOM   356  C  C   . VAL A 1 54  ? 9.146   16.496  -1.881  1.00 28.68 ? 147  VAL A C   1 
ATOM   357  O  O   . VAL A 1 54  ? 10.354  16.341  -1.691  1.00 27.01 ? 147  VAL A O   1 
ATOM   358  C  CB  . VAL A 1 54  ? 7.591   15.842  -0.072  1.00 21.37 ? 147  VAL A CB  1 
ATOM   359  C  CG1 . VAL A 1 54  ? 6.420   14.914  0.362   1.00 22.81 ? 147  VAL A CG1 1 
ATOM   360  C  CG2 . VAL A 1 54  ? 8.697   15.830  0.967   1.00 25.67 ? 147  VAL A CG2 1 
ATOM   361  N  N   . ASP A 1 55  ? 8.634   17.578  -2.465  1.00 27.42 ? 148  ASP A N   1 
ATOM   362  C  CA  . ASP A 1 55  ? 9.489   18.697  -2.876  1.00 32.29 ? 148  ASP A CA  1 
ATOM   363  C  C   . ASP A 1 55  ? 9.681   19.661  -1.695  1.00 30.38 ? 148  ASP A C   1 
ATOM   364  O  O   . ASP A 1 55  ? 10.684  20.381  -1.607  1.00 34.03 ? 148  ASP A O   1 
ATOM   365  C  CB  . ASP A 1 55  ? 8.871   19.453  -4.053  1.00 26.00 ? 148  ASP A CB  1 
ATOM   366  C  CG  . ASP A 1 55  ? 8.860   18.644  -5.322  1.00 32.20 ? 148  ASP A CG  1 
ATOM   367  O  OD1 . ASP A 1 55  ? 9.766   17.803  -5.507  1.00 34.50 ? 148  ASP A OD1 1 
ATOM   368  O  OD2 . ASP A 1 55  ? 7.946   18.855  -6.149  1.00 36.91 ? 148  ASP A OD2 1 
ATOM   369  N  N   . SER A 1 56  ? 8.702   19.695  -0.797  1.00 26.60 ? 149  SER A N   1 
ATOM   370  C  CA  . SER A 1 56  ? 8.758   20.546  0.381   1.00 30.51 ? 149  SER A CA  1 
ATOM   371  C  C   . SER A 1 56  ? 8.159   19.762  1.530   1.00 31.01 ? 149  SER A C   1 
ATOM   372  O  O   . SER A 1 56  ? 7.245   18.958  1.341   1.00 27.07 ? 149  SER A O   1 
ATOM   373  C  CB  . SER A 1 56  ? 8.001   21.865  0.155   1.00 37.19 ? 149  SER A CB  1 
ATOM   374  O  OG  . SER A 1 56  ? 6.686   21.638  -0.306  1.00 50.61 ? 149  SER A OG  1 
ATOM   375  N  N   . THR A 1 57  ? 8.671   19.998  2.724   1.00 31.50 ? 150  THR A N   1 
ATOM   376  C  CA  . THR A 1 57  ? 8.213   19.255  3.883   1.00 32.36 ? 150  THR A CA  1 
ATOM   377  C  C   . THR A 1 57  ? 6.847   19.616  4.435   1.00 31.60 ? 150  THR A C   1 
ATOM   378  O  O   . THR A 1 57  ? 6.593   20.763  4.808   1.00 28.57 ? 150  THR A O   1 
ATOM   379  C  CB  . THR A 1 57  ? 9.222   19.363  5.027   1.00 34.94 ? 150  THR A CB  1 
ATOM   380  O  OG1 . THR A 1 57  ? 10.531  19.092  4.521   1.00 37.24 ? 150  THR A OG1 1 
ATOM   381  C  CG2 . THR A 1 57  ? 8.901   18.343  6.121   1.00 36.47 ? 150  THR A CG2 1 
ATOM   382  N  N   . PRO A 1 58  ? 5.932   18.630  4.488   1.00 26.41 ? 151  PRO A N   1 
ATOM   383  C  CA  . PRO A 1 58  ? 4.607   18.930  5.034   1.00 30.00 ? 151  PRO A CA  1 
ATOM   384  C  C   . PRO A 1 58  ? 4.719   19.177  6.545   1.00 28.11 ? 151  PRO A C   1 
ATOM   385  O  O   . PRO A 1 58  ? 5.670   18.720  7.185   1.00 33.05 ? 151  PRO A O   1 
ATOM   386  C  CB  . PRO A 1 58  ? 3.791   17.683  4.685   1.00 27.40 ? 151  PRO A CB  1 
ATOM   387  C  CG  . PRO A 1 58  ? 4.807   16.601  4.644   1.00 25.06 ? 151  PRO A CG  1 
ATOM   388  C  CD  . PRO A 1 58  ? 5.970   17.274  3.913   1.00 26.38 ? 151  PRO A CD  1 
ATOM   389  N  N   . PRO A 1 59  ? 3.743   19.888  7.124   1.00 29.75 ? 152  PRO A N   1 
ATOM   390  C  CA  . PRO A 1 59  ? 3.640   20.261  8.541   1.00 33.35 ? 152  PRO A CA  1 
ATOM   391  C  C   . PRO A 1 59  ? 3.573   19.085  9.514   1.00 38.84 ? 152  PRO A C   1 
ATOM   392  O  O   . PRO A 1 59  ? 3.234   17.967  9.129   1.00 29.08 ? 152  PRO A O   1 
ATOM   393  C  CB  . PRO A 1 59  ? 2.346   21.073  8.604   1.00 33.12 ? 152  PRO A CB  1 
ATOM   394  C  CG  . PRO A 1 59  ? 2.004   21.384  7.202   1.00 34.51 ? 152  PRO A CG  1 
ATOM   395  C  CD  . PRO A 1 59  ? 2.493   20.216  6.423   1.00 27.35 ? 152  PRO A CD  1 
ATOM   396  N  N   . PRO A 1 60  ? 3.901   19.331  10.796  1.00 41.60 ? 153  PRO A N   1 
ATOM   397  C  CA  . PRO A 1 60  ? 3.841   18.248  11.777  1.00 37.23 ? 153  PRO A CA  1 
ATOM   398  C  C   . PRO A 1 60  ? 2.355   17.966  11.918  1.00 37.32 ? 153  PRO A C   1 
ATOM   399  O  O   . PRO A 1 60  ? 1.533   18.883  11.836  1.00 35.45 ? 153  PRO A O   1 
ATOM   400  C  CB  . PRO A 1 60  ? 4.434   18.884  13.039  1.00 46.74 ? 153  PRO A CB  1 
ATOM   401  C  CG  . PRO A 1 60  ? 5.358   19.936  12.489  1.00 41.84 ? 153  PRO A CG  1 
ATOM   402  C  CD  . PRO A 1 60  ? 4.503   20.538  11.393  1.00 45.98 ? 153  PRO A CD  1 
ATOM   403  N  N   . GLY A 1 61  ? 2.003   16.705  12.117  1.00 30.68 ? 154  GLY A N   1 
ATOM   404  C  CA  . GLY A 1 61  ? 0.602   16.375  12.220  1.00 29.24 ? 154  GLY A CA  1 
ATOM   405  C  C   . GLY A 1 61  ? 0.127   15.746  10.919  1.00 22.47 ? 154  GLY A C   1 
ATOM   406  O  O   . GLY A 1 61  ? -0.980  15.202  10.873  1.00 22.16 ? 154  GLY A O   1 
ATOM   407  N  N   . THR A 1 62  ? 0.938   15.858  9.863   1.00 19.04 ? 155  THR A N   1 
ATOM   408  C  CA  . THR A 1 62  ? 0.622   15.243  8.563   1.00 18.58 ? 155  THR A CA  1 
ATOM   409  C  C   . THR A 1 62  ? 0.651   13.730  8.786   1.00 18.78 ? 155  THR A C   1 
ATOM   410  O  O   . THR A 1 62  ? 1.468   13.236  9.568   1.00 18.19 ? 155  THR A O   1 
ATOM   411  C  CB  . THR A 1 62  ? 1.658   15.639  7.501   1.00 17.93 ? 155  THR A CB  1 
ATOM   412  O  OG1 . THR A 1 62  ? 1.596   17.058  7.306   1.00 20.90 ? 155  THR A OG1 1 
ATOM   413  C  CG2 . THR A 1 62  ? 1.345   14.975  6.150   1.00 19.23 ? 155  THR A CG2 1 
ATOM   414  N  N   . ARG A 1 63  ? -0.240  13.013  8.104   1.00 16.40 ? 156  ARG A N   1 
ATOM   415  C  CA  . ARG A 1 63  ? -0.379  11.561  8.244   1.00 14.77 ? 156  ARG A CA  1 
ATOM   416  C  C   . ARG A 1 63  ? -0.298  10.875  6.898   1.00 15.27 ? 156  ARG A C   1 
ATOM   417  O  O   . ARG A 1 63  ? -0.538  11.497  5.863   1.00 16.36 ? 156  ARG A O   1 
ATOM   418  C  CB  . ARG A 1 63  ? -1.733  11.250  8.930   1.00 14.65 ? 156  ARG A CB  1 
ATOM   419  C  CG  . ARG A 1 63  ? -1.794  11.708  10.392  1.00 16.55 ? 156  ARG A CG  1 
ATOM   420  C  CD  . ARG A 1 63  ? -3.218  11.951  10.876  1.00 18.83 ? 156  ARG A CD  1 
ATOM   421  N  NE  . ARG A 1 63  ? -4.104  10.775  10.882  1.00 16.54 ? 156  ARG A NE  1 
ATOM   422  C  CZ  . ARG A 1 63  ? -4.082  9.800   11.798  1.00 21.21 ? 156  ARG A CZ  1 
ATOM   423  N  NH1 . ARG A 1 63  ? -3.206  9.804   12.810  1.00 17.80 ? 156  ARG A NH1 1 
ATOM   424  N  NH2 . ARG A 1 63  ? -4.983  8.835   11.734  1.00 17.19 ? 156  ARG A NH2 1 
ATOM   425  N  N   . VAL A 1 64  ? 0.038   9.585   6.899   1.00 14.68 ? 157  VAL A N   1 
ATOM   426  C  CA  . VAL A 1 64  ? 0.188   8.815   5.669   1.00 12.58 ? 157  VAL A CA  1 
ATOM   427  C  C   . VAL A 1 64  ? -0.694  7.585   5.768   1.00 14.26 ? 157  VAL A C   1 
ATOM   428  O  O   . VAL A 1 64  ? -0.457  6.741   6.613   1.00 13.84 ? 157  VAL A O   1 
ATOM   429  C  CB  . VAL A 1 64  ? 1.636   8.311   5.499   1.00 12.01 ? 157  VAL A CB  1 
ATOM   430  C  CG1 . VAL A 1 64  ? 1.783   7.574   4.163   1.00 16.89 ? 157  VAL A CG1 1 
ATOM   431  C  CG2 . VAL A 1 64  ? 2.608   9.521   5.580   1.00 16.71 ? 157  VAL A CG2 1 
ATOM   432  N  N   . ARG A 1 65  ? -1.670  7.479   4.876   1.00 13.91 ? 158  ARG A N   1 
ATOM   433  C  CA  . ARG A 1 65  ? -2.609  6.353   4.884   1.00 13.45 ? 158  ARG A CA  1 
ATOM   434  C  C   . ARG A 1 65  ? -2.397  5.398   3.729   1.00 12.57 ? 158  ARG A C   1 
ATOM   435  O  O   . ARG A 1 65  ? -2.148  5.827   2.596   1.00 16.65 ? 158  ARG A O   1 
ATOM   436  C  CB  . ARG A 1 65  ? -4.057  6.878   4.818   1.00 14.25 ? 158  ARG A CB  1 
ATOM   437  C  CG  . ARG A 1 65  ? -5.124  5.772   4.895   1.00 15.07 ? 158  ARG A CG  1 
ATOM   438  C  CD  . ARG A 1 65  ? -6.520  6.333   4.590   1.00 13.01 ? 158  ARG A CD  1 
ATOM   439  N  NE  . ARG A 1 65  ? -6.841  7.508   5.404   1.00 15.89 ? 158  ARG A NE  1 
ATOM   440  C  CZ  . ARG A 1 65  ? -7.445  7.477   6.595   1.00 23.84 ? 158  ARG A CZ  1 
ATOM   441  N  NH1 . ARG A 1 65  ? -7.821  6.321   7.158   1.00 20.79 ? 158  ARG A NH1 1 
ATOM   442  N  NH2 . ARG A 1 65  ? -7.680  8.612   7.238   1.00 20.23 ? 158  ARG A NH2 1 
ATOM   443  N  N   . ALA A 1 66  ? -2.468  4.099   4.012   1.00 9.94  ? 159  ALA A N   1 
ATOM   444  C  CA  . ALA A 1 66  ? -2.358  3.104   2.957   1.00 12.60 ? 159  ALA A CA  1 
ATOM   445  C  C   . ALA A 1 66  ? -3.672  2.307   2.980   1.00 15.24 ? 159  ALA A C   1 
ATOM   446  O  O   . ALA A 1 66  ? -4.162  1.913   4.052   1.00 14.89 ? 159  ALA A O   1 
ATOM   447  C  CB  . ALA A 1 66  ? -1.131  2.172   3.207   1.00 14.10 ? 159  ALA A CB  1 
ATOM   448  N  N   . MET A 1 67  ? -4.245  2.113   1.800   1.00 13.63 ? 160  MET A N   1 
ATOM   449  C  CA  . MET A 1 67  ? -5.508  1.378   1.632   1.00 15.04 ? 160  MET A CA  1 
ATOM   450  C  C   . MET A 1 67  ? -5.473  0.603   0.320   1.00 17.32 ? 160  MET A C   1 
ATOM   451  O  O   . MET A 1 67  ? -4.991  1.115   -0.695  1.00 17.86 ? 160  MET A O   1 
ATOM   452  C  CB  . MET A 1 67  ? -6.673  2.370   1.558   1.00 17.68 ? 160  MET A CB  1 
ATOM   453  C  CG  . MET A 1 67  ? -8.051  1.726   1.385   1.00 19.22 ? 160  MET A CG  1 
ATOM   454  S  SD  . MET A 1 67  ? -9.354  2.986   1.069   1.00 26.53 ? 160  MET A SD  1 
ATOM   455  C  CE  . MET A 1 67  ? -9.552  3.673   2.740   1.00 24.88 ? 160  MET A CE  1 
ATOM   456  N  N   . ALA A 1 68  ? -6.025  -0.604  0.328   1.00 14.93 ? 161  ALA A N   1 
ATOM   457  C  CA  . ALA A 1 68  ? -6.089  -1.410  -0.890  1.00 17.18 ? 161  ALA A CA  1 
ATOM   458  C  C   . ALA A 1 68  ? -7.497  -1.417  -1.461  1.00 17.53 ? 161  ALA A C   1 
ATOM   459  O  O   . ALA A 1 68  ? -8.484  -1.446  -0.710  1.00 17.76 ? 161  ALA A O   1 
ATOM   460  C  CB  . ALA A 1 68  ? -5.679  -2.845  -0.579  1.00 19.28 ? 161  ALA A CB  1 
ATOM   461  N  N   . ILE A 1 69  ? -7.606  -1.402  -2.788  1.00 15.08 ? 162  ILE A N   1 
ATOM   462  C  CA  . ILE A 1 69  ? -8.918  -1.522  -3.429  1.00 17.55 ? 162  ILE A CA  1 
ATOM   463  C  C   . ILE A 1 69  ? -8.750  -2.456  -4.633  1.00 22.00 ? 162  ILE A C   1 
ATOM   464  O  O   . ILE A 1 69  ? -7.625  -2.728  -5.063  1.00 20.62 ? 162  ILE A O   1 
ATOM   465  C  CB  . ILE A 1 69  ? -9.475  -0.193  -3.955  1.00 16.56 ? 162  ILE A CB  1 
ATOM   466  C  CG1 . ILE A 1 69  ? -8.574  0.364   -5.070  1.00 27.82 ? 162  ILE A CG1 1 
ATOM   467  C  CG2 . ILE A 1 69  ? -9.593  0.823   -2.816  1.00 19.09 ? 162  ILE A CG2 1 
ATOM   468  C  CD1 . ILE A 1 69  ? -9.240  1.517   -5.852  1.00 32.53 ? 162  ILE A CD1 1 
ATOM   469  N  N   . TYR A 1 70  ? -9.855  -2.967  -5.168  1.00 21.45 ? 163  TYR A N   1 
ATOM   470  C  CA  . TYR A 1 70  ? -9.752  -3.827  -6.341  1.00 26.35 ? 163  TYR A CA  1 
ATOM   471  C  C   . TYR A 1 70  ? -9.614  -2.935  -7.571  1.00 26.25 ? 163  TYR A C   1 
ATOM   472  O  O   . TYR A 1 70  ? -10.269 -1.907  -7.679  1.00 25.31 ? 163  TYR A O   1 
ATOM   473  C  CB  . TYR A 1 70  ? -10.984 -4.721  -6.475  1.00 24.64 ? 163  TYR A CB  1 
ATOM   474  C  CG  . TYR A 1 70  ? -10.964 -5.879  -5.511  1.00 25.66 ? 163  TYR A CG  1 
ATOM   475  C  CD1 . TYR A 1 70  ? -10.023 -6.894  -5.641  1.00 26.98 ? 163  TYR A CD1 1 
ATOM   476  C  CD2 . TYR A 1 70  ? -11.849 -5.931  -4.436  1.00 30.82 ? 163  TYR A CD2 1 
ATOM   477  C  CE1 . TYR A 1 70  ? -9.954  -7.930  -4.723  1.00 28.92 ? 163  TYR A CE1 1 
ATOM   478  C  CE2 . TYR A 1 70  ? -11.793 -6.968  -3.507  1.00 31.42 ? 163  TYR A CE2 1 
ATOM   479  C  CZ  . TYR A 1 70  ? -10.843 -7.960  -3.653  1.00 33.45 ? 163  TYR A CZ  1 
ATOM   480  O  OH  . TYR A 1 70  ? -10.751 -8.959  -2.715  1.00 34.91 ? 163  TYR A OH  1 
ATOM   481  N  N   . LYS A 1 71  ? -8.743  -3.331  -8.490  1.00 29.39 ? 164  LYS A N   1 
ATOM   482  C  CA  . LYS A 1 71  ? -8.529  -2.565  -9.705  1.00 33.14 ? 164  LYS A CA  1 
ATOM   483  C  C   . LYS A 1 71  ? -9.680  -2.798  -10.699 1.00 38.49 ? 164  LYS A C   1 
ATOM   484  O  O   . LYS A 1 71  ? -10.226 -1.846  -11.250 1.00 40.31 ? 164  LYS A O   1 
ATOM   485  C  CB  . LYS A 1 71  ? -7.193  -2.979  -10.327 1.00 33.36 ? 164  LYS A CB  1 
ATOM   486  C  CG  . LYS A 1 71  ? -6.854  -2.296  -11.640 1.00 39.15 ? 164  LYS A CG  1 
ATOM   487  C  CD  . LYS A 1 71  ? -5.638  -2.963  -12.283 1.00 47.07 ? 164  LYS A CD  1 
ATOM   488  C  CE  . LYS A 1 71  ? -5.252  -2.291  -13.591 1.00 48.97 ? 164  LYS A CE  1 
ATOM   489  N  NZ  . LYS A 1 71  ? -4.259  -3.095  -14.353 1.00 52.50 ? 164  LYS A NZ  1 
ATOM   490  N  N   . GLN A 1 72  ? -10.049 -4.062  -10.908 1.00 44.25 ? 165  GLN A N   1 
ATOM   491  C  CA  . GLN A 1 72  ? -11.128 -4.422  -11.838 1.00 51.15 ? 165  GLN A CA  1 
ATOM   492  C  C   . GLN A 1 72  ? -12.448 -3.750  -11.484 1.00 52.15 ? 165  GLN A C   1 
ATOM   493  O  O   . GLN A 1 72  ? -12.980 -3.928  -10.386 1.00 50.45 ? 165  GLN A O   1 
ATOM   494  C  CB  . GLN A 1 72  ? -11.335 -5.942  -11.866 1.00 53.38 ? 165  GLN A CB  1 
ATOM   495  C  CG  . GLN A 1 72  ? -10.121 -6.729  -12.329 1.00 54.83 ? 165  GLN A CG  1 
ATOM   496  C  CD  . GLN A 1 72  ? -10.194 -8.194  -11.931 1.00 57.37 ? 165  GLN A CD  1 
ATOM   497  O  OE1 . GLN A 1 72  ? -10.340 -8.524  -10.751 1.00 58.71 ? 165  GLN A OE1 1 
ATOM   498  N  NE2 . GLN A 1 72  ? -10.084 -9.082  -12.917 1.00 57.76 ? 165  GLN A NE2 1 
ATOM   499  N  N   . SER A 1 73  ? -12.976 -2.991  -12.435 1.00 53.23 ? 166  SER A N   1 
ATOM   500  C  CA  . SER A 1 73  ? -14.234 -2.268  -12.269 1.00 56.35 ? 166  SER A CA  1 
ATOM   501  C  C   . SER A 1 73  ? -15.375 -3.103  -11.688 1.00 52.84 ? 166  SER A C   1 
ATOM   502  O  O   . SER A 1 73  ? -16.146 -2.617  -10.861 1.00 55.60 ? 166  SER A O   1 
ATOM   503  C  CB  . SER A 1 73  ? -14.675 -1.687  -13.618 1.00 59.44 ? 166  SER A CB  1 
ATOM   504  O  OG  . SER A 1 73  ? -14.791 -2.716  -14.587 1.00 60.31 ? 166  SER A OG  1 
ATOM   505  N  N   . GLN A 1 74  ? -15.479 -4.354  -12.119 1.00 52.51 ? 167  GLN A N   1 
ATOM   506  C  CA  . GLN A 1 74  ? -16.540 -5.238  -11.654 1.00 53.75 ? 167  GLN A CA  1 
ATOM   507  C  C   . GLN A 1 74  ? -16.425 -5.660  -10.191 1.00 54.54 ? 167  GLN A C   1 
ATOM   508  O  O   . GLN A 1 74  ? -17.300 -6.355  -9.669  1.00 55.23 ? 167  GLN A O   1 
ATOM   509  C  CB  . GLN A 1 74  ? -16.627 -6.471  -12.570 1.00 57.90 ? 167  GLN A CB  1 
ATOM   510  C  CG  . GLN A 1 74  ? -15.302 -6.917  -13.190 1.00 59.26 ? 167  GLN A CG  1 
ATOM   511  C  CD  . GLN A 1 74  ? -15.493 -7.615  -14.532 1.00 59.21 ? 167  GLN A CD  1 
ATOM   512  O  OE1 . GLN A 1 74  ? -15.949 -7.007  -15.497 1.00 62.21 ? 167  GLN A OE1 1 
ATOM   513  N  NE2 . GLN A 1 74  ? -15.144 -8.892  -14.595 1.00 58.02 ? 167  GLN A NE2 1 
ATOM   514  N  N   . ARG A 1 75  ? -15.362 -5.221  -9.522  1.00 51.71 ? 168  ARG A N   1 
ATOM   515  C  CA  . ARG A 1 75  ? -15.168 -5.572  -8.122  1.00 48.74 ? 168  ARG A CA  1 
ATOM   516  C  C   . ARG A 1 75  ? -14.662 -4.380  -7.293  1.00 47.79 ? 168  ARG A C   1 
ATOM   517  O  O   . ARG A 1 75  ? -14.237 -4.530  -6.139  1.00 45.45 ? 168  ARG A O   1 
ATOM   518  C  CB  . ARG A 1 75  ? -14.192 -6.747  -8.031  1.00 48.39 ? 168  ARG A CB  1 
ATOM   519  C  CG  . ARG A 1 75  ? -14.423 -7.612  -6.828  1.00 50.65 ? 168  ARG A CG  1 
ATOM   520  C  CD  . ARG A 1 75  ? -13.488 -8.807  -6.784  1.00 48.16 ? 168  ARG A CD  1 
ATOM   521  N  NE  . ARG A 1 75  ? -13.685 -9.523  -5.534  1.00 48.51 ? 168  ARG A NE  1 
ATOM   522  C  CZ  . ARG A 1 75  ? -12.873 -10.459 -5.060  1.00 52.83 ? 168  ARG A CZ  1 
ATOM   523  N  NH1 . ARG A 1 75  ? -11.788 -10.811 -5.734  1.00 54.37 ? 168  ARG A NH1 1 
ATOM   524  N  NH2 . ARG A 1 75  ? -13.156 -11.041 -3.903  1.00 52.33 ? 168  ARG A NH2 1 
ATOM   525  N  N   . MET A 1 76  ? -14.730 -3.192  -7.881  1.00 42.28 ? 169  MET A N   1 
ATOM   526  C  CA  . MET A 1 76  ? -14.275 -1.972  -7.221  1.00 41.91 ? 169  MET A CA  1 
ATOM   527  C  C   . MET A 1 76  ? -14.984 -1.620  -5.914  1.00 38.07 ? 169  MET A C   1 
ATOM   528  O  O   . MET A 1 76  ? -14.365 -1.080  -5.002  1.00 33.38 ? 169  MET A O   1 
ATOM   529  C  CB  . MET A 1 76  ? -14.426 -0.783  -8.160  1.00 46.99 ? 169  MET A CB  1 
ATOM   530  C  CG  . MET A 1 76  ? -13.617 -0.852  -9.427  1.00 58.10 ? 169  MET A CG  1 
ATOM   531  S  SD  . MET A 1 76  ? -13.836 0.694   -10.326 1.00 72.04 ? 169  MET A SD  1 
ATOM   532  C  CE  . MET A 1 76  ? -15.660 0.691   -10.537 1.00 64.52 ? 169  MET A CE  1 
ATOM   533  N  N   . THR A 1 77  ? -16.281 -1.906  -5.835  1.00 37.10 ? 170  THR A N   1 
ATOM   534  C  CA  . THR A 1 77  ? -17.071 -1.581  -4.647  1.00 36.84 ? 170  THR A CA  1 
ATOM   535  C  C   . THR A 1 77  ? -16.882 -2.555  -3.496  1.00 37.36 ? 170  THR A C   1 
ATOM   536  O  O   . THR A 1 77  ? -17.402 -2.336  -2.400  1.00 37.83 ? 170  THR A O   1 
ATOM   537  C  CB  . THR A 1 77  ? -18.570 -1.523  -4.987  1.00 41.58 ? 170  THR A CB  1 
ATOM   538  O  OG1 . THR A 1 77  ? -18.975 -2.767  -5.579  1.00 42.85 ? 170  THR A OG1 1 
ATOM   539  C  CG2 . THR A 1 77  ? -18.843 -0.387  -5.969  1.00 42.72 ? 170  THR A CG2 1 
ATOM   540  N  N   . GLU A 1 78  ? -16.145 -3.633  -3.744  1.00 35.25 ? 171  GLU A N   1 
ATOM   541  C  CA  . GLU A 1 78  ? -15.905 -4.626  -2.712  1.00 35.17 ? 171  GLU A CA  1 
ATOM   542  C  C   . GLU A 1 78  ? -14.767 -4.187  -1.832  1.00 32.56 ? 171  GLU A C   1 
ATOM   543  O  O   . GLU A 1 78  ? -13.832 -3.528  -2.285  1.00 32.43 ? 171  GLU A O   1 
ATOM   544  C  CB  . GLU A 1 78  ? -15.546 -5.985  -3.319  1.00 41.96 ? 171  GLU A CB  1 
ATOM   545  C  CG  . GLU A 1 78  ? -16.716 -6.810  -3.793  1.00 53.05 ? 171  GLU A CG  1 
ATOM   546  C  CD  . GLU A 1 78  ? -16.380 -8.289  -3.823  1.00 59.82 ? 171  GLU A CD  1 
ATOM   547  O  OE1 . GLU A 1 78  ? -16.171 -8.883  -2.740  1.00 65.21 ? 171  GLU A OE1 1 
ATOM   548  O  OE2 . GLU A 1 78  ? -16.314 -8.856  -4.928  1.00 66.64 ? 171  GLU A OE2 1 
ATOM   549  N  N   . VAL A 1 79  ? -14.839 -4.563  -0.567  1.00 25.69 ? 172  VAL A N   1 
ATOM   550  C  CA  . VAL A 1 79  ? -13.778 -4.215  0.356   1.00 24.55 ? 172  VAL A CA  1 
ATOM   551  C  C   . VAL A 1 79  ? -12.704 -5.291  0.244   1.00 25.81 ? 172  VAL A C   1 
ATOM   552  O  O   . VAL A 1 79  ? -13.006 -6.505  0.283   1.00 23.09 ? 172  VAL A O   1 
ATOM   553  C  CB  . VAL A 1 79  ? -14.296 -4.182  1.802   1.00 24.96 ? 172  VAL A CB  1 
ATOM   554  C  CG1 . VAL A 1 79  ? -13.146 -4.039  2.758   1.00 24.14 ? 172  VAL A CG1 1 
ATOM   555  C  CG2 . VAL A 1 79  ? -15.296 -3.037  1.977   1.00 25.76 ? 172  VAL A CG2 1 
ATOM   556  N  N   . VAL A 1 80  ? -11.451 -4.860  0.092   1.00 21.91 ? 173  VAL A N   1 
ATOM   557  C  CA  . VAL A 1 80  ? -10.335 -5.795  0.027   1.00 19.48 ? 173  VAL A CA  1 
ATOM   558  C  C   . VAL A 1 80  ? -10.024 -6.230  1.459   1.00 21.98 ? 173  VAL A C   1 
ATOM   559  O  O   . VAL A 1 80  ? -9.809  -5.388  2.321   1.00 18.43 ? 173  VAL A O   1 
ATOM   560  C  CB  . VAL A 1 80  ? -9.061  -5.116  -0.577  1.00 22.78 ? 173  VAL A CB  1 
ATOM   561  C  CG1 . VAL A 1 80  ? -7.880  -6.076  -0.500  1.00 21.39 ? 173  VAL A CG1 1 
ATOM   562  C  CG2 . VAL A 1 80  ? -9.338  -4.712  -2.052  1.00 17.29 ? 173  VAL A CG2 1 
ATOM   563  N  N   . ARG A 1 81  ? -10.011 -7.537  1.721   1.00 18.37 ? 174  ARG A N   1 
ATOM   564  C  CA  . ARG A 1 81  ? -9.717  -8.027  3.061   1.00 21.14 ? 174  ARG A CA  1 
ATOM   565  C  C   . ARG A 1 81  ? -9.060  -9.391  2.943   1.00 22.98 ? 174  ARG A C   1 
ATOM   566  O  O   . ARG A 1 81  ? -9.047  -9.991  1.864   1.00 23.44 ? 174  ARG A O   1 
ATOM   567  C  CB  . ARG A 1 81  ? -11.008 -8.137  3.887   1.00 23.02 ? 174  ARG A CB  1 
ATOM   568  C  CG  . ARG A 1 81  ? -12.063 -9.039  3.231   1.00 30.20 ? 174  ARG A CG  1 
ATOM   569  C  CD  . ARG A 1 81  ? -13.416 -8.966  3.957   1.00 42.10 ? 174  ARG A CD  1 
ATOM   570  N  NE  . ARG A 1 81  ? -13.326 -9.498  5.310   1.00 44.79 ? 174  ARG A NE  1 
ATOM   571  C  CZ  . ARG A 1 81  ? -14.337 -9.553  6.168   1.00 46.52 ? 174  ARG A CZ  1 
ATOM   572  N  NH1 . ARG A 1 81  ? -15.540 -9.105  5.825   1.00 38.35 ? 174  ARG A NH1 1 
ATOM   573  N  NH2 . ARG A 1 81  ? -14.140 -10.061 7.379   1.00 52.03 ? 174  ARG A NH2 1 
ATOM   574  N  N   . ARG A 1 82  ? -8.513  -9.887  4.042   1.00 21.62 ? 175  ARG A N   1 
ATOM   575  C  CA  . ARG A 1 82  ? -7.854  -11.185 4.012   1.00 25.41 ? 175  ARG A CA  1 
ATOM   576  C  C   . ARG A 1 82  ? -8.863  -12.308 3.825   1.00 27.58 ? 175  ARG A C   1 
ATOM   577  O  O   . ARG A 1 82  ? -10.049 -12.151 4.155   1.00 26.94 ? 175  ARG A O   1 
ATOM   578  C  CB  . ARG A 1 82  ? -7.044  -11.379 5.300   1.00 26.66 ? 175  ARG A CB  1 
ATOM   579  C  CG  . ARG A 1 82  ? -5.808  -10.538 5.274   1.00 30.99 ? 175  ARG A CG  1 
ATOM   580  C  CD  . ARG A 1 82  ? -5.363  -10.049 6.612   1.00 38.15 ? 175  ARG A CD  1 
ATOM   581  N  NE  . ARG A 1 82  ? -4.733  -11.065 7.428   1.00 39.18 ? 175  ARG A NE  1 
ATOM   582  C  CZ  . ARG A 1 82  ? -4.046  -10.797 8.535   1.00 35.76 ? 175  ARG A CZ  1 
ATOM   583  N  NH1 . ARG A 1 82  ? -3.889  -9.540  8.950   1.00 39.11 ? 175  ARG A NH1 1 
ATOM   584  N  NH2 . ARG A 1 82  ? -3.549  -11.793 9.251   1.00 30.48 ? 175  ARG A NH2 1 
ATOM   585  N  N   . CYS A 1 83  ? -8.412  -13.419 3.246   1.00 26.28 ? 176  CYS A N   1 
ATOM   586  C  CA  . CYS A 1 83  ? -9.292  -14.570 3.064   1.00 29.77 ? 176  CYS A CA  1 
ATOM   587  C  C   . CYS A 1 83  ? -9.488  -15.149 4.469   1.00 29.79 ? 176  CYS A C   1 
ATOM   588  O  O   . CYS A 1 83  ? -8.751  -14.812 5.399   1.00 29.50 ? 176  CYS A O   1 
ATOM   589  C  CB  . CYS A 1 83  ? -8.651  -15.622 2.125   1.00 29.85 ? 176  CYS A CB  1 
ATOM   590  S  SG  . CYS A 1 83  ? -7.223  -16.524 2.777   1.00 24.94 ? 176  CYS A SG  1 
ATOM   591  N  N   . PRO A 1 84  ? -10.491 -16.022 4.646   1.00 31.41 ? 177  PRO A N   1 
ATOM   592  C  CA  . PRO A 1 84  ? -10.730 -16.612 5.965   1.00 29.81 ? 177  PRO A CA  1 
ATOM   593  C  C   . PRO A 1 84  ? -9.503  -17.350 6.492   1.00 28.77 ? 177  PRO A C   1 
ATOM   594  O  O   . PRO A 1 84  ? -9.164  -17.256 7.680   1.00 30.17 ? 177  PRO A O   1 
ATOM   595  C  CB  . PRO A 1 84  ? -11.907 -17.552 5.712   1.00 32.62 ? 177  PRO A CB  1 
ATOM   596  C  CG  . PRO A 1 84  ? -12.660 -16.854 4.619   1.00 35.24 ? 177  PRO A CG  1 
ATOM   597  C  CD  . PRO A 1 84  ? -11.527 -16.439 3.686   1.00 31.58 ? 177  PRO A CD  1 
ATOM   598  N  N   . HIS A 1 85  ? -8.826  -18.079 5.612   1.00 24.53 ? 178  HIS A N   1 
ATOM   599  C  CA  . HIS A 1 85  ? -7.651  -18.824 6.037   1.00 30.94 ? 178  HIS A CA  1 
ATOM   600  C  C   . HIS A 1 85  ? -6.539  -17.931 6.605   1.00 30.55 ? 178  HIS A C   1 
ATOM   601  O  O   . HIS A 1 85  ? -5.957  -18.236 7.647   1.00 33.46 ? 178  HIS A O   1 
ATOM   602  C  CB  . HIS A 1 85  ? -7.096  -19.671 4.877   1.00 30.98 ? 178  HIS A CB  1 
ATOM   603  C  CG  . HIS A 1 85  ? -5.820  -20.383 5.211   1.00 37.04 ? 178  HIS A CG  1 
ATOM   604  N  ND1 . HIS A 1 85  ? -4.600  -20.015 4.681   1.00 38.54 ? 178  HIS A ND1 1 
ATOM   605  C  CD2 . HIS A 1 85  ? -5.568  -21.403 6.063   1.00 35.36 ? 178  HIS A CD2 1 
ATOM   606  C  CE1 . HIS A 1 85  ? -3.652  -20.777 5.196   1.00 43.08 ? 178  HIS A CE1 1 
ATOM   607  N  NE2 . HIS A 1 85  ? -4.212  -21.627 6.038   1.00 43.26 ? 178  HIS A NE2 1 
ATOM   608  N  N   . HIS A 1 86  ? -6.245  -16.822 5.939   1.00 31.06 ? 179  HIS A N   1 
ATOM   609  C  CA  . HIS A 1 86  ? -5.187  -15.957 6.436   1.00 31.63 ? 179  HIS A CA  1 
ATOM   610  C  C   . HIS A 1 86  ? -5.576  -15.068 7.604   1.00 36.00 ? 179  HIS A C   1 
ATOM   611  O  O   . HIS A 1 86  ? -4.719  -14.402 8.178   1.00 37.78 ? 179  HIS A O   1 
ATOM   612  C  CB  . HIS A 1 86  ? -4.576  -15.136 5.298   1.00 31.61 ? 179  HIS A CB  1 
ATOM   613  C  CG  . HIS A 1 86  ? -3.586  -15.911 4.487   1.00 26.42 ? 179  HIS A CG  1 
ATOM   614  N  ND1 . HIS A 1 86  ? -3.800  -16.249 3.169   1.00 28.65 ? 179  HIS A ND1 1 
ATOM   615  C  CD2 . HIS A 1 86  ? -2.406  -16.477 4.833   1.00 31.08 ? 179  HIS A CD2 1 
ATOM   616  C  CE1 . HIS A 1 86  ? -2.795  -16.992 2.737   1.00 29.18 ? 179  HIS A CE1 1 
ATOM   617  N  NE2 . HIS A 1 86  ? -1.937  -17.146 3.728   1.00 30.70 ? 179  HIS A NE2 1 
ATOM   618  N  N   . GLU A 1 87  ? -6.856  -15.049 7.960   1.00 34.43 ? 180  GLU A N   1 
ATOM   619  C  CA  . GLU A 1 87  ? -7.270  -14.267 9.122   1.00 39.16 ? 180  GLU A CA  1 
ATOM   620  C  C   . GLU A 1 87  ? -6.668  -14.980 10.333  1.00 43.43 ? 180  GLU A C   1 
ATOM   621  O  O   . GLU A 1 87  ? -6.539  -14.402 11.413  1.00 44.87 ? 180  GLU A O   1 
ATOM   622  C  CB  . GLU A 1 87  ? -8.787  -14.247 9.279   1.00 36.14 ? 180  GLU A CB  1 
ATOM   623  C  CG  . GLU A 1 87  ? -9.545  -13.455 8.243   1.00 34.04 ? 180  GLU A CG  1 
ATOM   624  C  CD  . GLU A 1 87  ? -11.035 -13.412 8.555   1.00 41.34 ? 180  GLU A CD  1 
ATOM   625  O  OE1 . GLU A 1 87  ? -11.617 -14.480 8.844   1.00 44.21 ? 180  GLU A OE1 1 
ATOM   626  O  OE2 . GLU A 1 87  ? -11.629 -12.319 8.506   1.00 38.95 ? 180  GLU A OE2 1 
ATOM   627  N  N   . ARG A 1 88  ? -6.306  -16.248 10.135  1.00 47.73 ? 181  ARG A N   1 
ATOM   628  C  CA  . ARG A 1 88  ? -5.711  -17.069 11.188  1.00 53.22 ? 181  ARG A CA  1 
ATOM   629  C  C   . ARG A 1 88  ? -4.281  -17.481 10.824  1.00 58.07 ? 181  ARG A C   1 
ATOM   630  O  O   . ARG A 1 88  ? -3.558  -18.037 11.648  1.00 58.01 ? 181  ARG A O   1 
ATOM   631  C  CB  . ARG A 1 88  ? -6.577  -18.307 11.416  1.00 51.24 ? 181  ARG A CB  1 
ATOM   632  C  CG  . ARG A 1 88  ? -8.001  -17.964 11.789  1.00 44.92 ? 181  ARG A CG  1 
ATOM   633  C  CD  . ARG A 1 88  ? -8.877  -19.202 11.934  1.00 50.00 ? 181  ARG A CD  1 
ATOM   634  N  NE  . ARG A 1 88  ? -10.130 -18.876 12.610  1.00 44.87 ? 181  ARG A NE  1 
ATOM   635  C  CZ  . ARG A 1 88  ? -11.291 -19.485 12.385  1.00 48.30 ? 181  ARG A CZ  1 
ATOM   636  N  NH1 . ARG A 1 88  ? -11.372 -20.465 11.491  1.00 48.37 ? 181  ARG A NH1 1 
ATOM   637  N  NH2 . ARG A 1 88  ? -12.375 -19.102 13.049  1.00 39.31 ? 181  ARG A NH2 1 
ATOM   638  N  N   . CYS A 1 89  ? -3.887  -17.190 9.587   1.00 65.29 ? 182  CYS A N   1 
ATOM   639  C  CA  . CYS A 1 89  ? -2.554  -17.511 9.069   1.00 69.74 ? 182  CYS A CA  1 
ATOM   640  C  C   . CYS A 1 89  ? -2.331  -19.006 8.882   1.00 69.97 ? 182  CYS A C   1 
ATOM   641  O  O   . CYS A 1 89  ? -1.942  -19.448 7.798   1.00 71.72 ? 182  CYS A O   1 
ATOM   642  C  CB  . CYS A 1 89  ? -1.464  -16.933 9.982   1.00 69.66 ? 182  CYS A CB  1 
ATOM   643  S  SG  . CYS A 1 89  ? -1.182  -15.152 9.772   1.00 82.44 ? 182  CYS A SG  1 
ATOM   644  N  N   . SER A 1 92  ? 0.997   -12.674 13.291  1.00 58.17 ? 185  SER A N   1 
ATOM   645  C  CA  . SER A 1 92  ? 0.289   -11.552 13.913  1.00 61.38 ? 185  SER A CA  1 
ATOM   646  C  C   . SER A 1 92  ? 1.105   -10.811 14.977  1.00 60.66 ? 185  SER A C   1 
ATOM   647  O  O   . SER A 1 92  ? 1.795   -11.430 15.794  1.00 60.33 ? 185  SER A O   1 
ATOM   648  C  CB  . SER A 1 92  ? -1.021  -12.029 14.542  1.00 59.68 ? 185  SER A CB  1 
ATOM   649  O  OG  . SER A 1 92  ? -1.577  -11.015 15.367  1.00 61.42 ? 185  SER A OG  1 
ATOM   650  N  N   . ASP A 1 93  ? 1.002   -9.483  14.966  1.00 58.23 ? 186  ASP A N   1 
ATOM   651  C  CA  . ASP A 1 93  ? 1.715   -8.640  15.921  1.00 54.99 ? 186  ASP A CA  1 
ATOM   652  C  C   . ASP A 1 93  ? 0.814   -8.202  17.076  1.00 54.76 ? 186  ASP A C   1 
ATOM   653  O  O   . ASP A 1 93  ? 1.287   -7.625  18.061  1.00 55.09 ? 186  ASP A O   1 
ATOM   654  C  CB  . ASP A 1 93  ? 2.304   -7.400  15.212  1.00 54.49 ? 186  ASP A CB  1 
ATOM   655  C  CG  . ASP A 1 93  ? 1.257   -6.609  14.408  1.00 52.51 ? 186  ASP A CG  1 
ATOM   656  O  OD1 . ASP A 1 93  ? 0.053   -6.931  14.498  1.00 43.45 ? 186  ASP A OD1 1 
ATOM   657  O  OD2 . ASP A 1 93  ? 1.647   -5.654  13.690  1.00 45.52 ? 186  ASP A OD2 1 
ATOM   658  N  N   . GLY A 1 94  ? -0.480  -8.491  16.962  1.00 50.68 ? 187  GLY A N   1 
ATOM   659  C  CA  . GLY A 1 94  ? -1.414  -8.104  18.002  1.00 45.99 ? 187  GLY A CA  1 
ATOM   660  C  C   . GLY A 1 94  ? -1.820  -6.653  17.822  1.00 47.15 ? 187  GLY A C   1 
ATOM   661  O  O   . GLY A 1 94  ? -2.484  -6.063  18.678  1.00 47.21 ? 187  GLY A O   1 
ATOM   662  N  N   . LEU A 1 95  ? -1.403  -6.068  16.702  1.00 41.51 ? 188  LEU A N   1 
ATOM   663  C  CA  . LEU A 1 95  ? -1.732  -4.683  16.393  1.00 38.13 ? 188  LEU A CA  1 
ATOM   664  C  C   . LEU A 1 95  ? -2.686  -4.655  15.208  1.00 34.29 ? 188  LEU A C   1 
ATOM   665  O  O   . LEU A 1 95  ? -3.792  -4.106  15.289  1.00 33.30 ? 188  LEU A O   1 
ATOM   666  C  CB  . LEU A 1 95  ? -0.452  -3.914  16.065  1.00 41.04 ? 188  LEU A CB  1 
ATOM   667  C  CG  . LEU A 1 95  ? 0.538   -3.926  17.231  1.00 40.16 ? 188  LEU A CG  1 
ATOM   668  C  CD1 . LEU A 1 95  ? 1.910   -3.528  16.740  1.00 46.27 ? 188  LEU A CD1 1 
ATOM   669  C  CD2 . LEU A 1 95  ? 0.051   -2.991  18.321  1.00 36.34 ? 188  LEU A CD2 1 
ATOM   670  N  N   . ALA A 1 96  ? -2.258  -5.267  14.110  1.00 28.85 ? 189  ALA A N   1 
ATOM   671  C  CA  . ALA A 1 96  ? -3.075  -5.314  12.911  1.00 29.25 ? 189  ALA A CA  1 
ATOM   672  C  C   . ALA A 1 96  ? -4.281  -6.224  13.112  1.00 29.28 ? 189  ALA A C   1 
ATOM   673  O  O   . ALA A 1 96  ? -4.144  -7.362  13.552  1.00 31.99 ? 189  ALA A O   1 
ATOM   674  C  CB  . ALA A 1 96  ? -2.247  -5.800  11.727  1.00 25.99 ? 189  ALA A CB  1 
ATOM   675  N  N   . PRO A 1 97  ? -5.485  -5.717  12.827  1.00 29.45 ? 190  PRO A N   1 
ATOM   676  C  CA  . PRO A 1 97  ? -6.672  -6.563  12.993  1.00 29.10 ? 190  PRO A CA  1 
ATOM   677  C  C   . PRO A 1 97  ? -6.496  -7.698  11.987  1.00 31.91 ? 190  PRO A C   1 
ATOM   678  O  O   . PRO A 1 97  ? -5.987  -7.480  10.888  1.00 25.06 ? 190  PRO A O   1 
ATOM   679  C  CB  . PRO A 1 97  ? -7.817  -5.626  12.620  1.00 30.80 ? 190  PRO A CB  1 
ATOM   680  C  CG  . PRO A 1 97  ? -7.312  -4.292  13.106  1.00 29.48 ? 190  PRO A CG  1 
ATOM   681  C  CD  . PRO A 1 97  ? -5.867  -4.302  12.639  1.00 28.77 ? 190  PRO A CD  1 
ATOM   682  N  N   . PRO A 1 98  ? -6.911  -8.924  12.347  1.00 29.87 ? 191  PRO A N   1 
ATOM   683  C  CA  . PRO A 1 98  ? -6.764  -10.067 11.439  1.00 29.28 ? 191  PRO A CA  1 
ATOM   684  C  C   . PRO A 1 98  ? -7.354  -9.935  10.036  1.00 22.68 ? 191  PRO A C   1 
ATOM   685  O  O   . PRO A 1 98  ? -6.888  -10.606 9.109   1.00 26.15 ? 191  PRO A O   1 
ATOM   686  C  CB  . PRO A 1 98  ? -7.371  -11.232 12.243  1.00 30.04 ? 191  PRO A CB  1 
ATOM   687  C  CG  . PRO A 1 98  ? -8.355  -10.548 13.144  1.00 32.69 ? 191  PRO A CG  1 
ATOM   688  C  CD  . PRO A 1 98  ? -7.620  -9.309  13.583  1.00 29.16 ? 191  PRO A CD  1 
ATOM   689  N  N   . GLN A 1 99  ? -8.379  -9.099  9.870   1.00 23.52 ? 192  GLN A N   1 
ATOM   690  C  CA  . GLN A 1 99  ? -8.997  -8.890  8.561   1.00 22.44 ? 192  GLN A CA  1 
ATOM   691  C  C   . GLN A 1 99  ? -8.189  -7.945  7.633   1.00 26.20 ? 192  GLN A C   1 
ATOM   692  O  O   . GLN A 1 99  ? -8.401  -7.906  6.420   1.00 20.19 ? 192  GLN A O   1 
ATOM   693  C  CB  . GLN A 1 99  ? -10.390 -8.288  8.723   1.00 30.32 ? 192  GLN A CB  1 
ATOM   694  C  CG  . GLN A 1 99  ? -11.338 -9.040  9.646   1.00 36.83 ? 192  GLN A CG  1 
ATOM   695  C  CD  . GLN A 1 99  ? -10.975 -8.916  11.128  1.00 45.53 ? 192  GLN A CD  1 
ATOM   696  O  OE1 . GLN A 1 99  ? -10.400 -7.911  11.577  1.00 35.77 ? 192  GLN A OE1 1 
ATOM   697  N  NE2 . GLN A 1 99  ? -11.333 -9.937  11.902  1.00 49.74 ? 192  GLN A NE2 1 
ATOM   698  N  N   . HIS A 1 100 ? -7.285  -7.170  8.210   1.00 21.45 ? 193  HIS A N   1 
ATOM   699  C  CA  . HIS A 1 100 ? -6.501  -6.219  7.414   1.00 20.72 ? 193  HIS A CA  1 
ATOM   700  C  C   . HIS A 1 100 ? -5.407  -6.811  6.512   1.00 19.14 ? 193  HIS A C   1 
ATOM   701  O  O   . HIS A 1 100 ? -4.494  -7.522  6.964   1.00 20.61 ? 193  HIS A O   1 
ATOM   702  C  CB  . HIS A 1 100 ? -5.869  -5.174  8.340   1.00 17.96 ? 193  HIS A CB  1 
ATOM   703  C  CG  . HIS A 1 100 ? -6.829  -4.141  8.836   1.00 23.43 ? 193  HIS A CG  1 
ATOM   704  N  ND1 . HIS A 1 100 ? -6.531  -2.793  8.839   1.00 17.31 ? 193  HIS A ND1 1 
ATOM   705  C  CD2 . HIS A 1 100 ? -8.059  -4.256  9.398   1.00 22.79 ? 193  HIS A CD2 1 
ATOM   706  C  CE1 . HIS A 1 100 ? -7.531  -2.122  9.389   1.00 20.19 ? 193  HIS A CE1 1 
ATOM   707  N  NE2 . HIS A 1 100 ? -8.471  -2.988  9.738   1.00 19.49 ? 193  HIS A NE2 1 
ATOM   708  N  N   . LEU A 1 101 ? -5.487  -6.489  5.230   1.00 15.35 ? 194  LEU A N   1 
ATOM   709  C  CA  . LEU A 1 101 ? -4.486  -6.972  4.274   1.00 18.67 ? 194  LEU A CA  1 
ATOM   710  C  C   . LEU A 1 101 ? -3.123  -6.318  4.477   1.00 18.05 ? 194  LEU A C   1 
ATOM   711  O  O   . LEU A 1 101 ? -2.099  -6.998  4.486   1.00 18.14 ? 194  LEU A O   1 
ATOM   712  C  CB  . LEU A 1 101 ? -4.935  -6.708  2.835   1.00 16.43 ? 194  LEU A CB  1 
ATOM   713  C  CG  . LEU A 1 101 ? -3.843  -7.002  1.776   1.00 23.57 ? 194  LEU A CG  1 
ATOM   714  C  CD1 . LEU A 1 101 ? -3.570  -8.511  1.697   1.00 22.13 ? 194  LEU A CD1 1 
ATOM   715  C  CD2 . LEU A 1 101 ? -4.269  -6.463  0.395   1.00 22.30 ? 194  LEU A CD2 1 
ATOM   716  N  N   . ILE A 1 102 ? -3.135  -4.999  4.673   1.00 14.48 ? 195  ILE A N   1 
ATOM   717  C  CA  . ILE A 1 102 ? -1.911  -4.226  4.798   1.00 15.41 ? 195  ILE A CA  1 
ATOM   718  C  C   . ILE A 1 102 ? -1.536  -3.914  6.224   1.00 17.72 ? 195  ILE A C   1 
ATOM   719  O  O   . ILE A 1 102 ? -2.322  -3.341  6.985   1.00 19.70 ? 195  ILE A O   1 
ATOM   720  C  CB  . ILE A 1 102 ? -2.037  -2.876  4.030   1.00 16.29 ? 195  ILE A CB  1 
ATOM   721  C  CG1 . ILE A 1 102 ? -2.423  -3.134  2.562   1.00 19.65 ? 195  ILE A CG1 1 
ATOM   722  C  CG2 . ILE A 1 102 ? -0.690  -2.131  4.071   1.00 17.60 ? 195  ILE A CG2 1 
ATOM   723  C  CD1 . ILE A 1 102 ? -2.582  -1.856  1.705   1.00 21.76 ? 195  ILE A CD1 1 
ATOM   724  N  N   . ARG A 1 103 ? -0.319  -4.298  6.575   1.00 17.80 ? 196  ARG A N   1 
ATOM   725  C  CA  . ARG A 1 103 ? 0.226   -4.064  7.888   1.00 17.44 ? 196  ARG A CA  1 
ATOM   726  C  C   . ARG A 1 103 ? 1.474   -3.194  7.724   1.00 22.74 ? 196  ARG A C   1 
ATOM   727  O  O   . ARG A 1 103 ? 2.127   -3.207  6.682   1.00 18.88 ? 196  ARG A O   1 
ATOM   728  C  CB  . ARG A 1 103 ? 0.596   -5.413  8.515   1.00 27.89 ? 196  ARG A CB  1 
ATOM   729  C  CG  . ARG A 1 103 ? 1.519   -5.367  9.723   1.00 33.36 ? 196  ARG A CG  1 
ATOM   730  C  CD  . ARG A 1 103 ? 1.660   -6.769  10.350  1.00 36.40 ? 196  ARG A CD  1 
ATOM   731  N  NE  . ARG A 1 103 ? 2.712   -7.583  9.733   1.00 36.59 ? 196  ARG A NE  1 
ATOM   732  C  CZ  . ARG A 1 103 ? 2.969   -8.852  10.055  1.00 42.99 ? 196  ARG A CZ  1 
ATOM   733  N  NH1 . ARG A 1 103 ? 2.242   -9.469  10.985  1.00 39.69 ? 196  ARG A NH1 1 
ATOM   734  N  NH2 . ARG A 1 103 ? 3.973   -9.502  9.467   1.00 38.89 ? 196  ARG A NH2 1 
ATOM   735  N  N   . VAL A 1 104 ? 1.773   -2.399  8.734   1.00 17.53 ? 197  VAL A N   1 
ATOM   736  C  CA  . VAL A 1 104 ? 2.997   -1.627  8.703   1.00 19.52 ? 197  VAL A CA  1 
ATOM   737  C  C   . VAL A 1 104 ? 3.949   -2.315  9.669   1.00 21.46 ? 197  VAL A C   1 
ATOM   738  O  O   . VAL A 1 104 ? 3.565   -2.690  10.779  1.00 23.95 ? 197  VAL A O   1 
ATOM   739  C  CB  . VAL A 1 104 ? 2.794   -0.180  9.166   1.00 22.36 ? 197  VAL A CB  1 
ATOM   740  C  CG1 . VAL A 1 104 ? 4.150   0.456   9.453   1.00 22.26 ? 197  VAL A CG1 1 
ATOM   741  C  CG2 . VAL A 1 104 ? 2.063   0.617   8.079   1.00 17.19 ? 197  VAL A CG2 1 
ATOM   742  N  N   . GLU A 1 105 ? 5.202   -2.464  9.246   1.00 21.41 ? 198  GLU A N   1 
ATOM   743  C  CA  . GLU A 1 105 ? 6.233   -3.084  10.062  1.00 26.25 ? 198  GLU A CA  1 
ATOM   744  C  C   . GLU A 1 105 ? 7.208   -2.013  10.560  1.00 26.45 ? 198  GLU A C   1 
ATOM   745  O  O   . GLU A 1 105 ? 7.496   -1.052  9.851   1.00 23.46 ? 198  GLU A O   1 
ATOM   746  C  CB  . GLU A 1 105 ? 6.960   -4.133  9.197   1.00 24.40 ? 198  GLU A CB  1 
ATOM   747  C  CG  . GLU A 1 105 ? 8.389   -4.442  9.598   1.00 34.50 ? 198  GLU A CG  1 
ATOM   748  C  CD  . GLU A 1 105 ? 9.051   -5.460  8.671   1.00 38.12 ? 198  GLU A CD  1 
ATOM   749  O  OE1 . GLU A 1 105 ? 8.579   -5.650  7.521   1.00 28.85 ? 198  GLU A OE1 1 
ATOM   750  O  OE2 . GLU A 1 105 ? 10.060  -6.070  9.095   1.00 45.51 ? 198  GLU A OE2 1 
ATOM   751  N  N   . GLY A 1 106 ? 7.678   -2.147  11.793  1.00 23.07 ? 199  GLY A N   1 
ATOM   752  C  CA  . GLY A 1 106 ? 8.661   -1.210  12.311  1.00 30.40 ? 199  GLY A CA  1 
ATOM   753  C  C   . GLY A 1 106 ? 8.261   0.217   12.650  1.00 30.95 ? 199  GLY A C   1 
ATOM   754  O  O   . GLY A 1 106 ? 9.106   1.113   12.624  1.00 31.50 ? 199  GLY A O   1 
ATOM   755  N  N   . ASN A 1 107 ? 6.989   0.445   12.965  1.00 23.69 ? 200  ASN A N   1 
ATOM   756  C  CA  . ASN A 1 107 ? 6.541   1.783   13.329  1.00 20.70 ? 200  ASN A CA  1 
ATOM   757  C  C   . ASN A 1 107 ? 5.671   1.636   14.584  1.00 19.61 ? 200  ASN A C   1 
ATOM   758  O  O   . ASN A 1 107 ? 4.657   0.951   14.566  1.00 22.31 ? 200  ASN A O   1 
ATOM   759  C  CB  . ASN A 1 107 ? 5.739   2.417   12.190  1.00 22.97 ? 200  ASN A CB  1 
ATOM   760  C  CG  . ASN A 1 107 ? 5.464   3.905   12.427  1.00 22.95 ? 200  ASN A CG  1 
ATOM   761  O  OD1 . ASN A 1 107 ? 4.872   4.292   13.437  1.00 20.21 ? 200  ASN A OD1 1 
ATOM   762  N  ND2 . ASN A 1 107 ? 5.900   4.742   11.495  1.00 20.84 ? 200  ASN A ND2 1 
ATOM   763  N  N   . LEU A 1 108 ? 6.063   2.300   15.660  1.00 17.39 ? 201  LEU A N   1 
ATOM   764  C  CA  . LEU A 1 108 ? 5.331   2.182   16.915  1.00 19.20 ? 201  LEU A CA  1 
ATOM   765  C  C   . LEU A 1 108 ? 4.046   2.970   16.947  1.00 18.01 ? 201  LEU A C   1 
ATOM   766  O  O   . LEU A 1 108 ? 3.305   2.893   17.920  1.00 20.25 ? 201  LEU A O   1 
ATOM   767  C  CB  . LEU A 1 108 ? 6.199   2.657   18.081  1.00 20.24 ? 201  LEU A CB  1 
ATOM   768  C  CG  . LEU A 1 108 ? 7.538   1.929   18.253  1.00 27.93 ? 201  LEU A CG  1 
ATOM   769  C  CD1 . LEU A 1 108 ? 8.216   2.475   19.491  1.00 31.18 ? 201  LEU A CD1 1 
ATOM   770  C  CD2 . LEU A 1 108 ? 7.326   0.429   18.403  1.00 31.23 ? 201  LEU A CD2 1 
ATOM   771  N  N   . ARG A 1 109 ? 3.770   3.720   15.890  1.00 19.30 ? 202  ARG A N   1 
ATOM   772  C  CA  . ARG A 1 109 ? 2.572   4.546   15.897  1.00 19.80 ? 202  ARG A CA  1 
ATOM   773  C  C   . ARG A 1 109 ? 1.563   4.244   14.789  1.00 18.63 ? 202  ARG A C   1 
ATOM   774  O  O   . ARG A 1 109 ? 0.831   5.124   14.345  1.00 17.77 ? 202  ARG A O   1 
ATOM   775  C  CB  . ARG A 1 109 ? 2.994   6.035   15.914  1.00 21.87 ? 202  ARG A CB  1 
ATOM   776  C  CG  . ARG A 1 109 ? 3.555   6.478   17.303  1.00 22.33 ? 202  ARG A CG  1 
ATOM   777  C  CD  . ARG A 1 109 ? 2.464   6.253   18.379  1.00 33.38 ? 202  ARG A CD  1 
ATOM   778  N  NE  . ARG A 1 109 ? 2.797   6.697   19.740  1.00 35.32 ? 202  ARG A NE  1 
ATOM   779  C  CZ  . ARG A 1 109 ? 3.133   5.871   20.731  1.00 32.18 ? 202  ARG A CZ  1 
ATOM   780  N  NH1 . ARG A 1 109 ? 3.188   4.557   20.519  1.00 32.20 ? 202  ARG A NH1 1 
ATOM   781  N  NH2 . ARG A 1 109 ? 3.401   6.348   21.938  1.00 35.28 ? 202  ARG A NH2 1 
ATOM   782  N  N   . ALA A 1 110 ? 1.504   2.981   14.377  1.00 17.09 ? 203  ALA A N   1 
ATOM   783  C  CA  . ALA A 1 110 ? 0.562   2.568   13.338  1.00 17.84 ? 203  ALA A CA  1 
ATOM   784  C  C   . ALA A 1 110 ? -0.875  2.530   13.876  1.00 19.08 ? 203  ALA A C   1 
ATOM   785  O  O   . ALA A 1 110 ? -1.114  1.982   14.940  1.00 19.72 ? 203  ALA A O   1 
ATOM   786  C  CB  . ALA A 1 110 ? 0.943   1.198   12.832  1.00 18.14 ? 203  ALA A CB  1 
ATOM   787  N  N   . GLU A 1 111 ? -1.821  3.110   13.136  1.00 16.48 ? 204  GLU A N   1 
ATOM   788  C  CA  . GLU A 1 111 ? -3.239  3.087   13.515  1.00 15.94 ? 204  GLU A CA  1 
ATOM   789  C  C   . GLU A 1 111 ? -3.950  2.232   12.490  1.00 20.29 ? 204  GLU A C   1 
ATOM   790  O  O   . GLU A 1 111 ? -3.756  2.420   11.288  1.00 16.37 ? 204  GLU A O   1 
ATOM   791  C  CB  . GLU A 1 111 ? -3.852  4.491   13.474  1.00 15.83 ? 204  GLU A CB  1 
ATOM   792  C  CG  . GLU A 1 111 ? -3.268  5.430   14.510  1.00 16.48 ? 204  GLU A CG  1 
ATOM   793  C  CD  . GLU A 1 111 ? -3.792  6.853   14.381  1.00 15.61 ? 204  GLU A CD  1 
ATOM   794  O  OE1 . GLU A 1 111 ? -4.919  7.071   13.863  1.00 22.08 ? 204  GLU A OE1 1 
ATOM   795  O  OE2 . GLU A 1 111 ? -3.063  7.761   14.798  1.00 20.02 ? 204  GLU A OE2 1 
ATOM   796  N  N   . TYR A 1 112 ? -4.762  1.288   12.953  1.00 15.46 ? 205  TYR A N   1 
ATOM   797  C  CA  . TYR A 1 112 ? -5.512  0.443   12.020  1.00 13.95 ? 205  TYR A CA  1 
ATOM   798  C  C   . TYR A 1 112 ? -6.963  0.901   12.106  1.00 20.15 ? 205  TYR A C   1 
ATOM   799  O  O   . TYR A 1 112 ? -7.587  0.892   13.172  1.00 16.63 ? 205  TYR A O   1 
ATOM   800  C  CB  . TYR A 1 112 ? -5.330  -1.020  12.389  1.00 15.00 ? 205  TYR A CB  1 
ATOM   801  C  CG  . TYR A 1 112 ? -3.920  -1.480  12.096  1.00 13.03 ? 205  TYR A CG  1 
ATOM   802  C  CD1 . TYR A 1 112 ? -3.581  -1.969  10.825  1.00 14.92 ? 205  TYR A CD1 1 
ATOM   803  C  CD2 . TYR A 1 112 ? -2.907  -1.364  13.057  1.00 17.76 ? 205  TYR A CD2 1 
ATOM   804  C  CE1 . TYR A 1 112 ? -2.275  -2.321  10.508  1.00 14.24 ? 205  TYR A CE1 1 
ATOM   805  C  CE2 . TYR A 1 112 ? -1.590  -1.718  12.750  1.00 16.99 ? 205  TYR A CE2 1 
ATOM   806  C  CZ  . TYR A 1 112 ? -1.288  -2.195  11.467  1.00 18.48 ? 205  TYR A CZ  1 
ATOM   807  O  OH  . TYR A 1 112 ? -0.008  -2.543  11.150  1.00 18.81 ? 205  TYR A OH  1 
ATOM   808  N  N   . LEU A 1 113 ? -7.481  1.309   10.958  1.00 13.68 ? 206  LEU A N   1 
ATOM   809  C  CA  . LEU A 1 113 ? -8.801  1.901   10.855  1.00 17.49 ? 206  LEU A CA  1 
ATOM   810  C  C   . LEU A 1 113 ? -9.773  1.192   9.942   1.00 21.40 ? 206  LEU A C   1 
ATOM   811  O  O   . LEU A 1 113 ? -9.381  0.591   8.929   1.00 19.21 ? 206  LEU A O   1 
ATOM   812  C  CB  . LEU A 1 113 ? -8.630  3.365   10.393  1.00 16.42 ? 206  LEU A CB  1 
ATOM   813  C  CG  . LEU A 1 113 ? -7.631  4.162   11.256  1.00 21.43 ? 206  LEU A CG  1 
ATOM   814  C  CD1 . LEU A 1 113 ? -7.340  5.507   10.608  1.00 22.46 ? 206  LEU A CD1 1 
ATOM   815  C  CD2 . LEU A 1 113 ? -8.203  4.356   12.673  1.00 15.08 ? 206  LEU A CD2 1 
ATOM   816  N  N   . ASP A 1 114 ? -11.052 1.275   10.312  1.00 22.07 ? 207  ASP A N   1 
ATOM   817  C  CA  . ASP A 1 114 ? -12.135 0.686   9.529   1.00 27.18 ? 207  ASP A CA  1 
ATOM   818  C  C   . ASP A 1 114 ? -13.156 1.806   9.312   1.00 29.28 ? 207  ASP A C   1 
ATOM   819  O  O   . ASP A 1 114 ? -13.642 2.420   10.276  1.00 30.53 ? 207  ASP A O   1 
ATOM   820  C  CB  . ASP A 1 114 ? -12.758 -0.490  10.284  1.00 32.23 ? 207  ASP A CB  1 
ATOM   821  C  CG  . ASP A 1 114 ? -11.715 -1.517  10.721  1.00 45.20 ? 207  ASP A CG  1 
ATOM   822  O  OD1 . ASP A 1 114 ? -10.983 -1.257  11.698  1.00 55.83 ? 207  ASP A OD1 1 
ATOM   823  O  OD2 . ASP A 1 114 ? -11.606 -2.577  10.082  1.00 48.74 ? 207  ASP A OD2 1 
ATOM   824  N  N   . ASP A 1 115 ? -13.467 2.103   8.056   1.00 23.64 ? 208  ASP A N   1 
ATOM   825  C  CA  . ASP A 1 115 ? -14.402 3.182   7.766   1.00 24.49 ? 208  ASP A CA  1 
ATOM   826  C  C   . ASP A 1 115 ? -15.813 2.789   8.212   1.00 26.90 ? 208  ASP A C   1 
ATOM   827  O  O   . ASP A 1 115 ? -16.281 1.677   7.952   1.00 24.99 ? 208  ASP A O   1 
ATOM   828  C  CB  . ASP A 1 115 ? -14.369 3.524   6.279   1.00 29.44 ? 208  ASP A CB  1 
ATOM   829  C  CG  . ASP A 1 115 ? -15.065 4.827   5.965   1.00 35.49 ? 208  ASP A CG  1 
ATOM   830  O  OD1 . ASP A 1 115 ? -16.317 4.867   5.974   1.00 36.81 ? 208  ASP A OD1 1 
ATOM   831  O  OD2 . ASP A 1 115 ? -14.350 5.820   5.715   1.00 43.94 ? 208  ASP A OD2 1 
ATOM   832  N  N   . ARG A 1 116 ? -16.467 3.719   8.899   1.00 32.39 ? 209  ARG A N   1 
ATOM   833  C  CA  . ARG A 1 116 ? -17.811 3.528   9.436   1.00 38.60 ? 209  ARG A CA  1 
ATOM   834  C  C   . ARG A 1 116 ? -18.861 3.175   8.393   1.00 37.68 ? 209  ARG A C   1 
ATOM   835  O  O   . ARG A 1 116 ? -19.698 2.297   8.614   1.00 39.29 ? 209  ARG A O   1 
ATOM   836  C  CB  . ARG A 1 116 ? -18.242 4.805   10.177  1.00 45.71 ? 209  ARG A CB  1 
ATOM   837  C  CG  . ARG A 1 116 ? -18.523 4.619   11.657  1.00 54.23 ? 209  ARG A CG  1 
ATOM   838  C  CD  . ARG A 1 116 ? -19.957 4.197   11.910  1.00 56.64 ? 209  ARG A CD  1 
ATOM   839  N  NE  . ARG A 1 116 ? -20.143 3.689   13.268  1.00 61.23 ? 209  ARG A NE  1 
ATOM   840  C  CZ  . ARG A 1 116 ? -21.304 3.269   13.761  1.00 60.90 ? 209  ARG A CZ  1 
ATOM   841  N  NH1 . ARG A 1 116 ? -22.399 3.300   13.011  1.00 59.97 ? 209  ARG A NH1 1 
ATOM   842  N  NH2 . ARG A 1 116 ? -21.367 2.794   14.999  1.00 62.66 ? 209  ARG A NH2 1 
ATOM   843  N  N   . ASN A 1 117 ? -18.814 3.857   7.257   1.00 38.74 ? 210  ASN A N   1 
ATOM   844  C  CA  . ASN A 1 117 ? -19.799 3.630   6.207   1.00 38.11 ? 210  ASN A CA  1 
ATOM   845  C  C   . ASN A 1 117 ? -19.411 2.688   5.081   1.00 34.86 ? 210  ASN A C   1 
ATOM   846  O  O   . ASN A 1 117 ? -20.250 1.952   4.565   1.00 33.07 ? 210  ASN A O   1 
ATOM   847  C  CB  . ASN A 1 117 ? -20.208 4.965   5.598   1.00 40.16 ? 210  ASN A CB  1 
ATOM   848  C  CG  . ASN A 1 117 ? -20.677 5.953   6.641   1.00 46.48 ? 210  ASN A CG  1 
ATOM   849  O  OD1 . ASN A 1 117 ? -19.879 6.493   7.409   1.00 46.35 ? 210  ASN A OD1 1 
ATOM   850  N  ND2 . ASN A 1 117 ? -21.981 6.184   6.685   1.00 52.22 ? 210  ASN A ND2 1 
ATOM   851  N  N   . THR A 1 118 ? -18.139 2.703   4.700   1.00 30.14 ? 211  THR A N   1 
ATOM   852  C  CA  . THR A 1 118 ? -17.681 1.879   3.595   1.00 26.95 ? 211  THR A CA  1 
ATOM   853  C  C   . THR A 1 118 ? -17.101 0.553   4.038   1.00 23.86 ? 211  THR A C   1 
ATOM   854  O  O   . THR A 1 118 ? -16.981 -0.356  3.233   1.00 24.51 ? 211  THR A O   1 
ATOM   855  C  CB  . THR A 1 118 ? -16.608 2.616   2.773   1.00 30.13 ? 211  THR A CB  1 
ATOM   856  O  OG1 . THR A 1 118 ? -15.373 2.613   3.496   1.00 25.74 ? 211  THR A OG1 1 
ATOM   857  C  CG2 . THR A 1 118 ? -17.026 4.053   2.527   1.00 32.26 ? 211  THR A CG2 1 
ATOM   858  N  N   . PHE A 1 119 ? -16.737 0.461   5.320   1.00 23.02 ? 212  PHE A N   1 
ATOM   859  C  CA  . PHE A 1 119 ? -16.146 -0.746  5.899   1.00 19.23 ? 212  PHE A CA  1 
ATOM   860  C  C   . PHE A 1 119 ? -14.733 -1.005  5.378   1.00 21.03 ? 212  PHE A C   1 
ATOM   861  O  O   . PHE A 1 119 ? -14.150 -2.039  5.679   1.00 22.23 ? 212  PHE A O   1 
ATOM   862  C  CB  . PHE A 1 119 ? -17.030 -1.969  5.641   1.00 26.57 ? 212  PHE A CB  1 
ATOM   863  C  CG  . PHE A 1 119 ? -18.305 -1.968  6.453   1.00 27.59 ? 212  PHE A CG  1 
ATOM   864  C  CD1 . PHE A 1 119 ? -19.412 -1.246  6.018   1.00 31.96 ? 212  PHE A CD1 1 
ATOM   865  C  CD2 . PHE A 1 119 ? -18.369 -2.633  7.683   1.00 31.91 ? 212  PHE A CD2 1 
ATOM   866  C  CE1 . PHE A 1 119 ? -20.575 -1.172  6.795   1.00 36.16 ? 212  PHE A CE1 1 
ATOM   867  C  CE2 . PHE A 1 119 ? -19.534 -2.571  8.473   1.00 34.62 ? 212  PHE A CE2 1 
ATOM   868  C  CZ  . PHE A 1 119 ? -20.633 -1.835  8.023   1.00 32.98 ? 212  PHE A CZ  1 
ATOM   869  N  N   . ARG A 1 120 ? -14.170 -0.054  4.633   1.00 19.11 ? 213  ARG A N   1 
ATOM   870  C  CA  . ARG A 1 120 ? -12.817 -0.264  4.110   1.00 17.42 ? 213  ARG A CA  1 
ATOM   871  C  C   . ARG A 1 120 ? -11.767 -0.108  5.195   1.00 18.75 ? 213  ARG A C   1 
ATOM   872  O  O   . ARG A 1 120 ? -11.889 0.745   6.101   1.00 17.50 ? 213  ARG A O   1 
ATOM   873  C  CB  . ARG A 1 120 ? -12.530 0.700   2.951   1.00 20.54 ? 213  ARG A CB  1 
ATOM   874  C  CG  . ARG A 1 120 ? -13.318 0.357   1.670   1.00 26.36 ? 213  ARG A CG  1 
ATOM   875  C  CD  . ARG A 1 120 ? -13.015 1.346   0.570   1.00 24.68 ? 213  ARG A CD  1 
ATOM   876  N  NE  . ARG A 1 120 ? -13.916 1.213   -0.573  1.00 28.87 ? 213  ARG A NE  1 
ATOM   877  C  CZ  . ARG A 1 120 ? -13.825 0.269   -1.505  1.00 28.05 ? 213  ARG A CZ  1 
ATOM   878  N  NH1 . ARG A 1 120 ? -12.869 -0.650  -1.440  1.00 24.13 ? 213  ARG A NH1 1 
ATOM   879  N  NH2 . ARG A 1 120 ? -14.684 0.262   -2.523  1.00 31.61 ? 213  ARG A NH2 1 
ATOM   880  N  N   . HIS A 1 121 ? -10.727 -0.934  5.092   1.00 16.69 ? 214  HIS A N   1 
ATOM   881  C  CA  . HIS A 1 121 ? -9.623  -0.926  6.038   1.00 15.08 ? 214  HIS A CA  1 
ATOM   882  C  C   . HIS A 1 121 ? -8.505  -0.035  5.552   1.00 16.16 ? 214  HIS A C   1 
ATOM   883  O  O   . HIS A 1 121 ? -8.324  0.146   4.357   1.00 16.11 ? 214  HIS A O   1 
ATOM   884  C  CB  . HIS A 1 121 ? -9.033  -2.326  6.172   1.00 17.03 ? 214  HIS A CB  1 
ATOM   885  C  CG  . HIS A 1 121 ? -10.044 -3.360  6.545   1.00 25.16 ? 214  HIS A CG  1 
ATOM   886  N  ND1 . HIS A 1 121 ? -9.958  -4.672  6.131   1.00 32.45 ? 214  HIS A ND1 1 
ATOM   887  C  CD2 . HIS A 1 121 ? -11.159 -3.273  7.304   1.00 21.34 ? 214  HIS A CD2 1 
ATOM   888  C  CE1 . HIS A 1 121 ? -10.983 -5.352  6.618   1.00 33.07 ? 214  HIS A CE1 1 
ATOM   889  N  NE2 . HIS A 1 121 ? -11.727 -4.527  7.333   1.00 25.93 ? 214  HIS A NE2 1 
ATOM   890  N  N   . SER A 1 122 ? -7.758  0.503   6.492   1.00 14.05 ? 215  SER A N   1 
ATOM   891  C  CA  . SER A 1 122 ? -6.573  1.297   6.130   1.00 15.37 ? 215  SER A CA  1 
ATOM   892  C  C   . SER A 1 122 ? -5.637  1.338   7.322   1.00 14.39 ? 215  SER A C   1 
ATOM   893  O  O   . SER A 1 122 ? -6.045  1.058   8.457   1.00 14.54 ? 215  SER A O   1 
ATOM   894  C  CB  . SER A 1 122 ? -6.954  2.725   5.649   1.00 17.07 ? 215  SER A CB  1 
ATOM   895  O  OG  . SER A 1 122 ? -7.619  3.495   6.627   1.00 16.60 ? 215  SER A OG  1 
ATOM   896  N  N   . VAL A 1 123 ? -4.363  1.617   7.062   1.00 13.67 ? 216  VAL A N   1 
ATOM   897  C  CA  . VAL A 1 123 ? -3.388  1.732   8.134   1.00 13.67 ? 216  VAL A CA  1 
ATOM   898  C  C   . VAL A 1 123 ? -2.714  3.088   7.941   1.00 13.15 ? 216  VAL A C   1 
ATOM   899  O  O   . VAL A 1 123 ? -2.302  3.441   6.833   1.00 15.27 ? 216  VAL A O   1 
ATOM   900  C  CB  . VAL A 1 123 ? -2.371  0.550   8.138   1.00 14.65 ? 216  VAL A CB  1 
ATOM   901  C  CG1 . VAL A 1 123 ? -1.664  0.408   6.775   1.00 16.87 ? 216  VAL A CG1 1 
ATOM   902  C  CG2 . VAL A 1 123 ? -1.339  0.744   9.274   1.00 13.72 ? 216  VAL A CG2 1 
ATOM   903  N  N   . VAL A 1 124 ? -2.644  3.839   9.028   1.00 13.52 ? 217  VAL A N   1 
ATOM   904  C  CA  . VAL A 1 124 ? -2.070  5.177   9.012   1.00 15.87 ? 217  VAL A CA  1 
ATOM   905  C  C   . VAL A 1 124 ? -0.872  5.316   9.956   1.00 18.01 ? 217  VAL A C   1 
ATOM   906  O  O   . VAL A 1 124 ? -0.861  4.766   11.058  1.00 16.73 ? 217  VAL A O   1 
ATOM   907  C  CB  . VAL A 1 124 ? -3.150  6.216   9.451   1.00 15.36 ? 217  VAL A CB  1 
ATOM   908  C  CG1 . VAL A 1 124 ? -2.549  7.643   9.501   1.00 17.24 ? 217  VAL A CG1 1 
ATOM   909  C  CG2 . VAL A 1 124 ? -4.350  6.180   8.509   1.00 18.21 ? 217  VAL A CG2 1 
ATOM   910  N  N   . VAL A 1 125 ? 0.154   6.029   9.507   1.00 15.59 ? 218  VAL A N   1 
ATOM   911  C  CA  . VAL A 1 125 ? 1.278   6.330   10.387  1.00 16.67 ? 218  VAL A CA  1 
ATOM   912  C  C   . VAL A 1 125 ? 1.562   7.822   10.244  1.00 17.83 ? 218  VAL A C   1 
ATOM   913  O  O   . VAL A 1 125 ? 1.205   8.446   9.255   1.00 15.35 ? 218  VAL A O   1 
ATOM   914  C  CB  . VAL A 1 125 ? 2.581   5.596   10.027  1.00 15.17 ? 218  VAL A CB  1 
ATOM   915  C  CG1 . VAL A 1 125 ? 2.400   4.071   10.264  1.00 17.28 ? 218  VAL A CG1 1 
ATOM   916  C  CG2 . VAL A 1 125 ? 2.991   5.905   8.584   1.00 15.77 ? 218  VAL A CG2 1 
ATOM   917  N  N   . PRO A 1 126 ? 2.185   8.412   11.253  1.00 17.07 ? 219  PRO A N   1 
ATOM   918  C  CA  . PRO A 1 126 ? 2.502   9.845   11.173  1.00 17.74 ? 219  PRO A CA  1 
ATOM   919  C  C   . PRO A 1 126 ? 3.579   10.019  10.108  1.00 16.26 ? 219  PRO A C   1 
ATOM   920  O  O   . PRO A 1 126 ? 4.416   9.127   9.912   1.00 19.61 ? 219  PRO A O   1 
ATOM   921  C  CB  . PRO A 1 126 ? 3.042   10.159  12.567  1.00 21.00 ? 219  PRO A CB  1 
ATOM   922  C  CG  . PRO A 1 126 ? 2.361   9.129   13.449  1.00 23.66 ? 219  PRO A CG  1 
ATOM   923  C  CD  . PRO A 1 126 ? 2.431   7.878   12.604  1.00 16.15 ? 219  PRO A CD  1 
ATOM   924  N  N   . TYR A 1 127 ? 3.525   11.133  9.389   1.00 16.11 ? 220  TYR A N   1 
ATOM   925  C  CA  . TYR A 1 127 ? 4.518   11.420  8.366   1.00 16.69 ? 220  TYR A CA  1 
ATOM   926  C  C   . TYR A 1 127 ? 5.795   11.868  9.073   1.00 17.96 ? 220  TYR A C   1 
ATOM   927  O  O   . TYR A 1 127 ? 5.732   12.708  9.974   1.00 21.21 ? 220  TYR A O   1 
ATOM   928  C  CB  . TYR A 1 127 ? 4.070   12.572  7.456   1.00 18.47 ? 220  TYR A CB  1 
ATOM   929  C  CG  . TYR A 1 127 ? 5.217   13.063  6.576   1.00 17.25 ? 220  TYR A CG  1 
ATOM   930  C  CD1 . TYR A 1 127 ? 5.551   12.401  5.402   1.00 19.17 ? 220  TYR A CD1 1 
ATOM   931  C  CD2 . TYR A 1 127 ? 6.016   14.141  6.978   1.00 24.35 ? 220  TYR A CD2 1 
ATOM   932  C  CE1 . TYR A 1 127 ? 6.666   12.789  4.630   1.00 18.24 ? 220  TYR A CE1 1 
ATOM   933  C  CE2 . TYR A 1 127 ? 7.123   14.538  6.217   1.00 22.26 ? 220  TYR A CE2 1 
ATOM   934  C  CZ  . TYR A 1 127 ? 7.438   13.864  5.057   1.00 22.62 ? 220  TYR A CZ  1 
ATOM   935  O  OH  . TYR A 1 127 ? 8.536   14.263  4.314   1.00 25.00 ? 220  TYR A OH  1 
ATOM   936  N  N   . GLU A 1 128 ? 6.929   11.310  8.657   1.00 20.11 ? 221  GLU A N   1 
ATOM   937  C  CA  . GLU A 1 128 ? 8.228   11.685  9.228   1.00 27.91 ? 221  GLU A CA  1 
ATOM   938  C  C   . GLU A 1 128 ? 9.118   12.169  8.090   1.00 23.48 ? 221  GLU A C   1 
ATOM   939  O  O   . GLU A 1 128 ? 9.099   11.597  6.992   1.00 24.44 ? 221  GLU A O   1 
ATOM   940  C  CB  . GLU A 1 128 ? 8.922   10.483  9.881   1.00 28.94 ? 221  GLU A CB  1 
ATOM   941  C  CG  . GLU A 1 128 ? 8.190   9.842   11.056  1.00 42.18 ? 221  GLU A CG  1 
ATOM   942  C  CD  . GLU A 1 128 ? 8.898   8.574   11.543  1.00 50.87 ? 221  GLU A CD  1 
ATOM   943  O  OE1 . GLU A 1 128 ? 10.010  8.284   11.046  1.00 59.96 ? 221  GLU A OE1 1 
ATOM   944  O  OE2 . GLU A 1 128 ? 8.349   7.864   12.415  1.00 55.66 ? 221  GLU A OE2 1 
ATOM   945  N  N   . PRO A 1 129 ? 9.903   13.237  8.332   1.00 27.38 ? 222  PRO A N   1 
ATOM   946  C  CA  . PRO A 1 129 ? 10.815  13.789  7.318   1.00 33.17 ? 222  PRO A CA  1 
ATOM   947  C  C   . PRO A 1 129 ? 11.851  12.716  6.991   1.00 31.94 ? 222  PRO A C   1 
ATOM   948  O  O   . PRO A 1 129 ? 12.074  11.810  7.790   1.00 31.56 ? 222  PRO A O   1 
ATOM   949  C  CB  . PRO A 1 129 ? 11.453  14.989  8.030   1.00 32.39 ? 222  PRO A CB  1 
ATOM   950  C  CG  . PRO A 1 129 ? 10.419  15.391  9.035   1.00 37.61 ? 222  PRO A CG  1 
ATOM   951  C  CD  . PRO A 1 129 ? 9.901   14.060  9.550   1.00 28.09 ? 222  PRO A CD  1 
ATOM   952  N  N   . PRO A 1 130 ? 12.504  12.805  5.823   1.00 36.53 ? 223  PRO A N   1 
ATOM   953  C  CA  . PRO A 1 130 ? 13.513  11.813  5.433   1.00 37.63 ? 223  PRO A CA  1 
ATOM   954  C  C   . PRO A 1 130 ? 14.576  11.605  6.497   1.00 43.49 ? 223  PRO A C   1 
ATOM   955  O  O   . PRO A 1 130 ? 14.889  12.518  7.265   1.00 42.90 ? 223  PRO A O   1 
ATOM   956  C  CB  . PRO A 1 130 ? 14.110  12.407  4.159   1.00 39.11 ? 223  PRO A CB  1 
ATOM   957  C  CG  . PRO A 1 130 ? 12.953  13.185  3.578   1.00 40.72 ? 223  PRO A CG  1 
ATOM   958  C  CD  . PRO A 1 130 ? 12.408  13.871  4.811   1.00 37.66 ? 223  PRO A CD  1 
ATOM   959  N  N   . GLU A 1 131 ? 15.121  10.392  6.544   1.00 51.11 ? 224  GLU A N   1 
ATOM   960  C  CA  . GLU A 1 131 ? 16.172  10.071  7.498   1.00 58.24 ? 224  GLU A CA  1 
ATOM   961  C  C   . GLU A 1 131 ? 17.505  10.407  6.833   1.00 57.64 ? 224  GLU A C   1 
ATOM   962  O  O   . GLU A 1 131 ? 17.573  10.574  5.610   1.00 53.23 ? 224  GLU A O   1 
ATOM   963  C  CB  . GLU A 1 131 ? 16.130  8.585   7.863   1.00 64.33 ? 224  GLU A CB  1 
ATOM   964  C  CG  . GLU A 1 131 ? 16.528  7.661   6.720   1.00 74.08 ? 224  GLU A CG  1 
ATOM   965  C  CD  . GLU A 1 131 ? 16.390  6.192   7.078   1.00 79.30 ? 224  GLU A CD  1 
ATOM   966  O  OE1 . GLU A 1 131 ? 16.925  5.779   8.132   1.00 81.94 ? 224  GLU A OE1 1 
ATOM   967  O  OE2 . GLU A 1 131 ? 15.751  5.451   6.300   1.00 81.14 ? 224  GLU A OE2 1 
ATOM   968  N  N   . VAL A 1 132 ? 18.558  10.513  7.638   1.00 57.94 ? 225  VAL A N   1 
ATOM   969  C  CA  . VAL A 1 132 ? 19.877  10.829  7.112   1.00 59.12 ? 225  VAL A CA  1 
ATOM   970  C  C   . VAL A 1 132 ? 20.328  9.773   6.115   1.00 56.50 ? 225  VAL A C   1 
ATOM   971  O  O   . VAL A 1 132 ? 20.069  8.584   6.295   1.00 57.22 ? 225  VAL A O   1 
ATOM   972  C  CB  . VAL A 1 132 ? 20.917  10.936  8.238   1.00 59.95 ? 225  VAL A CB  1 
ATOM   973  C  CG1 . VAL A 1 132 ? 22.307  11.098  7.652   1.00 63.01 ? 225  VAL A CG1 1 
ATOM   974  C  CG2 . VAL A 1 132 ? 20.587  12.120  9.119   1.00 64.75 ? 225  VAL A CG2 1 
ATOM   975  N  N   . GLY A 1 133 ? 21.010  10.223  5.066   1.00 57.91 ? 226  GLY A N   1 
ATOM   976  C  CA  . GLY A 1 133 ? 21.478  9.317   4.038   1.00 55.99 ? 226  GLY A CA  1 
ATOM   977  C  C   . GLY A 1 133 ? 20.343  8.992   3.084   1.00 57.33 ? 226  GLY A C   1 
ATOM   978  O  O   . GLY A 1 133 ? 20.372  7.971   2.391   1.00 56.88 ? 226  GLY A O   1 
ATOM   979  N  N   . SER A 1 134 ? 19.335  9.863   3.049   1.00 53.79 ? 227  SER A N   1 
ATOM   980  C  CA  . SER A 1 134 ? 18.189  9.650   2.178   1.00 48.29 ? 227  SER A CA  1 
ATOM   981  C  C   . SER A 1 134 ? 17.425  10.937  1.876   1.00 44.99 ? 227  SER A C   1 
ATOM   982  O  O   . SER A 1 134 ? 17.346  11.843  2.710   1.00 42.79 ? 227  SER A O   1 
ATOM   983  C  CB  . SER A 1 134 ? 17.238  8.630   2.813   1.00 49.85 ? 227  SER A CB  1 
ATOM   984  O  OG  . SER A 1 134 ? 16.089  8.443   2.007   1.00 45.02 ? 227  SER A OG  1 
ATOM   985  N  N   . ASP A 1 135 ? 16.869  11.011  0.671   1.00 40.27 ? 228  ASP A N   1 
ATOM   986  C  CA  . ASP A 1 135 ? 16.084  12.167  0.260   1.00 40.60 ? 228  ASP A CA  1 
ATOM   987  C  C   . ASP A 1 135 ? 14.599  11.805  0.316   1.00 38.30 ? 228  ASP A C   1 
ATOM   988  O  O   . ASP A 1 135 ? 13.758  12.502  -0.254  1.00 36.21 ? 228  ASP A O   1 
ATOM   989  C  CB  . ASP A 1 135 ? 16.448  12.582  -1.166  1.00 47.87 ? 228  ASP A CB  1 
ATOM   990  C  CG  . ASP A 1 135 ? 17.828  13.204  -1.258  1.00 54.70 ? 228  ASP A CG  1 
ATOM   991  O  OD1 . ASP A 1 135 ? 18.449  13.440  -0.199  1.00 57.01 ? 228  ASP A OD1 1 
ATOM   992  O  OD2 . ASP A 1 135 ? 18.286  13.460  -2.394  1.00 58.63 ? 228  ASP A OD2 1 
ATOM   993  N  N   . CYS A 1 136 ? 14.279  10.704  0.990   1.00 34.99 ? 229  CYS A N   1 
ATOM   994  C  CA  . CYS A 1 136 ? 12.888  10.274  1.084   1.00 30.99 ? 229  CYS A CA  1 
ATOM   995  C  C   . CYS A 1 136 ? 12.608  9.614   2.415   1.00 31.87 ? 229  CYS A C   1 
ATOM   996  O  O   . CYS A 1 136 ? 13.523  9.350   3.195   1.00 30.83 ? 229  CYS A O   1 
ATOM   997  C  CB  . CYS A 1 136 ? 12.549  9.317   -0.063  1.00 31.22 ? 229  CYS A CB  1 
ATOM   998  S  SG  . CYS A 1 136 ? 13.502  7.762   -0.122  1.00 33.21 ? 229  CYS A SG  1 
ATOM   999  N  N   . THR A 1 137 ? 11.328  9.377   2.685   1.00 28.61 ? 230  THR A N   1 
ATOM   1000 C  CA  . THR A 1 137 ? 10.912  8.733   3.927   1.00 26.88 ? 230  THR A CA  1 
ATOM   1001 C  C   . THR A 1 137 ? 10.479  7.341   3.495   1.00 22.92 ? 230  THR A C   1 
ATOM   1002 O  O   . THR A 1 137 ? 9.734   7.193   2.523   1.00 27.80 ? 230  THR A O   1 
ATOM   1003 C  CB  . THR A 1 137 ? 9.716   9.476   4.568   1.00 27.53 ? 230  THR A CB  1 
ATOM   1004 O  OG1 . THR A 1 137 ? 10.123  10.799  4.954   1.00 26.62 ? 230  THR A OG1 1 
ATOM   1005 C  CG2 . THR A 1 137 ? 9.219   8.712   5.817   1.00 25.89 ? 230  THR A CG2 1 
ATOM   1006 N  N   . THR A 1 138 ? 10.946  6.316   4.191   1.00 19.89 ? 231  THR A N   1 
ATOM   1007 C  CA  . THR A 1 138 ? 10.595  4.946   3.797   1.00 19.69 ? 231  THR A CA  1 
ATOM   1008 C  C   . THR A 1 138 ? 9.659   4.348   4.823   1.00 21.34 ? 231  THR A C   1 
ATOM   1009 O  O   . THR A 1 138 ? 9.855   4.516   6.014   1.00 23.69 ? 231  THR A O   1 
ATOM   1010 C  CB  . THR A 1 138 ? 11.842  4.030   3.727   1.00 28.00 ? 231  THR A CB  1 
ATOM   1011 O  OG1 . THR A 1 138 ? 12.775  4.556   2.777   1.00 28.19 ? 231  THR A OG1 1 
ATOM   1012 C  CG2 . THR A 1 138 ? 11.437  2.614   3.304   1.00 25.83 ? 231  THR A CG2 1 
ATOM   1013 N  N   . ILE A 1 139 ? 8.626   3.667   4.347   1.00 20.30 ? 232  ILE A N   1 
ATOM   1014 C  CA  . ILE A 1 139 ? 7.702   3.004   5.243   1.00 20.65 ? 232  ILE A CA  1 
ATOM   1015 C  C   . ILE A 1 139 ? 7.739   1.552   4.804   1.00 18.62 ? 232  ILE A C   1 
ATOM   1016 O  O   . ILE A 1 139 ? 7.747   1.250   3.602   1.00 23.04 ? 232  ILE A O   1 
ATOM   1017 C  CB  . ILE A 1 139 ? 6.268   3.570   5.112   1.00 20.30 ? 232  ILE A CB  1 
ATOM   1018 C  CG1 . ILE A 1 139 ? 6.234   5.033   5.592   1.00 19.29 ? 232  ILE A CG1 1 
ATOM   1019 C  CG2 . ILE A 1 139 ? 5.293   2.743   5.950   1.00 21.21 ? 232  ILE A CG2 1 
ATOM   1020 C  CD1 . ILE A 1 139 ? 4.849   5.717   5.391   1.00 23.41 ? 232  ILE A CD1 1 
ATOM   1021 N  N   . HIS A 1 140 ? 7.785   0.648   5.778   1.00 21.33 ? 233  HIS A N   1 
ATOM   1022 C  CA  . HIS A 1 140 ? 7.819   -0.772  5.477   1.00 18.43 ? 233  HIS A CA  1 
ATOM   1023 C  C   . HIS A 1 140 ? 6.426   -1.383  5.622   1.00 18.94 ? 233  HIS A C   1 
ATOM   1024 O  O   . HIS A 1 140 ? 5.879   -1.434  6.714   1.00 20.09 ? 233  HIS A O   1 
ATOM   1025 C  CB  . HIS A 1 140 ? 8.780   -1.480  6.427   1.00 21.86 ? 233  HIS A CB  1 
ATOM   1026 C  CG  . HIS A 1 140 ? 10.218  -1.234  6.109   1.00 29.60 ? 233  HIS A CG  1 
ATOM   1027 N  ND1 . HIS A 1 140 ? 11.231  -1.447  7.021   1.00 40.57 ? 233  HIS A ND1 1 
ATOM   1028 C  CD2 . HIS A 1 140 ? 10.816  -0.802  4.973   1.00 32.05 ? 233  HIS A CD2 1 
ATOM   1029 C  CE1 . HIS A 1 140 ? 12.391  -1.149  6.461   1.00 39.00 ? 233  HIS A CE1 1 
ATOM   1030 N  NE2 . HIS A 1 140 ? 12.167  -0.756  5.219   1.00 32.05 ? 233  HIS A NE2 1 
ATOM   1031 N  N   . TYR A 1 141 ? 5.874   -1.840  4.514   1.00 17.12 ? 234  TYR A N   1 
ATOM   1032 C  CA  . TYR A 1 141 ? 4.546   -2.455  4.526   1.00 19.19 ? 234  TYR A CA  1 
ATOM   1033 C  C   . TYR A 1 141 ? 4.693   -3.964  4.358   1.00 17.21 ? 234  TYR A C   1 
ATOM   1034 O  O   . TYR A 1 141 ? 5.683   -4.417  3.807   1.00 19.25 ? 234  TYR A O   1 
ATOM   1035 C  CB  . TYR A 1 141 ? 3.720   -1.929  3.358   1.00 16.32 ? 234  TYR A CB  1 
ATOM   1036 C  CG  . TYR A 1 141 ? 3.282   -0.494  3.526   1.00 17.42 ? 234  TYR A CG  1 
ATOM   1037 C  CD1 . TYR A 1 141 ? 2.352   -0.135  4.524   1.00 20.49 ? 234  TYR A CD1 1 
ATOM   1038 C  CD2 . TYR A 1 141 ? 3.789   0.508   2.699   1.00 20.52 ? 234  TYR A CD2 1 
ATOM   1039 C  CE1 . TYR A 1 141 ? 1.945   1.213   4.675   1.00 16.86 ? 234  TYR A CE1 1 
ATOM   1040 C  CE2 . TYR A 1 141 ? 3.398   1.828   2.840   1.00 17.64 ? 234  TYR A CE2 1 
ATOM   1041 C  CZ  . TYR A 1 141 ? 2.480   2.179   3.825   1.00 17.05 ? 234  TYR A CZ  1 
ATOM   1042 O  OH  . TYR A 1 141 ? 2.117   3.496   3.954   1.00 15.99 ? 234  TYR A OH  1 
ATOM   1043 N  N   . ASN A 1 142 ? 3.687   -4.721  4.822   1.00 17.94 ? 235  ASN A N   1 
ATOM   1044 C  CA  . ASN A 1 142 ? 3.650   -6.185  4.682   1.00 17.20 ? 235  ASN A CA  1 
ATOM   1045 C  C   . ASN A 1 142 ? 2.245   -6.476  4.153   1.00 17.43 ? 235  ASN A C   1 
ATOM   1046 O  O   . ASN A 1 142 ? 1.275   -5.876  4.642   1.00 19.38 ? 235  ASN A O   1 
ATOM   1047 C  CB  . ASN A 1 142 ? 3.735   -6.911  6.050   1.00 23.32 ? 235  ASN A CB  1 
ATOM   1048 C  CG  . ASN A 1 142 ? 5.025   -6.646  6.829   1.00 26.99 ? 235  ASN A CG  1 
ATOM   1049 O  OD1 . ASN A 1 142 ? 5.015   -6.737  8.057   1.00 25.96 ? 235  ASN A OD1 1 
ATOM   1050 N  ND2 . ASN A 1 142 ? 6.134   -6.351  6.136   1.00 19.41 ? 235  ASN A ND2 1 
ATOM   1051 N  N   . TYR A 1 143 ? 2.116   -7.380  3.184   1.00 18.19 ? 236  TYR A N   1 
ATOM   1052 C  CA  . TYR A 1 143 ? 0.800   -7.768  2.665   1.00 15.46 ? 236  TYR A CA  1 
ATOM   1053 C  C   . TYR A 1 143 ? 0.548   -9.175  3.222   1.00 20.68 ? 236  TYR A C   1 
ATOM   1054 O  O   . TYR A 1 143 ? 1.327   -10.089 3.013   1.00 21.60 ? 236  TYR A O   1 
ATOM   1055 C  CB  . TYR A 1 143 ? 0.773   -7.737  1.142   1.00 17.56 ? 236  TYR A CB  1 
ATOM   1056 C  CG  . TYR A 1 143 ? 0.853   -6.312  0.601   1.00 14.16 ? 236  TYR A CG  1 
ATOM   1057 C  CD1 . TYR A 1 143 ? 2.072   -5.633  0.537   1.00 20.82 ? 236  TYR A CD1 1 
ATOM   1058 C  CD2 . TYR A 1 143 ? -0.306  -5.640  0.177   1.00 19.21 ? 236  TYR A CD2 1 
ATOM   1059 C  CE1 . TYR A 1 143 ? 2.132   -4.309  0.060   1.00 18.38 ? 236  TYR A CE1 1 
ATOM   1060 C  CE2 . TYR A 1 143 ? -0.257  -4.320  -0.292  1.00 17.64 ? 236  TYR A CE2 1 
ATOM   1061 C  CZ  . TYR A 1 143 ? 0.972   -3.669  -0.349  1.00 23.63 ? 236  TYR A CZ  1 
ATOM   1062 O  OH  . TYR A 1 143 ? 1.039   -2.394  -0.855  1.00 18.18 ? 236  TYR A OH  1 
ATOM   1063 N  N   . MET A 1 144 ? -0.584  -9.335  3.887   1.00 20.03 ? 237  MET A N   1 
ATOM   1064 C  CA  . MET A 1 144 ? -0.876  -10.573 4.605   1.00 19.68 ? 237  MET A CA  1 
ATOM   1065 C  C   . MET A 1 144 ? -1.719  -11.649 3.967   1.00 22.43 ? 237  MET A C   1 
ATOM   1066 O  O   . MET A 1 144 ? -2.166  -12.576 4.666   1.00 23.47 ? 237  MET A O   1 
ATOM   1067 C  CB  . MET A 1 144 ? -1.491  -10.196 5.956   1.00 20.53 ? 237  MET A CB  1 
ATOM   1068 C  CG  . MET A 1 144 ? -0.688  -9.157  6.712   1.00 21.13 ? 237  MET A CG  1 
ATOM   1069 S  SD  . MET A 1 144 ? 1.037   -9.620  7.017   1.00 25.90 ? 237  MET A SD  1 
ATOM   1070 C  CE  . MET A 1 144 ? 0.825   -11.151 8.044   1.00 30.44 ? 237  MET A CE  1 
ATOM   1071 N  N   . CYS A 1 145 ? -1.914  -11.560 2.662   1.00 20.72 ? 238  CYS A N   1 
ATOM   1072 C  CA  . CYS A 1 145 ? -2.719  -12.522 1.935   1.00 23.92 ? 238  CYS A CA  1 
ATOM   1073 C  C   . CYS A 1 145 ? -2.237  -12.528 0.482   1.00 26.34 ? 238  CYS A C   1 
ATOM   1074 O  O   . CYS A 1 145 ? -1.821  -11.483 -0.038  1.00 24.22 ? 238  CYS A O   1 
ATOM   1075 C  CB  . CYS A 1 145 ? -4.186  -12.081 2.039   1.00 29.69 ? 238  CYS A CB  1 
ATOM   1076 S  SG  . CYS A 1 145 ? -5.489  -13.259 1.522   1.00 30.29 ? 238  CYS A SG  1 
ATOM   1077 N  N   . TYR A 1 146 ? -2.260  -13.693 -0.171  1.00 20.96 ? 239  TYR A N   1 
ATOM   1078 C  CA  . TYR A 1 146 ? -1.848  -13.791 -1.575  1.00 21.42 ? 239  TYR A CA  1 
ATOM   1079 C  C   . TYR A 1 146 ? -2.926  -13.312 -2.525  1.00 20.70 ? 239  TYR A C   1 
ATOM   1080 O  O   . TYR A 1 146 ? -4.118  -13.405 -2.248  1.00 24.09 ? 239  TYR A O   1 
ATOM   1081 C  CB  . TYR A 1 146 ? -1.536  -15.244 -1.987  1.00 21.91 ? 239  TYR A CB  1 
ATOM   1082 C  CG  . TYR A 1 146 ? -0.295  -15.815 -1.385  1.00 25.27 ? 239  TYR A CG  1 
ATOM   1083 C  CD1 . TYR A 1 146 ? 0.959   -15.339 -1.750  1.00 24.42 ? 239  TYR A CD1 1 
ATOM   1084 C  CD2 . TYR A 1 146 ? -0.367  -16.855 -0.460  1.00 24.54 ? 239  TYR A CD2 1 
ATOM   1085 C  CE1 . TYR A 1 146 ? 2.107   -15.887 -1.211  1.00 23.76 ? 239  TYR A CE1 1 
ATOM   1086 C  CE2 . TYR A 1 146 ? 0.775   -17.408 0.090   1.00 24.89 ? 239  TYR A CE2 1 
ATOM   1087 C  CZ  . TYR A 1 146 ? 2.003   -16.920 -0.290  1.00 26.84 ? 239  TYR A CZ  1 
ATOM   1088 O  OH  . TYR A 1 146 ? 3.126   -17.428 0.261   1.00 27.21 ? 239  TYR A OH  1 
ATOM   1089 N  N   . SER A 1 147 ? -2.499  -12.832 -3.686  1.00 23.55 ? 240  SER A N   1 
ATOM   1090 C  CA  . SER A 1 147 ? -3.453  -12.388 -4.683  1.00 25.61 ? 240  SER A CA  1 
ATOM   1091 C  C   . SER A 1 147 ? -4.353  -13.566 -5.108  1.00 26.65 ? 240  SER A C   1 
ATOM   1092 O  O   . SER A 1 147 ? -5.524  -13.379 -5.430  1.00 25.61 ? 240  SER A O   1 
ATOM   1093 C  CB  . SER A 1 147 ? -2.696  -11.824 -5.892  1.00 27.27 ? 240  SER A CB  1 
ATOM   1094 O  OG  . SER A 1 147 ? -2.029  -10.626 -5.531  1.00 29.39 ? 240  SER A OG  1 
ATOM   1095 N  N   . SER A 1 148 ? -3.808  -14.777 -5.081  1.00 26.40 ? 241  SER A N   1 
ATOM   1096 C  CA  . SER A 1 148 ? -4.575  -15.961 -5.490  1.00 36.14 ? 241  SER A CA  1 
ATOM   1097 C  C   . SER A 1 148 ? -5.582  -16.500 -4.475  1.00 38.50 ? 241  SER A C   1 
ATOM   1098 O  O   . SER A 1 148 ? -6.455  -17.290 -4.833  1.00 41.32 ? 241  SER A O   1 
ATOM   1099 C  CB  . SER A 1 148 ? -3.623  -17.099 -5.872  1.00 31.88 ? 241  SER A CB  1 
ATOM   1100 O  OG  . SER A 1 148 ? -2.871  -17.521 -4.751  1.00 36.27 ? 241  SER A OG  1 
ATOM   1101 N  N   . CYS A 1 149 ? -5.484  -16.089 -3.218  1.00 37.29 ? 242  CYS A N   1 
ATOM   1102 C  CA  . CYS A 1 149 ? -6.410  -16.632 -2.223  1.00 37.91 ? 242  CYS A CA  1 
ATOM   1103 C  C   . CYS A 1 149 ? -7.885  -16.543 -2.615  1.00 37.37 ? 242  CYS A C   1 
ATOM   1104 O  O   . CYS A 1 149 ? -8.485  -15.475 -2.609  1.00 37.14 ? 242  CYS A O   1 
ATOM   1105 C  CB  . CYS A 1 149 ? -6.176  -15.968 -0.874  1.00 32.44 ? 242  CYS A CB  1 
ATOM   1106 S  SG  . CYS A 1 149 ? -4.620  -16.455 -0.126  1.00 29.65 ? 242  CYS A SG  1 
ATOM   1107 N  N   . GLY A 1 152 ? -11.269 -14.368 -0.518  1.00 58.87 ? 245  GLY A N   1 
ATOM   1108 C  CA  . GLY A 1 152 ? -10.430 -13.186 -0.584  1.00 57.28 ? 245  GLY A CA  1 
ATOM   1109 C  C   . GLY A 1 152 ? -10.232 -12.660 -1.997  1.00 57.83 ? 245  GLY A C   1 
ATOM   1110 O  O   . GLY A 1 152 ? -11.122 -12.767 -2.840  1.00 58.51 ? 245  GLY A O   1 
ATOM   1111 N  N   . MET A 1 153 ? -9.052  -12.100 -2.253  1.00 55.85 ? 246  MET A N   1 
ATOM   1112 C  CA  . MET A 1 153 ? -8.714  -11.529 -3.553  1.00 53.32 ? 246  MET A CA  1 
ATOM   1113 C  C   . MET A 1 153 ? -8.935  -12.477 -4.729  1.00 52.93 ? 246  MET A C   1 
ATOM   1114 O  O   . MET A 1 153 ? -9.307  -12.040 -5.816  1.00 56.45 ? 246  MET A O   1 
ATOM   1115 C  CB  . MET A 1 153 ? -7.267  -11.027 -3.524  1.00 51.01 ? 246  MET A CB  1 
ATOM   1116 C  CG  . MET A 1 153 ? -7.044  -9.955  -2.462  1.00 50.38 ? 246  MET A CG  1 
ATOM   1117 S  SD  . MET A 1 153 ? -5.432  -9.137  -2.543  1.00 46.97 ? 246  MET A SD  1 
ATOM   1118 C  CE  . MET A 1 153 ? -4.479  -10.190 -1.463  1.00 49.48 ? 246  MET A CE  1 
ATOM   1119 N  N   . ASN A 1 154 ? -8.702  -13.767 -4.513  1.00 51.53 ? 247  ASN A N   1 
ATOM   1120 C  CA  . ASN A 1 154 ? -8.905  -14.780 -5.549  1.00 57.51 ? 247  ASN A CA  1 
ATOM   1121 C  C   . ASN A 1 154 ? -8.491  -14.352 -6.964  1.00 57.26 ? 247  ASN A C   1 
ATOM   1122 O  O   . ASN A 1 154 ? -9.326  -14.222 -7.865  1.00 59.01 ? 247  ASN A O   1 
ATOM   1123 C  CB  . ASN A 1 154 ? -10.373 -15.221 -5.558  1.00 59.11 ? 247  ASN A CB  1 
ATOM   1124 C  CG  . ASN A 1 154 ? -10.602 -16.480 -6.378  1.00 60.89 ? 247  ASN A CG  1 
ATOM   1125 O  OD1 . ASN A 1 154 ? -9.984  -17.520 -6.127  1.00 59.86 ? 247  ASN A OD1 1 
ATOM   1126 N  ND2 . ASN A 1 154 ? -11.494 -16.394 -7.357  1.00 59.97 ? 247  ASN A ND2 1 
ATOM   1127 N  N   . ARG A 1 155 ? -7.193  -14.133 -7.140  1.00 56.56 ? 248  ARG A N   1 
ATOM   1128 C  CA  . ARG A 1 155 ? -6.612  -13.743 -8.419  1.00 59.08 ? 248  ARG A CA  1 
ATOM   1129 C  C   . ARG A 1 155 ? -7.028  -12.393 -9.003  1.00 56.39 ? 248  ARG A C   1 
ATOM   1130 O  O   . ARG A 1 155 ? -6.692  -12.089 -10.145 1.00 57.11 ? 248  ARG A O   1 
ATOM   1131 C  CB  . ARG A 1 155 ? -6.846  -14.851 -9.452  1.00 63.81 ? 248  ARG A CB  1 
ATOM   1132 C  CG  . ARG A 1 155 ? -6.185  -16.163 -9.061  1.00 67.80 ? 248  ARG A CG  1 
ATOM   1133 C  CD  . ARG A 1 155 ? -6.173  -17.163 -10.200 1.00 73.79 ? 248  ARG A CD  1 
ATOM   1134 N  NE  . ARG A 1 155 ? -5.573  -18.426 -9.780  1.00 80.35 ? 248  ARG A NE  1 
ATOM   1135 C  CZ  . ARG A 1 155 ? -5.355  -19.462 -10.585 1.00 82.40 ? 248  ARG A CZ  1 
ATOM   1136 N  NH1 . ARG A 1 155 ? -5.684  -19.396 -11.870 1.00 80.23 ? 248  ARG A NH1 1 
ATOM   1137 N  NH2 . ARG A 1 155 ? -4.806  -20.571 -10.102 1.00 83.13 ? 248  ARG A NH2 1 
ATOM   1138 N  N   . SER A 1 156 ? -7.751  -11.583 -8.233  1.00 54.63 ? 249  SER A N   1 
ATOM   1139 C  CA  . SER A 1 156 ? -8.147  -10.261 -8.716  1.00 51.27 ? 249  SER A CA  1 
ATOM   1140 C  C   . SER A 1 156 ? -7.054  -9.261  -8.346  1.00 47.25 ? 249  SER A C   1 
ATOM   1141 O  O   . SER A 1 156 ? -6.558  -9.259  -7.217  1.00 45.16 ? 249  SER A O   1 
ATOM   1142 C  CB  . SER A 1 156 ? -9.482  -9.830  -8.108  1.00 51.21 ? 249  SER A CB  1 
ATOM   1143 O  OG  . SER A 1 156 ? -10.566 -10.434 -8.794  1.00 51.35 ? 249  SER A OG  1 
ATOM   1144 N  N   . PRO A 1 157 ? -6.660  -8.404  -9.298  1.00 42.33 ? 250  PRO A N   1 
ATOM   1145 C  CA  . PRO A 1 157 ? -5.614  -7.409  -9.046  1.00 39.29 ? 250  PRO A CA  1 
ATOM   1146 C  C   . PRO A 1 157 ? -6.049  -6.307  -8.091  1.00 29.19 ? 250  PRO A C   1 
ATOM   1147 O  O   . PRO A 1 157 ? -7.181  -5.818  -8.161  1.00 28.83 ? 250  PRO A O   1 
ATOM   1148 C  CB  . PRO A 1 157 ? -5.326  -6.852  -10.436 1.00 41.95 ? 250  PRO A CB  1 
ATOM   1149 C  CG  . PRO A 1 157 ? -6.694  -6.869  -11.068 1.00 47.17 ? 250  PRO A CG  1 
ATOM   1150 C  CD  . PRO A 1 157 ? -7.223  -8.241  -10.652 1.00 48.35 ? 250  PRO A CD  1 
ATOM   1151 N  N   . ILE A 1 158 ? -5.152  -5.916  -7.201  1.00 25.44 ? 251  ILE A N   1 
ATOM   1152 C  CA  . ILE A 1 158 ? -5.489  -4.832  -6.284  1.00 20.98 ? 251  ILE A CA  1 
ATOM   1153 C  C   . ILE A 1 158 ? -4.525  -3.680  -6.476  1.00 23.70 ? 251  ILE A C   1 
ATOM   1154 O  O   . ILE A 1 158 ? -3.411  -3.840  -7.010  1.00 21.45 ? 251  ILE A O   1 
ATOM   1155 C  CB  . ILE A 1 158 ? -5.417  -5.261  -4.796  1.00 29.32 ? 251  ILE A CB  1 
ATOM   1156 C  CG1 . ILE A 1 158 ? -3.991  -5.672  -4.445  1.00 30.00 ? 251  ILE A CG1 1 
ATOM   1157 C  CG2 . ILE A 1 158 ? -6.391  -6.414  -4.537  1.00 30.27 ? 251  ILE A CG2 1 
ATOM   1158 C  CD1 . ILE A 1 158 ? -3.734  -5.761  -2.955  1.00 35.91 ? 251  ILE A CD1 1 
ATOM   1159 N  N   . LEU A 1 159 ? -4.984  -2.516  -6.046  1.00 18.49 ? 252  LEU A N   1 
ATOM   1160 C  CA  . LEU A 1 159 ? -4.203  -1.296  -6.081  1.00 16.80 ? 252  LEU A CA  1 
ATOM   1161 C  C   . LEU A 1 159 ? -4.016  -0.841  -4.637  1.00 22.05 ? 252  LEU A C   1 
ATOM   1162 O  O   . LEU A 1 159 ? -4.930  -0.950  -3.822  1.00 20.57 ? 252  LEU A O   1 
ATOM   1163 C  CB  . LEU A 1 159 ? -4.966  -0.180  -6.786  1.00 20.53 ? 252  LEU A CB  1 
ATOM   1164 C  CG  . LEU A 1 159 ? -4.592  0.284   -8.185  1.00 39.51 ? 252  LEU A CG  1 
ATOM   1165 C  CD1 . LEU A 1 159 ? -4.680  -0.878  -9.154  1.00 38.95 ? 252  LEU A CD1 1 
ATOM   1166 C  CD2 . LEU A 1 159 ? -5.541  1.422   -8.591  1.00 40.70 ? 252  LEU A CD2 1 
ATOM   1167 N  N   . THR A 1 160 ? -2.840  -0.329  -4.321  1.00 16.32 ? 253  THR A N   1 
ATOM   1168 C  CA  . THR A 1 160 ? -2.629  0.225   -3.002  1.00 18.64 ? 253  THR A CA  1 
ATOM   1169 C  C   . THR A 1 160 ? -2.633  1.727   -3.289  1.00 16.72 ? 253  THR A C   1 
ATOM   1170 O  O   . THR A 1 160 ? -1.981  2.189   -4.226  1.00 19.26 ? 253  THR A O   1 
ATOM   1171 C  CB  . THR A 1 160 ? -1.278  -0.154  -2.424  1.00 16.23 ? 253  THR A CB  1 
ATOM   1172 O  OG1 . THR A 1 160 ? -1.263  -1.563  -2.130  1.00 17.93 ? 253  THR A OG1 1 
ATOM   1173 C  CG2 . THR A 1 160 ? -1.006  0.611   -1.151  1.00 19.76 ? 253  THR A CG2 1 
ATOM   1174 N  N   . ILE A 1 161 ? -3.398  2.470   -2.503  1.00 12.76 ? 254  ILE A N   1 
ATOM   1175 C  CA  . ILE A 1 161 ? -3.485  3.921   -2.648  1.00 15.24 ? 254  ILE A CA  1 
ATOM   1176 C  C   . ILE A 1 161 ? -2.843  4.525   -1.417  1.00 15.29 ? 254  ILE A C   1 
ATOM   1177 O  O   . ILE A 1 161 ? -3.226  4.207   -0.300  1.00 14.59 ? 254  ILE A O   1 
ATOM   1178 C  CB  . ILE A 1 161 ? -4.946  4.371   -2.685  1.00 12.14 ? 254  ILE A CB  1 
ATOM   1179 C  CG1 . ILE A 1 161 ? -5.664  3.699   -3.860  1.00 16.54 ? 254  ILE A CG1 1 
ATOM   1180 C  CG2 . ILE A 1 161 ? -5.038  5.920   -2.782  1.00 15.92 ? 254  ILE A CG2 1 
ATOM   1181 C  CD1 . ILE A 1 161 ? -7.168  3.895   -3.815  1.00 24.71 ? 254  ILE A CD1 1 
ATOM   1182 N  N   . ILE A 1 162 ? -1.863  5.405   -1.600  1.00 12.55 ? 255  ILE A N   1 
ATOM   1183 C  CA  . ILE A 1 162 ? -1.220  6.046   -0.456  1.00 13.34 ? 255  ILE A CA  1 
ATOM   1184 C  C   . ILE A 1 162 ? -1.646  7.498   -0.471  1.00 16.68 ? 255  ILE A C   1 
ATOM   1185 O  O   . ILE A 1 162 ? -1.511  8.167   -1.494  1.00 16.07 ? 255  ILE A O   1 
ATOM   1186 C  CB  . ILE A 1 162 ? 0.342   6.004   -0.558  1.00 13.46 ? 255  ILE A CB  1 
ATOM   1187 C  CG1 . ILE A 1 162 ? 0.831   4.557   -0.694  1.00 17.95 ? 255  ILE A CG1 1 
ATOM   1188 C  CG2 . ILE A 1 162 ? 0.954   6.652   0.663   1.00 12.54 ? 255  ILE A CG2 1 
ATOM   1189 C  CD1 . ILE A 1 162 ? 0.452   3.670   0.479   1.00 20.10 ? 255  ILE A CD1 1 
ATOM   1190 N  N   . THR A 1 163 ? -2.196  7.979   0.643   1.00 13.81 ? 256  THR A N   1 
ATOM   1191 C  CA  . THR A 1 163 ? -2.612  9.377   0.706   1.00 16.13 ? 256  THR A CA  1 
ATOM   1192 C  C   . THR A 1 163 ? -1.899  10.130  1.809   1.00 19.79 ? 256  THR A C   1 
ATOM   1193 O  O   . THR A 1 163 ? -1.712  9.613   2.920   1.00 19.33 ? 256  THR A O   1 
ATOM   1194 C  CB  . THR A 1 163 ? -4.127  9.535   0.944   1.00 16.38 ? 256  THR A CB  1 
ATOM   1195 O  OG1 . THR A 1 163 ? -4.530  8.665   2.010   1.00 18.94 ? 256  THR A OG1 1 
ATOM   1196 C  CG2 . THR A 1 163 ? -4.920  9.220   -0.338  1.00 19.52 ? 256  THR A CG2 1 
ATOM   1197 N  N   . LEU A 1 164 ? -1.465  11.349  1.481   1.00 15.47 ? 257  LEU A N   1 
ATOM   1198 C  CA  . LEU A 1 164 ? -0.825  12.222  2.471   1.00 15.39 ? 257  LEU A CA  1 
ATOM   1199 C  C   . LEU A 1 164 ? -2.012  13.080  2.936   1.00 13.56 ? 257  LEU A C   1 
ATOM   1200 O  O   . LEU A 1 164 ? -2.739  13.616  2.109   1.00 18.58 ? 257  LEU A O   1 
ATOM   1201 C  CB  . LEU A 1 164 ? 0.252   13.081  1.791   1.00 18.81 ? 257  LEU A CB  1 
ATOM   1202 C  CG  . LEU A 1 164 ? 1.214   13.845  2.702   1.00 22.38 ? 257  LEU A CG  1 
ATOM   1203 C  CD1 . LEU A 1 164 ? 2.154   12.866  3.395   1.00 23.67 ? 257  LEU A CD1 1 
ATOM   1204 C  CD2 . LEU A 1 164 ? 2.044   14.831  1.859   1.00 25.07 ? 257  LEU A CD2 1 
ATOM   1205 N  N   . GLU A 1 165 ? -2.222  13.171  4.242   1.00 18.28 ? 258  GLU A N   1 
ATOM   1206 C  CA  . GLU A 1 165 ? -3.367  13.890  4.807   1.00 18.09 ? 258  GLU A CA  1 
ATOM   1207 C  C   . GLU A 1 165 ? -2.959  14.781  5.981   1.00 16.68 ? 258  GLU A C   1 
ATOM   1208 O  O   . GLU A 1 165 ? -1.902  14.573  6.590   1.00 17.91 ? 258  GLU A O   1 
ATOM   1209 C  CB  . GLU A 1 165 ? -4.402  12.873  5.338   1.00 18.23 ? 258  GLU A CB  1 
ATOM   1210 C  CG  . GLU A 1 165 ? -4.761  11.775  4.342   1.00 18.13 ? 258  GLU A CG  1 
ATOM   1211 C  CD  . GLU A 1 165 ? -5.723  10.729  4.904   1.00 19.20 ? 258  GLU A CD  1 
ATOM   1212 O  OE1 . GLU A 1 165 ? -6.062  10.790  6.111   1.00 19.37 ? 258  GLU A OE1 1 
ATOM   1213 O  OE2 . GLU A 1 165 ? -6.119  9.829   4.136   1.00 22.78 ? 258  GLU A OE2 1 
ATOM   1214 N  N   . ASP A 1 166 ? -3.804  15.762  6.298   1.00 19.15 ? 259  ASP A N   1 
ATOM   1215 C  CA  . ASP A 1 166 ? -3.544  16.630  7.438   1.00 23.68 ? 259  ASP A CA  1 
ATOM   1216 C  C   . ASP A 1 166 ? -4.138  15.929  8.653   1.00 19.76 ? 259  ASP A C   1 
ATOM   1217 O  O   . ASP A 1 166 ? -4.695  14.828  8.536   1.00 21.60 ? 259  ASP A O   1 
ATOM   1218 C  CB  . ASP A 1 166 ? -4.137  18.048  7.240   1.00 23.08 ? 259  ASP A CB  1 
ATOM   1219 C  CG  . ASP A 1 166 ? -5.669  18.104  7.323   1.00 24.21 ? 259  ASP A CG  1 
ATOM   1220 O  OD1 . ASP A 1 166 ? -6.359  17.096  7.606   1.00 26.71 ? 259  ASP A OD1 1 
ATOM   1221 O  OD2 . ASP A 1 166 ? -6.201  19.210  7.110   1.00 28.95 ? 259  ASP A OD2 1 
ATOM   1222 N  N   . SER A 1 167 ? -4.024  16.531  9.827   1.00 25.68 ? 260  SER A N   1 
ATOM   1223 C  CA  . SER A 1 167 ? -4.535  15.871  11.011  1.00 26.64 ? 260  SER A CA  1 
ATOM   1224 C  C   . SER A 1 167 ? -6.033  15.618  11.031  1.00 27.73 ? 260  SER A C   1 
ATOM   1225 O  O   . SER A 1 167 ? -6.495  14.735  11.744  1.00 32.83 ? 260  SER A O   1 
ATOM   1226 C  CB  . SER A 1 167 ? -4.101  16.632  12.274  1.00 32.96 ? 260  SER A CB  1 
ATOM   1227 O  OG  . SER A 1 167 ? -4.479  17.993  12.222  1.00 38.45 ? 260  SER A OG  1 
ATOM   1228 N  N   . SER A 1 168 ? -6.797  16.369  10.243  1.00 27.82 ? 261  SER A N   1 
ATOM   1229 C  CA  . SER A 1 168 ? -8.245  16.189  10.204  1.00 28.39 ? 261  SER A CA  1 
ATOM   1230 C  C   . SER A 1 168 ? -8.707  15.239  9.099   1.00 29.47 ? 261  SER A C   1 
ATOM   1231 O  O   . SER A 1 168 ? -9.917  15.016  8.914   1.00 32.12 ? 261  SER A O   1 
ATOM   1232 C  CB  . SER A 1 168 ? -8.925  17.551  10.035  1.00 34.31 ? 261  SER A CB  1 
ATOM   1233 O  OG  . SER A 1 168 ? -8.483  18.455  11.031  1.00 34.32 ? 261  SER A OG  1 
ATOM   1234 N  N   . GLY A 1 169 ? -7.754  14.684  8.364   1.00 21.93 ? 262  GLY A N   1 
ATOM   1235 C  CA  . GLY A 1 169 ? -8.094  13.765  7.285   1.00 22.07 ? 262  GLY A CA  1 
ATOM   1236 C  C   . GLY A 1 169 ? -8.225  14.375  5.892   1.00 20.15 ? 262  GLY A C   1 
ATOM   1237 O  O   . GLY A 1 169 ? -8.582  13.655  4.957   1.00 21.89 ? 262  GLY A O   1 
ATOM   1238 N  N   . ASN A 1 170 ? -7.964  15.680  5.749   1.00 19.71 ? 263  ASN A N   1 
ATOM   1239 C  CA  . ASN A 1 170 ? -8.044  16.335  4.450   1.00 22.96 ? 263  ASN A CA  1 
ATOM   1240 C  C   . ASN A 1 170 ? -6.898  15.877  3.541   1.00 20.67 ? 263  ASN A C   1 
ATOM   1241 O  O   . ASN A 1 170 ? -5.778  15.651  3.988   1.00 19.05 ? 263  ASN A O   1 
ATOM   1242 C  CB  . ASN A 1 170 ? -7.999  17.862  4.609   1.00 22.16 ? 263  ASN A CB  1 
ATOM   1243 C  CG  . ASN A 1 170 ? -9.255  18.413  5.256   1.00 32.58 ? 263  ASN A CG  1 
ATOM   1244 O  OD1 . ASN A 1 170 ? -10.367 18.258  4.730   1.00 28.73 ? 263  ASN A OD1 1 
ATOM   1245 N  ND2 . ASN A 1 170 ? -9.088  19.048  6.408   1.00 28.65 ? 263  ASN A ND2 1 
ATOM   1246 N  N   . LEU A 1 171 ? -7.193  15.738  2.260   1.00 18.42 ? 264  LEU A N   1 
ATOM   1247 C  CA  . LEU A 1 171 ? -6.198  15.287  1.307   1.00 16.80 ? 264  LEU A CA  1 
ATOM   1248 C  C   . LEU A 1 171 ? -5.096  16.308  1.013   1.00 20.32 ? 264  LEU A C   1 
ATOM   1249 O  O   . LEU A 1 171 ? -5.367  17.477  0.709   1.00 18.72 ? 264  LEU A O   1 
ATOM   1250 C  CB  . LEU A 1 171 ? -6.897  14.924  -0.002  1.00 21.17 ? 264  LEU A CB  1 
ATOM   1251 C  CG  . LEU A 1 171 ? -6.032  14.499  -1.182  1.00 17.36 ? 264  LEU A CG  1 
ATOM   1252 C  CD1 . LEU A 1 171 ? -5.508  13.066  -0.938  1.00 18.03 ? 264  LEU A CD1 1 
ATOM   1253 C  CD2 . LEU A 1 171 ? -6.882  14.550  -2.447  1.00 17.36 ? 264  LEU A CD2 1 
ATOM   1254 N  N   . LEU A 1 172 ? -3.850  15.865  1.111   1.00 16.64 ? 265  LEU A N   1 
ATOM   1255 C  CA  . LEU A 1 172 ? -2.720  16.727  0.758   1.00 15.59 ? 265  LEU A CA  1 
ATOM   1256 C  C   . LEU A 1 172 ? -2.017  16.164  -0.483  1.00 20.64 ? 265  LEU A C   1 
ATOM   1257 O  O   . LEU A 1 172 ? -1.417  16.916  -1.252  1.00 18.08 ? 265  LEU A O   1 
ATOM   1258 C  CB  . LEU A 1 172 ? -1.713  16.818  1.892   1.00 16.65 ? 265  LEU A CB  1 
ATOM   1259 C  CG  . LEU A 1 172 ? -2.174  17.477  3.191   1.00 18.23 ? 265  LEU A CG  1 
ATOM   1260 C  CD1 . LEU A 1 172 ? -1.016  17.441  4.190   1.00 19.82 ? 265  LEU A CD1 1 
ATOM   1261 C  CD2 . LEU A 1 172 ? -2.630  18.930  2.909   1.00 22.36 ? 265  LEU A CD2 1 
ATOM   1262 N  N   . GLY A 1 173 ? -2.089  14.842  -0.673  1.00 16.77 ? 266  GLY A N   1 
ATOM   1263 C  CA  . GLY A 1 173 ? -1.452  14.201  -1.814  1.00 17.15 ? 266  GLY A CA  1 
ATOM   1264 C  C   . GLY A 1 173 ? -1.906  12.752  -1.984  1.00 18.27 ? 266  GLY A C   1 
ATOM   1265 O  O   . GLY A 1 173 ? -2.363  12.111  -1.028  1.00 19.36 ? 266  GLY A O   1 
ATOM   1266 N  N   . ARG A 1 174 ? -1.805  12.236  -3.199  1.00 17.49 ? 267  ARG A N   1 
ATOM   1267 C  CA  . ARG A 1 174 ? -2.189  10.848  -3.471  1.00 17.31 ? 267  ARG A CA  1 
ATOM   1268 C  C   . ARG A 1 174 ? -1.359  10.222  -4.592  1.00 20.97 ? 267  ARG A C   1 
ATOM   1269 O  O   . ARG A 1 174 ? -1.028  10.885  -5.582  1.00 16.53 ? 267  ARG A O   1 
ATOM   1270 C  CB  . ARG A 1 174 ? -3.665  10.777  -3.869  1.00 16.19 ? 267  ARG A CB  1 
ATOM   1271 C  CG  . ARG A 1 174 ? -4.208  9.337   -3.982  1.00 16.68 ? 267  ARG A CG  1 
ATOM   1272 C  CD  . ARG A 1 174 ? -5.572  9.278   -4.663  1.00 19.76 ? 267  ARG A CD  1 
ATOM   1273 N  NE  . ARG A 1 174 ? -6.637  9.937   -3.926  1.00 23.31 ? 267  ARG A NE  1 
ATOM   1274 C  CZ  . ARG A 1 174 ? -7.225  11.073  -4.303  1.00 22.04 ? 267  ARG A CZ  1 
ATOM   1275 N  NH1 . ARG A 1 174 ? -6.849  11.695  -5.410  1.00 20.11 ? 267  ARG A NH1 1 
ATOM   1276 N  NH2 . ARG A 1 174 ? -8.227  11.560  -3.597  1.00 24.84 ? 267  ARG A NH2 1 
ATOM   1277 N  N   . ASP A 1 175 ? -1.003  8.949   -4.429  1.00 16.75 ? 268  ASP A N   1 
ATOM   1278 C  CA  . ASP A 1 175 ? -0.290  8.214   -5.457  1.00 16.05 ? 268  ASP A CA  1 
ATOM   1279 C  C   . ASP A 1 175 ? -0.729  6.770   -5.253  1.00 20.73 ? 268  ASP A C   1 
ATOM   1280 O  O   . ASP A 1 175 ? -1.286  6.435   -4.211  1.00 18.78 ? 268  ASP A O   1 
ATOM   1281 C  CB  . ASP A 1 175 ? 1.234   8.332   -5.319  1.00 17.94 ? 268  ASP A CB  1 
ATOM   1282 C  CG  . ASP A 1 175 ? 1.980   7.939   -6.605  1.00 17.60 ? 268  ASP A CG  1 
ATOM   1283 O  OD1 . ASP A 1 175 ? 1.351   7.403   -7.551  1.00 20.19 ? 268  ASP A OD1 1 
ATOM   1284 O  OD2 . ASP A 1 175 ? 3.207   8.186   -6.655  1.00 20.38 ? 268  ASP A OD2 1 
ATOM   1285 N  N   . SER A 1 176 ? -0.490  5.911   -6.234  1.00 15.44 ? 269  SER A N   1 
ATOM   1286 C  CA  . SER A 1 176 ? -0.941  4.535   -6.106  1.00 21.59 ? 269  SER A CA  1 
ATOM   1287 C  C   . SER A 1 176 ? -0.123  3.590   -6.967  1.00 26.09 ? 269  SER A C   1 
ATOM   1288 O  O   . SER A 1 176 ? 0.600   4.011   -7.864  1.00 21.79 ? 269  SER A O   1 
ATOM   1289 C  CB  . SER A 1 176 ? -2.417  4.448   -6.512  1.00 22.57 ? 269  SER A CB  1 
ATOM   1290 O  OG  . SER A 1 176 ? -2.602  4.819   -7.887  1.00 22.81 ? 269  SER A OG  1 
ATOM   1291 N  N   . PHE A 1 177 ? -0.235  2.304   -6.678  1.00 20.11 ? 270  PHE A N   1 
ATOM   1292 C  CA  . PHE A 1 177 ? 0.476   1.294   -7.436  1.00 20.60 ? 270  PHE A CA  1 
ATOM   1293 C  C   . PHE A 1 177 ? -0.289  -0.027  -7.345  1.00 22.33 ? 270  PHE A C   1 
ATOM   1294 O  O   . PHE A 1 177 ? -0.996  -0.292  -6.355  1.00 19.09 ? 270  PHE A O   1 
ATOM   1295 C  CB  . PHE A 1 177 ? 1.913   1.130   -6.911  1.00 18.49 ? 270  PHE A CB  1 
ATOM   1296 C  CG  . PHE A 1 177 ? 2.014   0.839   -5.423  1.00 19.74 ? 270  PHE A CG  1 
ATOM   1297 C  CD1 . PHE A 1 177 ? 2.041   1.872   -4.489  1.00 15.00 ? 270  PHE A CD1 1 
ATOM   1298 C  CD2 . PHE A 1 177 ? 2.134   -0.477  -4.963  1.00 19.79 ? 270  PHE A CD2 1 
ATOM   1299 C  CE1 . PHE A 1 177 ? 2.191   1.603   -3.118  1.00 20.46 ? 270  PHE A CE1 1 
ATOM   1300 C  CE2 . PHE A 1 177 ? 2.282   -0.764  -3.604  1.00 17.48 ? 270  PHE A CE2 1 
ATOM   1301 C  CZ  . PHE A 1 177 ? 2.314   0.271   -2.670  1.00 18.44 ? 270  PHE A CZ  1 
ATOM   1302 N  N   . GLU A 1 178 ? -0.171  -0.844  -8.382  1.00 19.14 ? 271  GLU A N   1 
ATOM   1303 C  CA  . GLU A 1 178 ? -0.836  -2.133  -8.390  1.00 18.69 ? 271  GLU A CA  1 
ATOM   1304 C  C   . GLU A 1 178 ? 0.047   -3.060  -7.562  1.00 19.38 ? 271  GLU A C   1 
ATOM   1305 O  O   . GLU A 1 178 ? 1.236   -2.831  -7.424  1.00 19.89 ? 271  GLU A O   1 
ATOM   1306 C  CB  . GLU A 1 178 ? -0.962  -2.659  -9.833  1.00 21.71 ? 271  GLU A CB  1 
ATOM   1307 C  CG  . GLU A 1 178 ? -1.765  -3.936  -9.947  1.00 30.63 ? 271  GLU A CG  1 
ATOM   1308 C  CD  . GLU A 1 178 ? -2.015  -4.385  -11.391 1.00 33.94 ? 271  GLU A CD  1 
ATOM   1309 O  OE1 . GLU A 1 178 ? -2.046  -3.532  -12.309 1.00 36.49 ? 271  GLU A OE1 1 
ATOM   1310 O  OE2 . GLU A 1 178 ? -2.218  -5.598  -11.596 1.00 31.20 ? 271  GLU A OE2 1 
ATOM   1311 N  N   . VAL A 1 179 ? -0.536  -4.099  -6.981  1.00 17.63 ? 272  VAL A N   1 
ATOM   1312 C  CA  . VAL A 1 179 ? 0.264   -5.032  -6.203  1.00 22.05 ? 272  VAL A CA  1 
ATOM   1313 C  C   . VAL A 1 179 ? -0.139  -6.472  -6.460  1.00 20.69 ? 272  VAL A C   1 
ATOM   1314 O  O   . VAL A 1 179 ? -1.323  -6.784  -6.607  1.00 20.77 ? 272  VAL A O   1 
ATOM   1315 C  CB  . VAL A 1 179 ? 0.119   -4.788  -4.676  1.00 23.23 ? 272  VAL A CB  1 
ATOM   1316 C  CG1 . VAL A 1 179 ? 0.903   -5.846  -3.893  1.00 21.75 ? 272  VAL A CG1 1 
ATOM   1317 C  CG2 . VAL A 1 179 ? 0.618   -3.422  -4.322  1.00 34.27 ? 272  VAL A CG2 1 
ATOM   1318 N  N   . ARG A 1 180 ? 0.854   -7.352  -6.528  1.00 19.13 ? 273  ARG A N   1 
ATOM   1319 C  CA  . ARG A 1 180 ? 0.570   -8.774  -6.661  1.00 19.53 ? 273  ARG A CA  1 
ATOM   1320 C  C   . ARG A 1 180 ? 1.354   -9.429  -5.536  1.00 18.77 ? 273  ARG A C   1 
ATOM   1321 O  O   . ARG A 1 180 ? 2.568   -9.263  -5.433  1.00 18.23 ? 273  ARG A O   1 
ATOM   1322 C  CB  . ARG A 1 180 ? 1.013   -9.346  -8.021  1.00 19.18 ? 273  ARG A CB  1 
ATOM   1323 C  CG  . ARG A 1 180 ? 0.819   -10.864 -8.112  1.00 26.82 ? 273  ARG A CG  1 
ATOM   1324 C  CD  . ARG A 1 180 ? 1.312   -11.412 -9.448  1.00 31.17 ? 273  ARG A CD  1 
ATOM   1325 N  NE  . ARG A 1 180 ? 1.371   -12.873 -9.446  1.00 30.60 ? 273  ARG A NE  1 
ATOM   1326 C  CZ  . ARG A 1 180 ? 0.316   -13.662 -9.589  1.00 40.52 ? 273  ARG A CZ  1 
ATOM   1327 N  NH1 . ARG A 1 180 ? -0.890  -13.131 -9.753  1.00 41.75 ? 273  ARG A NH1 1 
ATOM   1328 N  NH2 . ARG A 1 180 ? 0.464   -14.986 -9.559  1.00 44.64 ? 273  ARG A NH2 1 
ATOM   1329 N  N   . VAL A 1 181 ? 0.650   -10.130 -4.646  1.00 17.81 ? 274  VAL A N   1 
ATOM   1330 C  CA  . VAL A 1 181 ? 1.321   -10.808 -3.543  1.00 20.06 ? 274  VAL A CA  1 
ATOM   1331 C  C   . VAL A 1 181 ? 1.390   -12.227 -4.056  1.00 19.77 ? 274  VAL A C   1 
ATOM   1332 O  O   . VAL A 1 181 ? 0.370   -12.837 -4.394  1.00 23.03 ? 274  VAL A O   1 
ATOM   1333 C  CB  . VAL A 1 181 ? 0.506   -10.723 -2.218  1.00 22.21 ? 274  VAL A CB  1 
ATOM   1334 C  CG1 . VAL A 1 181 ? 1.312   -11.375 -1.060  1.00 17.57 ? 274  VAL A CG1 1 
ATOM   1335 C  CG2 . VAL A 1 181 ? 0.203   -9.246  -1.904  1.00 21.27 ? 274  VAL A CG2 1 
ATOM   1336 N  N   . CYS A 1 182 ? 2.601   -12.741 -4.136  1.00 18.79 ? 275  CYS A N   1 
ATOM   1337 C  CA  . CYS A 1 182 ? 2.797   -14.049 -4.722  1.00 25.34 ? 275  CYS A CA  1 
ATOM   1338 C  C   . CYS A 1 182 ? 4.051   -14.727 -4.192  1.00 22.90 ? 275  CYS A C   1 
ATOM   1339 O  O   . CYS A 1 182 ? 4.905   -14.088 -3.586  1.00 23.72 ? 275  CYS A O   1 
ATOM   1340 C  CB  . CYS A 1 182 ? 2.869   -13.876 -6.241  1.00 25.31 ? 275  CYS A CB  1 
ATOM   1341 S  SG  . CYS A 1 182 ? 4.152   -12.683 -6.794  1.00 28.15 ? 275  CYS A SG  1 
ATOM   1342 N  N   . ALA A 1 183 ? 4.148   -16.032 -4.415  1.00 26.39 ? 276  ALA A N   1 
ATOM   1343 C  CA  . ALA A 1 183 ? 5.277   -16.814 -3.939  1.00 29.14 ? 276  ALA A CA  1 
ATOM   1344 C  C   . ALA A 1 183 ? 6.604   -16.507 -4.631  1.00 26.42 ? 276  ALA A C   1 
ATOM   1345 O  O   . ALA A 1 183 ? 7.662   -16.545 -4.003  1.00 27.48 ? 276  ALA A O   1 
ATOM   1346 C  CB  . ALA A 1 183 ? 4.955   -18.307 -4.082  1.00 33.10 ? 276  ALA A CB  1 
ATOM   1347 N  N   . CYS A 1 184 ? 6.550   -16.219 -5.927  1.00 28.78 ? 277  CYS A N   1 
ATOM   1348 C  CA  . CYS A 1 184 ? 7.773   -15.942 -6.670  1.00 31.70 ? 277  CYS A CA  1 
ATOM   1349 C  C   . CYS A 1 184 ? 7.644   -14.609 -7.401  1.00 29.34 ? 277  CYS A C   1 
ATOM   1350 O  O   . CYS A 1 184 ? 7.424   -14.588 -8.611  1.00 29.23 ? 277  CYS A O   1 
ATOM   1351 C  CB  . CYS A 1 184 ? 8.027   -17.060 -7.684  1.00 34.41 ? 277  CYS A CB  1 
ATOM   1352 S  SG  . CYS A 1 184 ? 7.926   -18.746 -6.984  1.00 39.03 ? 277  CYS A SG  1 
ATOM   1353 N  N   . PRO A 1 185 ? 7.816   -13.487 -6.678  1.00 27.59 ? 278  PRO A N   1 
ATOM   1354 C  CA  . PRO A 1 185 ? 7.717   -12.123 -7.231  1.00 28.83 ? 278  PRO A CA  1 
ATOM   1355 C  C   . PRO A 1 185 ? 8.611   -11.837 -8.437  1.00 29.78 ? 278  PRO A C   1 
ATOM   1356 O  O   . PRO A 1 185 ? 8.154   -11.291 -9.443  1.00 29.78 ? 278  PRO A O   1 
ATOM   1357 C  CB  . PRO A 1 185 ? 8.106   -11.224 -6.050  1.00 26.75 ? 278  PRO A CB  1 
ATOM   1358 C  CG  . PRO A 1 185 ? 7.919   -12.081 -4.845  1.00 31.40 ? 278  PRO A CG  1 
ATOM   1359 C  CD  . PRO A 1 185 ? 8.360   -13.444 -5.311  1.00 26.80 ? 278  PRO A CD  1 
ATOM   1360 N  N   . GLY A 1 186 ? 9.888   -12.177 -8.301  1.00 31.48 ? 279  GLY A N   1 
ATOM   1361 C  CA  . GLY A 1 186 ? 10.838  -11.936 -9.373  1.00 34.45 ? 279  GLY A CA  1 
ATOM   1362 C  C   . GLY A 1 186 ? 10.404  -12.606 -10.654 1.00 32.80 ? 279  GLY A C   1 
ATOM   1363 O  O   . GLY A 1 186 ? 10.403  -11.991 -11.722 1.00 32.48 ? 279  GLY A O   1 
ATOM   1364 N  N   . ARG A 1 187 ? 10.019  -13.871 -10.551 1.00 32.91 ? 280  ARG A N   1 
ATOM   1365 C  CA  . ARG A 1 187 ? 9.593   -14.600 -11.727 1.00 32.91 ? 280  ARG A CA  1 
ATOM   1366 C  C   . ARG A 1 187 ? 8.278   -14.075 -12.284 1.00 33.94 ? 280  ARG A C   1 
ATOM   1367 O  O   . ARG A 1 187 ? 8.118   -13.973 -13.496 1.00 30.02 ? 280  ARG A O   1 
ATOM   1368 C  CB  . ARG A 1 187 ? 9.496   -16.097 -11.420 1.00 36.77 ? 280  ARG A CB  1 
ATOM   1369 C  CG  . ARG A 1 187 ? 9.124   -16.932 -12.631 1.00 41.60 ? 280  ARG A CG  1 
ATOM   1370 C  CD  . ARG A 1 187 ? 7.750   -17.524 -12.473 1.00 52.15 ? 280  ARG A CD  1 
ATOM   1371 N  NE  . ARG A 1 187 ? 7.817   -18.799 -11.767 1.00 64.67 ? 280  ARG A NE  1 
ATOM   1372 C  CZ  . ARG A 1 187 ? 6.931   -19.216 -10.870 1.00 65.84 ? 280  ARG A CZ  1 
ATOM   1373 N  NH1 . ARG A 1 187 ? 5.899   -18.453 -10.531 1.00 61.98 ? 280  ARG A NH1 1 
ATOM   1374 N  NH2 . ARG A 1 187 ? 7.091   -20.396 -10.296 1.00 69.68 ? 280  ARG A NH2 1 
ATOM   1375 N  N   . ASP A 1 188 ? 7.329   -13.720 -11.420 1.00 29.15 ? 281  ASP A N   1 
ATOM   1376 C  CA  . ASP A 1 188 ? 6.068   -13.211 -11.938 1.00 25.57 ? 281  ASP A CA  1 
ATOM   1377 C  C   . ASP A 1 188 ? 6.224   -11.822 -12.589 1.00 25.43 ? 281  ASP A C   1 
ATOM   1378 O  O   . ASP A 1 188 ? 5.551   -11.515 -13.567 1.00 27.17 ? 281  ASP A O   1 
ATOM   1379 C  CB  . ASP A 1 188 ? 5.011   -13.163 -10.822 1.00 32.46 ? 281  ASP A CB  1 
ATOM   1380 C  CG  . ASP A 1 188 ? 4.528   -14.556 -10.399 1.00 37.55 ? 281  ASP A CG  1 
ATOM   1381 O  OD1 . ASP A 1 188 ? 4.799   -15.551 -11.116 1.00 35.16 ? 281  ASP A OD1 1 
ATOM   1382 O  OD2 . ASP A 1 188 ? 3.857   -14.651 -9.352  1.00 31.12 ? 281  ASP A OD2 1 
ATOM   1383 N  N   . ARG A 1 189 ? 7.095   -10.975 -12.049 1.00 28.47 ? 282  ARG A N   1 
ATOM   1384 C  CA  . ARG A 1 189 ? 7.291   -9.657  -12.656 1.00 30.38 ? 282  ARG A CA  1 
ATOM   1385 C  C   . ARG A 1 189 ? 7.813   -9.844  -14.090 1.00 32.13 ? 282  ARG A C   1 
ATOM   1386 O  O   . ARG A 1 189 ? 7.324   -9.241  -15.050 1.00 28.30 ? 282  ARG A O   1 
ATOM   1387 C  CB  . ARG A 1 189 ? 8.318   -8.840  -11.863 1.00 28.95 ? 282  ARG A CB  1 
ATOM   1388 C  CG  . ARG A 1 189 ? 8.729   -7.542  -12.566 1.00 28.34 ? 282  ARG A CG  1 
ATOM   1389 C  CD  . ARG A 1 189 ? 9.824   -6.774  -11.824 1.00 29.27 ? 282  ARG A CD  1 
ATOM   1390 N  NE  . ARG A 1 189 ? 10.282  -5.624  -12.610 1.00 29.53 ? 282  ARG A NE  1 
ATOM   1391 C  CZ  . ARG A 1 189 ? 11.270  -4.805  -12.259 1.00 34.29 ? 282  ARG A CZ  1 
ATOM   1392 N  NH1 . ARG A 1 189 ? 11.922  -4.983  -11.116 1.00 32.60 ? 282  ARG A NH1 1 
ATOM   1393 N  NH2 . ARG A 1 189 ? 11.627  -3.815  -13.072 1.00 32.29 ? 282  ARG A NH2 1 
ATOM   1394 N  N   . ARG A 1 190 ? 8.819   -10.698 -14.188 1.00 33.15 ? 283  ARG A N   1 
ATOM   1395 C  CA  . ARG A 1 190 ? 9.489   -11.038 -15.437 1.00 36.03 ? 283  ARG A CA  1 
ATOM   1396 C  C   . ARG A 1 190 ? 8.460   -11.514 -16.442 1.00 33.78 ? 283  ARG A C   1 
ATOM   1397 O  O   . ARG A 1 190 ? 8.471   -11.107 -17.602 1.00 39.26 ? 283  ARG A O   1 
ATOM   1398 C  CB  . ARG A 1 190 ? 10.501  -12.142 -15.140 1.00 42.69 ? 283  ARG A CB  1 
ATOM   1399 C  CG  . ARG A 1 190 ? 11.554  -12.417 -16.188 1.00 54.13 ? 283  ARG A CG  1 
ATOM   1400 C  CD  . ARG A 1 190 ? 12.472  -13.506 -15.641 1.00 57.88 ? 283  ARG A CD  1 
ATOM   1401 N  NE  . ARG A 1 190 ? 13.004  -13.123 -14.331 1.00 60.81 ? 283  ARG A NE  1 
ATOM   1402 C  CZ  . ARG A 1 190 ? 13.220  -13.967 -13.326 1.00 58.30 ? 283  ARG A CZ  1 
ATOM   1403 N  NH1 . ARG A 1 190 ? 12.951  -15.263 -13.463 1.00 59.77 ? 283  ARG A NH1 1 
ATOM   1404 N  NH2 . ARG A 1 190 ? 13.708  -13.511 -12.180 1.00 55.07 ? 283  ARG A NH2 1 
ATOM   1405 N  N   . THR A 1 191 ? 7.563   -12.380 -15.991 1.00 35.15 ? 284  THR A N   1 
ATOM   1406 C  CA  . THR A 1 191 ? 6.513   -12.905 -16.851 1.00 36.03 ? 284  THR A CA  1 
ATOM   1407 C  C   . THR A 1 191 ? 5.588   -11.798 -17.354 1.00 37.58 ? 284  THR A C   1 
ATOM   1408 O  O   . THR A 1 191 ? 5.348   -11.685 -18.557 1.00 40.32 ? 284  THR A O   1 
ATOM   1409 C  CB  . THR A 1 191 ? 5.650   -13.957 -16.112 1.00 39.28 ? 284  THR A CB  1 
ATOM   1410 O  OG1 . THR A 1 191 ? 6.478   -15.046 -15.693 1.00 42.08 ? 284  THR A OG1 1 
ATOM   1411 C  CG2 . THR A 1 191 ? 4.552   -14.484 -17.026 1.00 39.42 ? 284  THR A CG2 1 
ATOM   1412 N  N   . GLU A 1 192 ? 5.064   -10.985 -16.439 1.00 33.59 ? 285  GLU A N   1 
ATOM   1413 C  CA  . GLU A 1 192 ? 4.163   -9.901  -16.826 1.00 32.52 ? 285  GLU A CA  1 
ATOM   1414 C  C   . GLU A 1 192 ? 4.856   -8.795  -17.637 1.00 31.66 ? 285  GLU A C   1 
ATOM   1415 O  O   . GLU A 1 192 ? 4.216   -8.133  -18.449 1.00 33.39 ? 285  GLU A O   1 
ATOM   1416 C  CB  . GLU A 1 192 ? 3.498   -9.292  -15.587 1.00 31.82 ? 285  GLU A CB  1 
ATOM   1417 C  CG  . GLU A 1 192 ? 2.424   -10.177 -14.978 1.00 36.10 ? 285  GLU A CG  1 
ATOM   1418 C  CD  . GLU A 1 192 ? 1.759   -9.562  -13.758 1.00 39.94 ? 285  GLU A CD  1 
ATOM   1419 O  OE1 . GLU A 1 192 ? 1.470   -8.341  -13.782 1.00 38.33 ? 285  GLU A OE1 1 
ATOM   1420 O  OE2 . GLU A 1 192 ? 1.508   -10.309 -12.782 1.00 38.53 ? 285  GLU A OE2 1 
ATOM   1421 N  N   . GLU A 1 193 ? 6.147   -8.577  -17.403 1.00 32.91 ? 286  GLU A N   1 
ATOM   1422 C  CA  . GLU A 1 193 ? 6.851   -7.553  -18.168 1.00 39.36 ? 286  GLU A CA  1 
ATOM   1423 C  C   . GLU A 1 193 ? 7.141   -8.048  -19.577 1.00 44.99 ? 286  GLU A C   1 
ATOM   1424 O  O   . GLU A 1 193 ? 7.052   -7.283  -20.540 1.00 40.72 ? 286  GLU A O   1 
ATOM   1425 C  CB  . GLU A 1 193 ? 8.153   -7.146  -17.488 1.00 34.00 ? 286  GLU A CB  1 
ATOM   1426 C  CG  . GLU A 1 193 ? 7.924   -6.221  -16.299 1.00 34.29 ? 286  GLU A CG  1 
ATOM   1427 C  CD  . GLU A 1 193 ? 9.199   -5.723  -15.693 1.00 31.76 ? 286  GLU A CD  1 
ATOM   1428 O  OE1 . GLU A 1 193 ? 10.167  -6.507  -15.641 1.00 37.03 ? 286  GLU A OE1 1 
ATOM   1429 O  OE2 . GLU A 1 193 ? 9.234   -4.551  -15.253 1.00 33.41 ? 286  GLU A OE2 1 
ATOM   1430 N  N   . GLU A 1 194 ? 7.481   -9.327  -19.693 1.00 48.58 ? 287  GLU A N   1 
ATOM   1431 C  CA  . GLU A 1 194 ? 7.764   -9.913  -21.001 1.00 54.68 ? 287  GLU A CA  1 
ATOM   1432 C  C   . GLU A 1 194 ? 6.482   -9.964  -21.810 1.00 53.73 ? 287  GLU A C   1 
ATOM   1433 O  O   . GLU A 1 194 ? 6.501   -9.826  -23.031 1.00 54.94 ? 287  GLU A O   1 
ATOM   1434 C  CB  . GLU A 1 194 ? 8.338   -11.325 -20.856 1.00 58.77 ? 287  GLU A CB  1 
ATOM   1435 C  CG  . GLU A 1 194 ? 9.737   -11.369 -20.254 1.00 66.58 ? 287  GLU A CG  1 
ATOM   1436 C  CD  . GLU A 1 194 ? 10.357  -12.759 -20.312 1.00 71.56 ? 287  GLU A CD  1 
ATOM   1437 O  OE1 . GLU A 1 194 ? 9.770   -13.702 -19.735 1.00 75.28 ? 287  GLU A OE1 1 
ATOM   1438 O  OE2 . GLU A 1 194 ? 11.431  -12.903 -20.938 1.00 71.87 ? 287  GLU A OE2 1 
ATOM   1439 N  N   . ASN A 1 195 ? 5.365   -10.164 -21.119 1.00 55.37 ? 288  ASN A N   1 
ATOM   1440 C  CA  . ASN A 1 195 ? 4.070   -10.216 -21.778 1.00 58.54 ? 288  ASN A CA  1 
ATOM   1441 C  C   . ASN A 1 195 ? 3.704   -8.837  -22.291 1.00 57.99 ? 288  ASN A C   1 
ATOM   1442 O  O   . ASN A 1 195 ? 3.136   -8.697  -23.374 1.00 60.37 ? 288  ASN A O   1 
ATOM   1443 C  CB  . ASN A 1 195 ? 2.995   -10.710 -20.807 1.00 62.31 ? 288  ASN A CB  1 
ATOM   1444 C  CG  . ASN A 1 195 ? 2.929   -12.227 -20.733 1.00 68.59 ? 288  ASN A CG  1 
ATOM   1445 O  OD1 . ASN A 1 195 ? 3.948   -12.900 -20.558 1.00 70.79 ? 288  ASN A OD1 1 
ATOM   1446 N  ND2 . ASN A 1 195 ? 1.724   -12.771 -20.861 1.00 68.49 ? 288  ASN A ND2 1 
ATOM   1447 N  N   . LEU A 1 196 ? 4.033   -7.819  -21.503 1.00 58.81 ? 289  LEU A N   1 
ATOM   1448 C  CA  . LEU A 1 196 ? 3.751   -6.438  -21.866 1.00 58.12 ? 289  LEU A CA  1 
ATOM   1449 C  C   . LEU A 1 196 ? 4.424   -6.123  -23.197 1.00 59.52 ? 289  LEU A C   1 
ATOM   1450 O  O   . LEU A 1 196 ? 3.864   -5.428  -24.043 1.00 57.94 ? 289  LEU A O   1 
ATOM   1451 C  CB  . LEU A 1 196 ? 4.281   -5.496  -20.782 1.00 56.98 ? 289  LEU A CB  1 
ATOM   1452 C  CG  . LEU A 1 196 ? 4.127   -4.000  -21.040 1.00 56.32 ? 289  LEU A CG  1 
ATOM   1453 C  CD1 . LEU A 1 196 ? 2.650   -3.642  -21.108 1.00 57.38 ? 289  LEU A CD1 1 
ATOM   1454 C  CD2 . LEU A 1 196 ? 4.816   -3.222  -19.938 1.00 54.76 ? 289  LEU A CD2 1 
ATOM   1455 N  N   . ARG A 1 197 ? 5.629   -6.655  -23.373 1.00 61.20 ? 290  ARG A N   1 
ATOM   1456 C  CA  . ARG A 1 197 ? 6.401   -6.445  -24.592 1.00 63.67 ? 290  ARG A CA  1 
ATOM   1457 C  C   . ARG A 1 197 ? 6.055   -7.494  -25.642 1.00 63.22 ? 290  ARG A C   1 
ATOM   1458 O  O   . ARG A 1 197 ? 4.882   -7.731  -25.933 1.00 64.91 ? 290  ARG A O   1 
ATOM   1459 C  CB  . ARG A 1 197 ? 7.895   -6.504  -24.271 1.00 65.92 ? 290  ARG A CB  1 
ATOM   1460 C  CG  . ARG A 1 197 ? 8.807   -6.403  -25.482 1.00 69.70 ? 290  ARG A CG  1 
ATOM   1461 C  CD  . ARG A 1 197 ? 10.266  -6.588  -25.089 1.00 73.08 ? 290  ARG A CD  1 
ATOM   1462 N  NE  . ARG A 1 197 ? 10.450  -7.743  -24.212 1.00 78.98 ? 290  ARG A NE  1 
ATOM   1463 C  CZ  . ARG A 1 197 ? 10.052  -8.980  -24.501 1.00 82.31 ? 290  ARG A CZ  1 
ATOM   1464 N  NH1 . ARG A 1 197 ? 9.442   -9.237  -25.651 1.00 83.52 ? 290  ARG A NH1 1 
ATOM   1465 N  NH2 . ARG A 1 197 ? 10.265  -9.966  -23.636 1.00 82.91 ? 290  ARG A NH2 1 
HETATM 1466 ZN ZN  . ZN  B 2 .   ? -5.190  -15.554 1.997   1.00 29.21 ? 1291 ZN  A ZN  1 
HETATM 1467 O  O   . HOH C 3 .   ? -15.455 8.686   -4.190  1.00 52.91 ? 2001 HOH A O   1 
HETATM 1468 O  O   . HOH C 3 .   ? -11.398 11.127  -8.162  1.00 28.85 ? 2002 HOH A O   1 
HETATM 1469 O  O   . HOH C 3 .   ? -8.274  7.724   -2.356  1.00 26.55 ? 2003 HOH A O   1 
HETATM 1470 O  O   . HOH C 3 .   ? -12.954 9.281   -2.527  1.00 38.27 ? 2004 HOH A O   1 
HETATM 1471 O  O   . HOH C 3 .   ? -2.827  7.393   -7.912  1.00 24.29 ? 2005 HOH A O   1 
HETATM 1472 O  O   . HOH C 3 .   ? -9.994  7.257   -9.717  1.00 33.19 ? 2006 HOH A O   1 
HETATM 1473 O  O   . HOH C 3 .   ? -10.514 3.820   -7.989  1.00 47.07 ? 2007 HOH A O   1 
HETATM 1474 O  O   . HOH C 3 .   ? -3.568  11.364  -14.062 1.00 45.96 ? 2008 HOH A O   1 
HETATM 1475 O  O   . HOH C 3 .   ? -4.071  9.035   -12.003 1.00 34.49 ? 2009 HOH A O   1 
HETATM 1476 O  O   . HOH C 3 .   ? -4.948  19.627  -1.151  1.00 37.31 ? 2010 HOH A O   1 
HETATM 1477 O  O   . HOH C 3 .   ? -2.509  21.700  -4.052  1.00 29.02 ? 2011 HOH A O   1 
HETATM 1478 O  O   . HOH C 3 .   ? 1.326   17.443  -1.512  1.00 20.27 ? 2012 HOH A O   1 
HETATM 1479 O  O   . HOH C 3 .   ? 5.742   17.100  -11.484 1.00 49.46 ? 2013 HOH A O   1 
HETATM 1480 O  O   . HOH C 3 .   ? -0.475  15.768  -9.859  1.00 41.99 ? 2014 HOH A O   1 
HETATM 1481 O  O   . HOH C 3 .   ? 3.039   11.366  -9.276  1.00 40.20 ? 2015 HOH A O   1 
HETATM 1482 O  O   . HOH C 3 .   ? -0.938  18.239  -8.049  1.00 23.94 ? 2016 HOH A O   1 
HETATM 1483 O  O   . HOH C 3 .   ? 6.263   22.065  -3.027  1.00 38.87 ? 2017 HOH A O   1 
HETATM 1484 O  O   . HOH C 3 .   ? -0.528  24.011  -4.961  1.00 40.46 ? 2018 HOH A O   1 
HETATM 1485 O  O   . HOH C 3 .   ? -0.758  22.295  4.593   1.00 35.67 ? 2019 HOH A O   1 
HETATM 1486 O  O   . HOH C 3 .   ? 1.516   11.637  -6.687  1.00 24.55 ? 2020 HOH A O   1 
HETATM 1487 O  O   . HOH C 3 .   ? 5.450   7.531   -8.310  1.00 41.75 ? 2021 HOH A O   1 
HETATM 1488 O  O   . HOH C 3 .   ? 10.500  4.165   -8.226  1.00 46.39 ? 2022 HOH A O   1 
HETATM 1489 O  O   . HOH C 3 .   ? 14.057  -8.063  -2.407  1.00 41.78 ? 2023 HOH A O   1 
HETATM 1490 O  O   . HOH C 3 .   ? 11.674  -8.000  1.868   1.00 38.79 ? 2024 HOH A O   1 
HETATM 1491 O  O   . HOH C 3 .   ? 6.975   5.241   -9.915  1.00 49.16 ? 2025 HOH A O   1 
HETATM 1492 O  O   . HOH C 3 .   ? -2.111  -9.821  -9.720  1.00 43.22 ? 2026 HOH A O   1 
HETATM 1493 O  O   . HOH C 3 .   ? 6.043   -15.617 2.715   1.00 45.27 ? 2027 HOH A O   1 
HETATM 1494 O  O   . HOH C 3 .   ? -7.612  5.835   -0.085  1.00 25.27 ? 2028 HOH A O   1 
HETATM 1495 O  O   . HOH C 3 .   ? 11.138  -9.614  4.917   1.00 38.66 ? 2029 HOH A O   1 
HETATM 1496 O  O   . HOH C 3 .   ? 5.547   22.777  6.733   1.00 48.80 ? 2030 HOH A O   1 
HETATM 1497 O  O   . HOH C 3 .   ? 6.739   23.077  3.568   1.00 42.70 ? 2031 HOH A O   1 
HETATM 1498 O  O   . HOH C 3 .   ? 7.056   17.120  8.946   1.00 36.46 ? 2032 HOH A O   1 
HETATM 1499 O  O   . HOH C 3 .   ? -1.918  14.342  13.085  1.00 34.80 ? 2033 HOH A O   1 
HETATM 1500 O  O   . HOH C 3 .   ? 3.611   14.379  11.051  1.00 33.49 ? 2034 HOH A O   1 
HETATM 1501 O  O   . HOH C 3 .   ? -0.680  18.540  7.618   1.00 26.56 ? 2035 HOH A O   1 
HETATM 1502 O  O   . HOH C 3 .   ? -7.837  9.238   10.296  1.00 28.98 ? 2036 HOH A O   1 
HETATM 1503 O  O   . HOH C 3 .   ? -9.982  7.193   9.149   1.00 39.90 ? 2037 HOH A O   1 
HETATM 1504 O  O   . HOH C 3 .   ? -10.967 -1.970  0.053   1.00 20.57 ? 2038 HOH A O   1 
HETATM 1505 O  O   . HOH C 3 .   ? -11.838 -9.177  -0.444  1.00 38.87 ? 2039 HOH A O   1 
HETATM 1506 O  O   . HOH C 3 .   ? -9.716  -6.246  -9.397  1.00 37.50 ? 2040 HOH A O   1 
HETATM 1507 O  O   . HOH C 3 .   ? -8.030  -19.024 0.879   1.00 34.98 ? 2041 HOH A O   1 
HETATM 1508 O  O   . HOH C 3 .   ? -12.287 -2.228  -3.879  1.00 23.58 ? 2042 HOH A O   1 
HETATM 1509 O  O   . HOH C 3 .   ? -7.753  -5.087  4.248   1.00 21.99 ? 2043 HOH A O   1 
HETATM 1510 O  O   . HOH C 3 .   ? -9.925  -2.568  2.770   1.00 18.95 ? 2044 HOH A O   1 
HETATM 1511 O  O   . HOH C 3 .   ? 5.637   10.167  19.808  1.00 46.94 ? 2045 HOH A O   1 
HETATM 1512 O  O   . HOH C 3 .   ? 6.807   7.763   23.190  1.00 40.54 ? 2046 HOH A O   1 
HETATM 1513 O  O   . HOH C 3 .   ? -2.125  -23.642 4.798   1.00 37.19 ? 2047 HOH A O   1 
HETATM 1514 O  O   . HOH C 3 .   ? -9.976  -19.649 3.204   1.00 36.90 ? 2048 HOH A O   1 
HETATM 1515 O  O   . HOH C 3 .   ? 0.099   -18.921 4.368   1.00 40.24 ? 2049 HOH A O   1 
HETATM 1516 O  O   . HOH C 3 .   ? -11.087 -10.765 6.446   1.00 31.09 ? 2050 HOH A O   1 
HETATM 1517 O  O   . HOH C 3 .   ? -7.970  -14.382 14.005  1.00 43.33 ? 2051 HOH A O   1 
HETATM 1518 O  O   . HOH C 3 .   ? 0.890   -17.447 6.876   1.00 54.83 ? 2052 HOH A O   1 
HETATM 1519 O  O   . HOH C 3 .   ? -0.269  -8.860  12.496  1.00 37.87 ? 2053 HOH A O   1 
HETATM 1520 O  O   . HOH C 3 .   ? -5.642  -3.261  4.347   1.00 16.90 ? 2054 HOH A O   1 
HETATM 1521 O  O   . HOH C 3 .   ? -4.746  -1.951  6.616   1.00 17.89 ? 2055 HOH A O   1 
HETATM 1522 O  O   . HOH C 3 .   ? 7.971   1.213   8.475   1.00 26.33 ? 2056 HOH A O   1 
HETATM 1523 O  O   . HOH C 3 .   ? 10.897  1.350   9.529   1.00 53.89 ? 2057 HOH A O   1 
HETATM 1524 O  O   . HOH C 3 .   ? 2.617   -1.055  15.321  1.00 36.44 ? 2058 HOH A O   1 
HETATM 1525 O  O   . HOH C 3 .   ? 4.623   -1.308  12.992  1.00 35.37 ? 2059 HOH A O   1 
HETATM 1526 O  O   . HOH C 3 .   ? 6.370   6.469   14.763  1.00 41.45 ? 2060 HOH A O   1 
HETATM 1527 O  O   . HOH C 3 .   ? 7.799   3.906   9.524   1.00 31.05 ? 2061 HOH A O   1 
HETATM 1528 O  O   . HOH C 3 .   ? 8.329   4.133   15.241  1.00 38.31 ? 2062 HOH A O   1 
HETATM 1529 O  O   . HOH C 3 .   ? 4.239   8.770   22.215  1.00 42.99 ? 2063 HOH A O   1 
HETATM 1530 O  O   . HOH C 3 .   ? 0.386   0.308   16.471  1.00 24.66 ? 2064 HOH A O   1 
HETATM 1531 O  O   . HOH C 3 .   ? -7.544  7.586   14.545  1.00 17.53 ? 2065 HOH A O   1 
HETATM 1532 O  O   . HOH C 3 .   ? -0.432  7.625   15.005  1.00 17.18 ? 2066 HOH A O   1 
HETATM 1533 O  O   . HOH C 3 .   ? 1.751   -2.661  13.074  1.00 29.02 ? 2067 HOH A O   1 
HETATM 1534 O  O   . HOH C 3 .   ? -9.816  1.507   14.523  1.00 26.61 ? 2068 HOH A O   1 
HETATM 1535 O  O   . HOH C 3 .   ? -11.336 -5.136  11.018  1.00 49.13 ? 2069 HOH A O   1 
HETATM 1536 O  O   . HOH C 3 .   ? -11.740 2.836   12.723  1.00 26.31 ? 2070 HOH A O   1 
HETATM 1537 O  O   . HOH C 3 .   ? -16.571 -0.396  9.842   1.00 36.51 ? 2071 HOH A O   1 
HETATM 1538 O  O   . HOH C 3 .   ? -11.671 5.026   5.039   1.00 42.39 ? 2072 HOH A O   1 
HETATM 1539 O  O   . HOH C 3 .   ? -14.947 5.873   10.143  1.00 43.42 ? 2073 HOH A O   1 
HETATM 1540 O  O   . HOH C 3 .   ? -22.782 1.486   5.377   1.00 35.26 ? 2074 HOH A O   1 
HETATM 1541 O  O   . HOH C 3 .   ? -17.678 0.016   0.492   1.00 43.02 ? 2075 HOH A O   1 
HETATM 1542 O  O   . HOH C 3 .   ? -13.505 4.523   2.744   1.00 35.59 ? 2076 HOH A O   1 
HETATM 1543 O  O   . HOH C 3 .   ? -14.653 -3.097  8.104   1.00 28.27 ? 2077 HOH A O   1 
HETATM 1544 O  O   . HOH C 3 .   ? -7.260  -1.789  2.733   1.00 18.26 ? 2078 HOH A O   1 
HETATM 1545 O  O   . HOH C 3 .   ? -13.411 -6.589  8.994   1.00 44.38 ? 2079 HOH A O   1 
HETATM 1546 O  O   . HOH C 3 .   ? -10.252 3.115   6.559   1.00 20.54 ? 2080 HOH A O   1 
HETATM 1547 O  O   . HOH C 3 .   ? 0.323   4.055   6.099   1.00 15.35 ? 2081 HOH A O   1 
HETATM 1548 O  O   . HOH C 3 .   ? 5.858   7.663   11.558  1.00 25.30 ? 2082 HOH A O   1 
HETATM 1549 O  O   . HOH C 3 .   ? 9.542   12.416  2.758   1.00 28.10 ? 2083 HOH A O   1 
HETATM 1550 O  O   . HOH C 3 .   ? 6.377   8.575   7.832   1.00 21.39 ? 2084 HOH A O   1 
HETATM 1551 O  O   . HOH C 3 .   ? 8.446   6.632   8.599   1.00 37.83 ? 2085 HOH A O   1 
HETATM 1552 O  O   . HOH C 3 .   ? 12.179  8.946   8.366   1.00 35.07 ? 2086 HOH A O   1 
HETATM 1553 O  O   . HOH C 3 .   ? 11.297  13.652  0.530   1.00 32.02 ? 2087 HOH A O   1 
HETATM 1554 O  O   . HOH C 3 .   ? 14.392  6.632   3.465   1.00 40.94 ? 2088 HOH A O   1 
HETATM 1555 O  O   . HOH C 3 .   ? 12.741  6.879   6.249   1.00 41.68 ? 2089 HOH A O   1 
HETATM 1556 O  O   . HOH C 3 .   ? 4.369   -8.429  2.000   1.00 19.82 ? 2090 HOH A O   1 
HETATM 1557 O  O   . HOH C 3 .   ? -0.579  -14.033 6.895   1.00 50.05 ? 2091 HOH A O   1 
HETATM 1558 O  O   . HOH C 3 .   ? 5.251   -15.876 -0.195  1.00 30.53 ? 2092 HOH A O   1 
HETATM 1559 O  O   . HOH C 3 .   ? 2.792   -19.228 2.272   1.00 44.51 ? 2093 HOH A O   1 
HETATM 1560 O  O   . HOH C 3 .   ? -4.019  -8.902  -5.897  1.00 43.53 ? 2094 HOH A O   1 
HETATM 1561 O  O   . HOH C 3 .   ? -7.557  -11.788 -0.068  1.00 56.96 ? 2095 HOH A O   1 
HETATM 1562 O  O   . HOH C 3 .   ? -5.072  5.954   1.212   1.00 15.58 ? 2096 HOH A O   1 
HETATM 1563 O  O   . HOH C 3 .   ? -5.582  11.767  8.661   1.00 27.09 ? 2097 HOH A O   1 
HETATM 1564 O  O   . HOH C 3 .   ? -4.524  21.308  6.917   1.00 31.61 ? 2098 HOH A O   1 
HETATM 1565 O  O   . HOH C 3 .   ? -6.950  17.906  14.121  1.00 54.20 ? 2099 HOH A O   1 
HETATM 1566 O  O   . HOH C 3 .   ? -2.156  18.846  10.275  1.00 41.17 ? 2100 HOH A O   1 
HETATM 1567 O  O   . HOH C 3 .   ? -9.642  11.066  5.415   1.00 35.55 ? 2101 HOH A O   1 
HETATM 1568 O  O   . HOH C 3 .   ? -11.263 19.607  8.188   1.00 50.77 ? 2102 HOH A O   1 
HETATM 1569 O  O   . HOH C 3 .   ? -12.649 19.518  5.121   1.00 38.69 ? 2103 HOH A O   1 
HETATM 1570 O  O   . HOH C 3 .   ? -1.579  19.708  -1.123  1.00 23.50 ? 2104 HOH A O   1 
HETATM 1571 O  O   . HOH C 3 .   ? 3.352   5.132   -8.388  1.00 29.24 ? 2105 HOH A O   1 
HETATM 1572 O  O   . HOH C 3 .   ? -3.579  -13.999 -9.107  1.00 58.26 ? 2106 HOH A O   1 
HETATM 1573 O  O   . HOH C 3 .   ? -0.828  -15.051 -5.521  1.00 34.21 ? 2107 HOH A O   1 
HETATM 1574 O  O   . HOH C 3 .   ? 1.389   -17.299 -5.495  1.00 47.62 ? 2108 HOH A O   1 
HETATM 1575 O  O   . HOH C 3 .   ? 4.206   -16.707 -7.906  1.00 30.58 ? 2109 HOH A O   1 
HETATM 1576 O  O   . HOH C 3 .   ? 9.872   -15.146 -17.311 1.00 61.64 ? 2110 HOH A O   1 
HETATM 1577 O  O   . HOH C 3 .   ? 2.475   -7.850  -26.832 1.00 46.23 ? 2111 HOH A O   1 
HETATM 1578 O  O   . HOH C 3 .   ? 5.483   -10.362 -26.606 1.00 59.49 ? 2112 HOH A O   1 
# 
loop_
_pdbx_poly_seq_scheme.asym_id 
_pdbx_poly_seq_scheme.entity_id 
_pdbx_poly_seq_scheme.seq_id 
_pdbx_poly_seq_scheme.mon_id 
_pdbx_poly_seq_scheme.ndb_seq_num 
_pdbx_poly_seq_scheme.pdb_seq_num 
_pdbx_poly_seq_scheme.auth_seq_num 
_pdbx_poly_seq_scheme.pdb_mon_id 
_pdbx_poly_seq_scheme.auth_mon_id 
_pdbx_poly_seq_scheme.pdb_strand_id 
_pdbx_poly_seq_scheme.pdb_ins_code 
_pdbx_poly_seq_scheme.hetero 
A 1 1   SER 1   94  ?   ?   ?   A . n 
A 1 2   SER 2   95  ?   ?   ?   A . n 
A 1 3   SER 3   96  96  SER SER A . n 
A 1 4   VAL 4   97  97  VAL VAL A . n 
A 1 5   PRO 5   98  98  PRO PRO A . n 
A 1 6   SER 6   99  99  SER SER A . n 
A 1 7   GLN 7   100 100 GLN GLN A . n 
A 1 8   LYS 8   101 101 LYS LYS A . n 
A 1 9   THR 9   102 102 THR THR A . n 
A 1 10  TYR 10  103 103 TYR TYR A . n 
A 1 11  GLN 11  104 104 GLN GLN A . n 
A 1 12  GLY 12  105 105 GLY GLY A . n 
A 1 13  SER 13  106 106 SER SER A . n 
A 1 14  TYR 14  107 107 TYR TYR A . n 
A 1 15  GLY 15  108 108 GLY GLY A . n 
A 1 16  PHE 16  109 109 PHE PHE A . n 
A 1 17  ARG 17  110 110 ARG ARG A . n 
A 1 18  LEU 18  111 111 LEU LEU A . n 
A 1 19  GLY 19  112 112 GLY GLY A . n 
A 1 20  PHE 20  113 113 PHE PHE A . n 
A 1 21  LEU 21  114 114 LEU LEU A . n 
A 1 22  HIS 22  115 ?   ?   ?   A . n 
A 1 23  SER 23  116 ?   ?   ?   A . n 
A 1 24  GLY 24  117 ?   ?   ?   A . n 
A 1 25  THR 25  118 ?   ?   ?   A . n 
A 1 26  ALA 26  119 ?   ?   ?   A . n 
A 1 27  LYS 27  120 ?   ?   ?   A . n 
A 1 28  SER 28  121 121 SER SER A . n 
A 1 29  VAL 29  122 122 VAL VAL A . n 
A 1 30  THR 30  123 123 THR THR A . n 
A 1 31  CYS 31  124 124 CYS CYS A . n 
A 1 32  THR 32  125 125 THR THR A . n 
A 1 33  TYR 33  126 126 TYR TYR A . n 
A 1 34  SER 34  127 127 SER SER A . n 
A 1 35  PRO 35  128 128 PRO PRO A . n 
A 1 36  ALA 36  129 129 ALA ALA A . n 
A 1 37  LEU 37  130 130 LEU LEU A . n 
A 1 38  ASN 38  131 131 ASN ASN A . n 
A 1 39  LYS 39  132 132 LYS LYS A . n 
A 1 40  LEU 40  133 133 LEU LEU A . n 
A 1 41  PHE 41  134 134 PHE PHE A . n 
A 1 42  CYS 42  135 135 CYS CYS A . n 
A 1 43  GLN 43  136 136 GLN GLN A . n 
A 1 44  LEU 44  137 137 LEU LEU A . n 
A 1 45  ALA 45  138 138 ALA ALA A . n 
A 1 46  LYS 46  139 139 LYS LYS A . n 
A 1 47  THR 47  140 140 THR THR A . n 
A 1 48  CYS 48  141 141 CYS CYS A . n 
A 1 49  PRO 49  142 142 PRO PRO A . n 
A 1 50  VAL 50  143 143 VAL VAL A . n 
A 1 51  GLN 51  144 144 GLN GLN A . n 
A 1 52  LEU 52  145 145 LEU LEU A . n 
A 1 53  TRP 53  146 146 TRP TRP A . n 
A 1 54  VAL 54  147 147 VAL VAL A . n 
A 1 55  ASP 55  148 148 ASP ASP A . n 
A 1 56  SER 56  149 149 SER SER A . n 
A 1 57  THR 57  150 150 THR THR A . n 
A 1 58  PRO 58  151 151 PRO PRO A . n 
A 1 59  PRO 59  152 152 PRO PRO A . n 
A 1 60  PRO 60  153 153 PRO PRO A . n 
A 1 61  GLY 61  154 154 GLY GLY A . n 
A 1 62  THR 62  155 155 THR THR A . n 
A 1 63  ARG 63  156 156 ARG ARG A . n 
A 1 64  VAL 64  157 157 VAL VAL A . n 
A 1 65  ARG 65  158 158 ARG ARG A . n 
A 1 66  ALA 66  159 159 ALA ALA A . n 
A 1 67  MET 67  160 160 MET MET A . n 
A 1 68  ALA 68  161 161 ALA ALA A . n 
A 1 69  ILE 69  162 162 ILE ILE A . n 
A 1 70  TYR 70  163 163 TYR TYR A . n 
A 1 71  LYS 71  164 164 LYS LYS A . n 
A 1 72  GLN 72  165 165 GLN GLN A . n 
A 1 73  SER 73  166 166 SER SER A . n 
A 1 74  GLN 74  167 167 GLN GLN A . n 
A 1 75  ARG 75  168 168 ARG ARG A . n 
A 1 76  MET 76  169 169 MET MET A . n 
A 1 77  THR 77  170 170 THR THR A . n 
A 1 78  GLU 78  171 171 GLU GLU A . n 
A 1 79  VAL 79  172 172 VAL VAL A . n 
A 1 80  VAL 80  173 173 VAL VAL A . n 
A 1 81  ARG 81  174 174 ARG ARG A . n 
A 1 82  ARG 82  175 175 ARG ARG A . n 
A 1 83  CYS 83  176 176 CYS CYS A . n 
A 1 84  PRO 84  177 177 PRO PRO A . n 
A 1 85  HIS 85  178 178 HIS HIS A . n 
A 1 86  HIS 86  179 179 HIS HIS A . n 
A 1 87  GLU 87  180 180 GLU GLU A . n 
A 1 88  ARG 88  181 181 ARG ARG A . n 
A 1 89  CYS 89  182 182 CYS CYS A . n 
A 1 90  SER 90  183 ?   ?   ?   A . n 
A 1 91  ASP 91  184 ?   ?   ?   A . n 
A 1 92  SER 92  185 185 SER SER A . n 
A 1 93  ASP 93  186 186 ASP ASP A . n 
A 1 94  GLY 94  187 187 GLY GLY A . n 
A 1 95  LEU 95  188 188 LEU LEU A . n 
A 1 96  ALA 96  189 189 ALA ALA A . n 
A 1 97  PRO 97  190 190 PRO PRO A . n 
A 1 98  PRO 98  191 191 PRO PRO A . n 
A 1 99  GLN 99  192 192 GLN GLN A . n 
A 1 100 HIS 100 193 193 HIS HIS A . n 
A 1 101 LEU 101 194 194 LEU LEU A . n 
A 1 102 ILE 102 195 195 ILE ILE A . n 
A 1 103 ARG 103 196 196 ARG ARG A . n 
A 1 104 VAL 104 197 197 VAL VAL A . n 
A 1 105 GLU 105 198 198 GLU GLU A . n 
A 1 106 GLY 106 199 199 GLY GLY A . n 
A 1 107 ASN 107 200 200 ASN ASN A . n 
A 1 108 LEU 108 201 201 LEU LEU A . n 
A 1 109 ARG 109 202 202 ARG ARG A . n 
A 1 110 ALA 110 203 203 ALA ALA A . n 
A 1 111 GLU 111 204 204 GLU GLU A . n 
A 1 112 TYR 112 205 205 TYR TYR A . n 
A 1 113 LEU 113 206 206 LEU LEU A . n 
A 1 114 ASP 114 207 207 ASP ASP A . n 
A 1 115 ASP 115 208 208 ASP ASP A . n 
A 1 116 ARG 116 209 209 ARG ARG A . n 
A 1 117 ASN 117 210 210 ASN ASN A . n 
A 1 118 THR 118 211 211 THR THR A . n 
A 1 119 PHE 119 212 212 PHE PHE A . n 
A 1 120 ARG 120 213 213 ARG ARG A . n 
A 1 121 HIS 121 214 214 HIS HIS A . n 
A 1 122 SER 122 215 215 SER SER A . n 
A 1 123 VAL 123 216 216 VAL VAL A . n 
A 1 124 VAL 124 217 217 VAL VAL A . n 
A 1 125 VAL 125 218 218 VAL VAL A . n 
A 1 126 PRO 126 219 219 PRO PRO A . n 
A 1 127 TYR 127 220 220 TYR TYR A . n 
A 1 128 GLU 128 221 221 GLU GLU A . n 
A 1 129 PRO 129 222 222 PRO PRO A . n 
A 1 130 PRO 130 223 223 PRO PRO A . n 
A 1 131 GLU 131 224 224 GLU GLU A . n 
A 1 132 VAL 132 225 225 VAL VAL A . n 
A 1 133 GLY 133 226 226 GLY GLY A . n 
A 1 134 SER 134 227 227 SER SER A . n 
A 1 135 ASP 135 228 228 ASP ASP A . n 
A 1 136 CYS 136 229 229 CYS CYS A . n 
A 1 137 THR 137 230 230 THR THR A . n 
A 1 138 THR 138 231 231 THR THR A . n 
A 1 139 ILE 139 232 232 ILE ILE A . n 
A 1 140 HIS 140 233 233 HIS HIS A . n 
A 1 141 TYR 141 234 234 TYR TYR A . n 
A 1 142 ASN 142 235 235 ASN ASN A . n 
A 1 143 TYR 143 236 236 TYR TYR A . n 
A 1 144 MET 144 237 237 MET MET A . n 
A 1 145 CYS 145 238 238 CYS CYS A . n 
A 1 146 TYR 146 239 239 TYR TYR A . n 
A 1 147 SER 147 240 240 SER SER A . n 
A 1 148 SER 148 241 241 SER SER A . n 
A 1 149 CYS 149 242 242 CYS CYS A . n 
A 1 150 MET 150 243 ?   ?   ?   A . n 
A 1 151 GLY 151 244 ?   ?   ?   A . n 
A 1 152 GLY 152 245 245 GLY GLY A . n 
A 1 153 MET 153 246 246 MET MET A . n 
A 1 154 ASN 154 247 247 ASN ASN A . n 
A 1 155 ARG 155 248 248 ARG ARG A . n 
A 1 156 SER 156 249 249 SER SER A . n 
A 1 157 PRO 157 250 250 PRO PRO A . n 
A 1 158 ILE 158 251 251 ILE ILE A . n 
A 1 159 LEU 159 252 252 LEU LEU A . n 
A 1 160 THR 160 253 253 THR THR A . n 
A 1 161 ILE 161 254 254 ILE ILE A . n 
A 1 162 ILE 162 255 255 ILE ILE A . n 
A 1 163 THR 163 256 256 THR THR A . n 
A 1 164 LEU 164 257 257 LEU LEU A . n 
A 1 165 GLU 165 258 258 GLU GLU A . n 
A 1 166 ASP 166 259 259 ASP ASP A . n 
A 1 167 SER 167 260 260 SER SER A . n 
A 1 168 SER 168 261 261 SER SER A . n 
A 1 169 GLY 169 262 262 GLY GLY A . n 
A 1 170 ASN 170 263 263 ASN ASN A . n 
A 1 171 LEU 171 264 264 LEU LEU A . n 
A 1 172 LEU 172 265 265 LEU LEU A . n 
A 1 173 GLY 173 266 266 GLY GLY A . n 
A 1 174 ARG 174 267 267 ARG ARG A . n 
A 1 175 ASP 175 268 268 ASP ASP A . n 
A 1 176 SER 176 269 269 SER SER A . n 
A 1 177 PHE 177 270 270 PHE PHE A . n 
A 1 178 GLU 178 271 271 GLU GLU A . n 
A 1 179 VAL 179 272 272 VAL VAL A . n 
A 1 180 ARG 180 273 273 ARG ARG A . n 
A 1 181 VAL 181 274 274 VAL VAL A . n 
A 1 182 CYS 182 275 275 CYS CYS A . n 
A 1 183 ALA 183 276 276 ALA ALA A . n 
A 1 184 CYS 184 277 277 CYS CYS A . n 
A 1 185 PRO 185 278 278 PRO PRO A . n 
A 1 186 GLY 186 279 279 GLY GLY A . n 
A 1 187 ARG 187 280 280 ARG ARG A . n 
A 1 188 ASP 188 281 281 ASP ASP A . n 
A 1 189 ARG 189 282 282 ARG ARG A . n 
A 1 190 ARG 190 283 283 ARG ARG A . n 
A 1 191 THR 191 284 284 THR THR A . n 
A 1 192 GLU 192 285 285 GLU GLU A . n 
A 1 193 GLU 193 286 286 GLU GLU A . n 
A 1 194 GLU 194 287 287 GLU GLU A . n 
A 1 195 ASN 195 288 288 ASN ASN A . n 
A 1 196 LEU 196 289 289 LEU LEU A . n 
A 1 197 ARG 197 290 290 ARG ARG A . n 
A 1 198 LYS 198 291 ?   ?   ?   A . n 
A 1 199 LYS 199 292 ?   ?   ?   A . n 
A 1 200 GLY 200 293 ?   ?   ?   A . n 
A 1 201 GLU 201 294 ?   ?   ?   A . n 
A 1 202 PRO 202 295 ?   ?   ?   A . n 
A 1 203 HIS 203 296 ?   ?   ?   A . n 
A 1 204 HIS 204 297 ?   ?   ?   A . n 
A 1 205 GLU 205 298 ?   ?   ?   A . n 
A 1 206 LEU 206 299 ?   ?   ?   A . n 
A 1 207 PRO 207 300 ?   ?   ?   A . n 
A 1 208 PRO 208 301 ?   ?   ?   A . n 
A 1 209 GLY 209 302 ?   ?   ?   A . n 
A 1 210 SER 210 303 ?   ?   ?   A . n 
A 1 211 THR 211 304 ?   ?   ?   A . n 
A 1 212 LYS 212 305 ?   ?   ?   A . n 
A 1 213 ARG 213 306 ?   ?   ?   A . n 
A 1 214 ALA 214 307 ?   ?   ?   A . n 
A 1 215 LEU 215 308 ?   ?   ?   A . n 
A 1 216 PRO 216 309 ?   ?   ?   A . n 
A 1 217 ASN 217 310 ?   ?   ?   A . n 
A 1 218 ASN 218 311 ?   ?   ?   A . n 
A 1 219 THR 219 312 ?   ?   ?   A . n 
# 
loop_
_pdbx_nonpoly_scheme.asym_id 
_pdbx_nonpoly_scheme.entity_id 
_pdbx_nonpoly_scheme.mon_id 
_pdbx_nonpoly_scheme.ndb_seq_num 
_pdbx_nonpoly_scheme.pdb_seq_num 
_pdbx_nonpoly_scheme.auth_seq_num 
_pdbx_nonpoly_scheme.pdb_mon_id 
_pdbx_nonpoly_scheme.auth_mon_id 
_pdbx_nonpoly_scheme.pdb_strand_id 
_pdbx_nonpoly_scheme.pdb_ins_code 
B 2 ZN  1   1291 1291 ZN  ZN  A . 
C 3 HOH 1   2001 2001 HOH HOH A . 
C 3 HOH 2   2002 2002 HOH HOH A . 
C 3 HOH 3   2003 2003 HOH HOH A . 
C 3 HOH 4   2004 2004 HOH HOH A . 
C 3 HOH 5   2005 2005 HOH HOH A . 
C 3 HOH 6   2006 2006 HOH HOH A . 
C 3 HOH 7   2007 2007 HOH HOH A . 
C 3 HOH 8   2008 2008 HOH HOH A . 
C 3 HOH 9   2009 2009 HOH HOH A . 
C 3 HOH 10  2010 2010 HOH HOH A . 
C 3 HOH 11  2011 2011 HOH HOH A . 
C 3 HOH 12  2012 2012 HOH HOH A . 
C 3 HOH 13  2013 2013 HOH HOH A . 
C 3 HOH 14  2014 2014 HOH HOH A . 
C 3 HOH 15  2015 2015 HOH HOH A . 
C 3 HOH 16  2016 2016 HOH HOH A . 
C 3 HOH 17  2017 2017 HOH HOH A . 
C 3 HOH 18  2018 2018 HOH HOH A . 
C 3 HOH 19  2019 2019 HOH HOH A . 
C 3 HOH 20  2020 2020 HOH HOH A . 
C 3 HOH 21  2021 2021 HOH HOH A . 
C 3 HOH 22  2022 2022 HOH HOH A . 
C 3 HOH 23  2023 2023 HOH HOH A . 
C 3 HOH 24  2024 2024 HOH HOH A . 
C 3 HOH 25  2025 2025 HOH HOH A . 
C 3 HOH 26  2026 2026 HOH HOH A . 
C 3 HOH 27  2027 2027 HOH HOH A . 
C 3 HOH 28  2028 2028 HOH HOH A . 
C 3 HOH 29  2029 2029 HOH HOH A . 
C 3 HOH 30  2030 2030 HOH HOH A . 
C 3 HOH 31  2031 2031 HOH HOH A . 
C 3 HOH 32  2032 2032 HOH HOH A . 
C 3 HOH 33  2033 2033 HOH HOH A . 
C 3 HOH 34  2034 2034 HOH HOH A . 
C 3 HOH 35  2035 2035 HOH HOH A . 
C 3 HOH 36  2036 2036 HOH HOH A . 
C 3 HOH 37  2037 2037 HOH HOH A . 
C 3 HOH 38  2038 2038 HOH HOH A . 
C 3 HOH 39  2039 2039 HOH HOH A . 
C 3 HOH 40  2040 2040 HOH HOH A . 
C 3 HOH 41  2041 2041 HOH HOH A . 
C 3 HOH 42  2042 2042 HOH HOH A . 
C 3 HOH 43  2043 2043 HOH HOH A . 
C 3 HOH 44  2044 2044 HOH HOH A . 
C 3 HOH 45  2045 2045 HOH HOH A . 
C 3 HOH 46  2046 2046 HOH HOH A . 
C 3 HOH 47  2047 2047 HOH HOH A . 
C 3 HOH 48  2048 2048 HOH HOH A . 
C 3 HOH 49  2049 2049 HOH HOH A . 
C 3 HOH 50  2050 2050 HOH HOH A . 
C 3 HOH 51  2051 2051 HOH HOH A . 
C 3 HOH 52  2052 2052 HOH HOH A . 
C 3 HOH 53  2053 2053 HOH HOH A . 
C 3 HOH 54  2054 2054 HOH HOH A . 
C 3 HOH 55  2055 2055 HOH HOH A . 
C 3 HOH 56  2056 2056 HOH HOH A . 
C 3 HOH 57  2057 2057 HOH HOH A . 
C 3 HOH 58  2058 2058 HOH HOH A . 
C 3 HOH 59  2059 2059 HOH HOH A . 
C 3 HOH 60  2060 2060 HOH HOH A . 
C 3 HOH 61  2061 2061 HOH HOH A . 
C 3 HOH 62  2062 2062 HOH HOH A . 
C 3 HOH 63  2063 2063 HOH HOH A . 
C 3 HOH 64  2064 2064 HOH HOH A . 
C 3 HOH 65  2065 2065 HOH HOH A . 
C 3 HOH 66  2066 2066 HOH HOH A . 
C 3 HOH 67  2067 2067 HOH HOH A . 
C 3 HOH 68  2068 2068 HOH HOH A . 
C 3 HOH 69  2069 2069 HOH HOH A . 
C 3 HOH 70  2070 2070 HOH HOH A . 
C 3 HOH 71  2071 2071 HOH HOH A . 
C 3 HOH 72  2072 2072 HOH HOH A . 
C 3 HOH 73  2073 2073 HOH HOH A . 
C 3 HOH 74  2074 2074 HOH HOH A . 
C 3 HOH 75  2075 2075 HOH HOH A . 
C 3 HOH 76  2076 2076 HOH HOH A . 
C 3 HOH 77  2077 2077 HOH HOH A . 
C 3 HOH 78  2078 2078 HOH HOH A . 
C 3 HOH 79  2079 2079 HOH HOH A . 
C 3 HOH 80  2080 2080 HOH HOH A . 
C 3 HOH 81  2081 2081 HOH HOH A . 
C 3 HOH 82  2082 2082 HOH HOH A . 
C 3 HOH 83  2083 2083 HOH HOH A . 
C 3 HOH 84  2084 2084 HOH HOH A . 
C 3 HOH 85  2085 2085 HOH HOH A . 
C 3 HOH 86  2086 2086 HOH HOH A . 
C 3 HOH 87  2087 2087 HOH HOH A . 
C 3 HOH 88  2088 2088 HOH HOH A . 
C 3 HOH 89  2089 2089 HOH HOH A . 
C 3 HOH 90  2090 2090 HOH HOH A . 
C 3 HOH 91  2091 2091 HOH HOH A . 
C 3 HOH 92  2092 2092 HOH HOH A . 
C 3 HOH 93  2093 2093 HOH HOH A . 
C 3 HOH 94  2094 2094 HOH HOH A . 
C 3 HOH 95  2095 2095 HOH HOH A . 
C 3 HOH 96  2096 2096 HOH HOH A . 
C 3 HOH 97  2097 2097 HOH HOH A . 
C 3 HOH 98  2098 2098 HOH HOH A . 
C 3 HOH 99  2099 2099 HOH HOH A . 
C 3 HOH 100 2100 2100 HOH HOH A . 
C 3 HOH 101 2101 2101 HOH HOH A . 
C 3 HOH 102 2102 2102 HOH HOH A . 
C 3 HOH 103 2103 2103 HOH HOH A . 
C 3 HOH 104 2104 2104 HOH HOH A . 
C 3 HOH 105 2105 2105 HOH HOH A . 
C 3 HOH 106 2106 2106 HOH HOH A . 
C 3 HOH 107 2107 2107 HOH HOH A . 
C 3 HOH 108 2108 2108 HOH HOH A . 
C 3 HOH 109 2109 2109 HOH HOH A . 
C 3 HOH 110 2110 2110 HOH HOH A . 
C 3 HOH 111 2111 2111 HOH HOH A . 
C 3 HOH 112 2112 2112 HOH HOH A . 
# 
_pdbx_struct_assembly.id                   1 
_pdbx_struct_assembly.details              author_and_software_defined_assembly 
_pdbx_struct_assembly.method_details       PQS 
_pdbx_struct_assembly.oligomeric_details   monomeric 
_pdbx_struct_assembly.oligomeric_count     1 
# 
_pdbx_struct_assembly_gen.assembly_id       1 
_pdbx_struct_assembly_gen.oper_expression   1 
_pdbx_struct_assembly_gen.asym_id_list      A,B,C 
# 
_pdbx_struct_oper_list.id                   1 
_pdbx_struct_oper_list.type                 'identity operation' 
_pdbx_struct_oper_list.name                 1_555 
_pdbx_struct_oper_list.symmetry_operation   x,y,z 
_pdbx_struct_oper_list.matrix[1][1]         1.0000000000 
_pdbx_struct_oper_list.matrix[1][2]         0.0000000000 
_pdbx_struct_oper_list.matrix[1][3]         0.0000000000 
_pdbx_struct_oper_list.vector[1]            0.0000000000 
_pdbx_struct_oper_list.matrix[2][1]         0.0000000000 
_pdbx_struct_oper_list.matrix[2][2]         1.0000000000 
_pdbx_struct_oper_list.matrix[2][3]         0.0000000000 
_pdbx_struct_oper_list.vector[2]            0.0000000000 
_pdbx_struct_oper_list.matrix[3][1]         0.0000000000 
_pdbx_struct_oper_list.matrix[3][2]         0.0000000000 
_pdbx_struct_oper_list.matrix[3][3]         1.0000000000 
_pdbx_struct_oper_list.vector[3]            0.0000000000 
# 
loop_
_pdbx_struct_conn_angle.id 
_pdbx_struct_conn_angle.ptnr1_label_atom_id 
_pdbx_struct_conn_angle.ptnr1_label_alt_id 
_pdbx_struct_conn_angle.ptnr1_label_asym_id 
_pdbx_struct_conn_angle.ptnr1_label_comp_id 
_pdbx_struct_conn_angle.ptnr1_label_seq_id 
_pdbx_struct_conn_angle.ptnr1_auth_atom_id 
_pdbx_struct_conn_angle.ptnr1_auth_asym_id 
_pdbx_struct_conn_angle.ptnr1_auth_comp_id 
_pdbx_struct_conn_angle.ptnr1_auth_seq_id 
_pdbx_struct_conn_angle.ptnr1_PDB_ins_code 
_pdbx_struct_conn_angle.ptnr1_symmetry 
_pdbx_struct_conn_angle.ptnr2_label_atom_id 
_pdbx_struct_conn_angle.ptnr2_label_alt_id 
_pdbx_struct_conn_angle.ptnr2_label_asym_id 
_pdbx_struct_conn_angle.ptnr2_label_comp_id 
_pdbx_struct_conn_angle.ptnr2_label_seq_id 
_pdbx_struct_conn_angle.ptnr2_auth_atom_id 
_pdbx_struct_conn_angle.ptnr2_auth_asym_id 
_pdbx_struct_conn_angle.ptnr2_auth_comp_id 
_pdbx_struct_conn_angle.ptnr2_auth_seq_id 
_pdbx_struct_conn_angle.ptnr2_PDB_ins_code 
_pdbx_struct_conn_angle.ptnr2_symmetry 
_pdbx_struct_conn_angle.ptnr3_label_atom_id 
_pdbx_struct_conn_angle.ptnr3_label_alt_id 
_pdbx_struct_conn_angle.ptnr3_label_asym_id 
_pdbx_struct_conn_angle.ptnr3_label_comp_id 
_pdbx_struct_conn_angle.ptnr3_label_seq_id 
_pdbx_struct_conn_angle.ptnr3_auth_atom_id 
_pdbx_struct_conn_angle.ptnr3_auth_asym_id 
_pdbx_struct_conn_angle.ptnr3_auth_comp_id 
_pdbx_struct_conn_angle.ptnr3_auth_seq_id 
_pdbx_struct_conn_angle.ptnr3_PDB_ins_code 
_pdbx_struct_conn_angle.ptnr3_symmetry 
_pdbx_struct_conn_angle.value 
_pdbx_struct_conn_angle.value_esd 
1 SG  ? A CYS 83  ? A CYS 176 ? 1_555 ZN ? B ZN . ? A ZN 1291 ? 1_555 ND1 ? A HIS 86  ? A HIS 179 ? 1_555 105.5 ? 
2 SG  ? A CYS 83  ? A CYS 176 ? 1_555 ZN ? B ZN . ? A ZN 1291 ? 1_555 SG  ? A CYS 145 ? A CYS 238 ? 1_555 110.7 ? 
3 ND1 ? A HIS 86  ? A HIS 179 ? 1_555 ZN ? B ZN . ? A ZN 1291 ? 1_555 SG  ? A CYS 145 ? A CYS 238 ? 1_555 123.9 ? 
4 SG  ? A CYS 83  ? A CYS 176 ? 1_555 ZN ? B ZN . ? A ZN 1291 ? 1_555 SG  ? A CYS 149 ? A CYS 242 ? 1_555 110.1 ? 
5 ND1 ? A HIS 86  ? A HIS 179 ? 1_555 ZN ? B ZN . ? A ZN 1291 ? 1_555 SG  ? A CYS 149 ? A CYS 242 ? 1_555 103.4 ? 
6 SG  ? A CYS 145 ? A CYS 238 ? 1_555 ZN ? B ZN . ? A ZN 1291 ? 1_555 SG  ? A CYS 149 ? A CYS 242 ? 1_555 102.6 ? 
# 
loop_
_pdbx_audit_revision_history.ordinal 
_pdbx_audit_revision_history.data_content_type 
_pdbx_audit_revision_history.major_revision 
_pdbx_audit_revision_history.minor_revision 
_pdbx_audit_revision_history.revision_date 
1 'Structure model' 1 0 2005-01-26 
2 'Structure model' 1 1 2011-05-08 
3 'Structure model' 1 2 2011-07-13 
4 'Structure model' 1 3 2023-12-13 
# 
_pdbx_audit_revision_details.ordinal             1 
_pdbx_audit_revision_details.revision_ordinal    1 
_pdbx_audit_revision_details.data_content_type   'Structure model' 
_pdbx_audit_revision_details.provider            repository 
_pdbx_audit_revision_details.type                'Initial release' 
_pdbx_audit_revision_details.description         ? 
_pdbx_audit_revision_details.details             ? 
# 
loop_
_pdbx_audit_revision_group.ordinal 
_pdbx_audit_revision_group.revision_ordinal 
_pdbx_audit_revision_group.data_content_type 
_pdbx_audit_revision_group.group 
1 2 'Structure model' 'Version format compliance' 
2 3 'Structure model' 'Version format compliance' 
3 4 'Structure model' 'Data collection'           
4 4 'Structure model' 'Database references'       
5 4 'Structure model' 'Derived calculations'      
6 4 'Structure model' Other                       
7 4 'Structure model' 'Refinement description'    
# 
loop_
_pdbx_audit_revision_category.ordinal 
_pdbx_audit_revision_category.revision_ordinal 
_pdbx_audit_revision_category.data_content_type 
_pdbx_audit_revision_category.category 
1 4 'Structure model' chem_comp_atom                
2 4 'Structure model' chem_comp_bond                
3 4 'Structure model' database_2                    
4 4 'Structure model' pdbx_database_status          
5 4 'Structure model' pdbx_initial_refinement_model 
6 4 'Structure model' pdbx_struct_conn_angle        
7 4 'Structure model' struct_conn                   
# 
loop_
_pdbx_audit_revision_item.ordinal 
_pdbx_audit_revision_item.revision_ordinal 
_pdbx_audit_revision_item.data_content_type 
_pdbx_audit_revision_item.item 
1  4 'Structure model' '_database_2.pdbx_DOI'                        
2  4 'Structure model' '_database_2.pdbx_database_accession'         
3  4 'Structure model' '_pdbx_database_status.status_code_sf'        
4  4 'Structure model' '_pdbx_struct_conn_angle.ptnr1_auth_comp_id'  
5  4 'Structure model' '_pdbx_struct_conn_angle.ptnr1_auth_seq_id'   
6  4 'Structure model' '_pdbx_struct_conn_angle.ptnr1_label_atom_id' 
7  4 'Structure model' '_pdbx_struct_conn_angle.ptnr1_label_comp_id' 
8  4 'Structure model' '_pdbx_struct_conn_angle.ptnr1_label_seq_id'  
9  4 'Structure model' '_pdbx_struct_conn_angle.ptnr3_auth_comp_id'  
10 4 'Structure model' '_pdbx_struct_conn_angle.ptnr3_auth_seq_id'   
11 4 'Structure model' '_pdbx_struct_conn_angle.ptnr3_label_atom_id' 
12 4 'Structure model' '_pdbx_struct_conn_angle.ptnr3_label_comp_id' 
13 4 'Structure model' '_pdbx_struct_conn_angle.ptnr3_label_seq_id'  
14 4 'Structure model' '_pdbx_struct_conn_angle.value'               
15 4 'Structure model' '_struct_conn.pdbx_dist_value'                
16 4 'Structure model' '_struct_conn.ptnr1_auth_comp_id'             
17 4 'Structure model' '_struct_conn.ptnr1_auth_seq_id'              
18 4 'Structure model' '_struct_conn.ptnr1_label_asym_id'            
19 4 'Structure model' '_struct_conn.ptnr1_label_atom_id'            
20 4 'Structure model' '_struct_conn.ptnr1_label_comp_id'            
21 4 'Structure model' '_struct_conn.ptnr1_label_seq_id'             
22 4 'Structure model' '_struct_conn.ptnr2_auth_comp_id'             
23 4 'Structure model' '_struct_conn.ptnr2_auth_seq_id'              
24 4 'Structure model' '_struct_conn.ptnr2_label_asym_id'            
25 4 'Structure model' '_struct_conn.ptnr2_label_atom_id'            
26 4 'Structure model' '_struct_conn.ptnr2_label_comp_id'            
27 4 'Structure model' '_struct_conn.ptnr2_label_seq_id'             
# 
_software.name             CNS 
_software.classification   refinement 
_software.version          . 
_software.citation_id      ? 
_software.pdbx_ordinal     1 
# 
_pdbx_entry_details.entry_id                 2BIP 
_pdbx_entry_details.compound_details         
;FUNCTION: TUMOR SUPPRESSOR IN MANY TUMOR TYPES
ENGINEERED MUTATIONS IN CHAIN A MET 133 TO LEU, HIS 168 TO
 ARG, VAL 203 TO ALA, ASN 239 TO TYR, ARG 249 TO SER, ASN
 268 TO ASP
;
_pdbx_entry_details.source_details           ? 
_pdbx_entry_details.nonpolymer_details       ? 
_pdbx_entry_details.sequence_details         ? 
_pdbx_entry_details.has_ligand_of_interest   ? 
# 
_pdbx_validate_torsion.id              1 
_pdbx_validate_torsion.PDB_model_num   1 
_pdbx_validate_torsion.auth_comp_id    ASN 
_pdbx_validate_torsion.auth_asym_id    A 
_pdbx_validate_torsion.auth_seq_id     247 
_pdbx_validate_torsion.PDB_ins_code    ? 
_pdbx_validate_torsion.label_alt_id    ? 
_pdbx_validate_torsion.phi             38.73 
_pdbx_validate_torsion.psi             65.60 
# 
loop_
_pdbx_unobs_or_zero_occ_residues.id 
_pdbx_unobs_or_zero_occ_residues.PDB_model_num 
_pdbx_unobs_or_zero_occ_residues.polymer_flag 
_pdbx_unobs_or_zero_occ_residues.occupancy_flag 
_pdbx_unobs_or_zero_occ_residues.auth_asym_id 
_pdbx_unobs_or_zero_occ_residues.auth_comp_id 
_pdbx_unobs_or_zero_occ_residues.auth_seq_id 
_pdbx_unobs_or_zero_occ_residues.PDB_ins_code 
_pdbx_unobs_or_zero_occ_residues.label_asym_id 
_pdbx_unobs_or_zero_occ_residues.label_comp_id 
_pdbx_unobs_or_zero_occ_residues.label_seq_id 
1  1 Y 1 A SER 94  ? A SER 1   
2  1 Y 1 A SER 95  ? A SER 2   
3  1 Y 1 A HIS 115 ? A HIS 22  
4  1 Y 1 A SER 116 ? A SER 23  
5  1 Y 1 A GLY 117 ? A GLY 24  
6  1 Y 1 A THR 118 ? A THR 25  
7  1 Y 1 A ALA 119 ? A ALA 26  
8  1 Y 1 A LYS 120 ? A LYS 27  
9  1 Y 1 A SER 183 ? A SER 90  
10 1 Y 1 A ASP 184 ? A ASP 91  
11 1 Y 1 A MET 243 ? A MET 150 
12 1 Y 1 A GLY 244 ? A GLY 151 
13 1 Y 1 A LYS 291 ? A LYS 198 
14 1 Y 1 A LYS 292 ? A LYS 199 
15 1 Y 1 A GLY 293 ? A GLY 200 
16 1 Y 1 A GLU 294 ? A GLU 201 
17 1 Y 1 A PRO 295 ? A PRO 202 
18 1 Y 1 A HIS 296 ? A HIS 203 
19 1 Y 1 A HIS 297 ? A HIS 204 
20 1 Y 1 A GLU 298 ? A GLU 205 
21 1 Y 1 A LEU 299 ? A LEU 206 
22 1 Y 1 A PRO 300 ? A PRO 207 
23 1 Y 1 A PRO 301 ? A PRO 208 
24 1 Y 1 A GLY 302 ? A GLY 209 
25 1 Y 1 A SER 303 ? A SER 210 
26 1 Y 1 A THR 304 ? A THR 211 
27 1 Y 1 A LYS 305 ? A LYS 212 
28 1 Y 1 A ARG 306 ? A ARG 213 
29 1 Y 1 A ALA 307 ? A ALA 214 
30 1 Y 1 A LEU 308 ? A LEU 215 
31 1 Y 1 A PRO 309 ? A PRO 216 
32 1 Y 1 A ASN 310 ? A ASN 217 
33 1 Y 1 A ASN 311 ? A ASN 218 
34 1 Y 1 A THR 312 ? A THR 219 
# 
loop_
_chem_comp_atom.comp_id 
_chem_comp_atom.atom_id 
_chem_comp_atom.type_symbol 
_chem_comp_atom.pdbx_aromatic_flag 
_chem_comp_atom.pdbx_stereo_config 
_chem_comp_atom.pdbx_ordinal 
ALA N    N  N N 1   
ALA CA   C  N S 2   
ALA C    C  N N 3   
ALA O    O  N N 4   
ALA CB   C  N N 5   
ALA OXT  O  N N 6   
ALA H    H  N N 7   
ALA H2   H  N N 8   
ALA HA   H  N N 9   
ALA HB1  H  N N 10  
ALA HB2  H  N N 11  
ALA HB3  H  N N 12  
ALA HXT  H  N N 13  
ARG N    N  N N 14  
ARG CA   C  N S 15  
ARG C    C  N N 16  
ARG O    O  N N 17  
ARG CB   C  N N 18  
ARG CG   C  N N 19  
ARG CD   C  N N 20  
ARG NE   N  N N 21  
ARG CZ   C  N N 22  
ARG NH1  N  N N 23  
ARG NH2  N  N N 24  
ARG OXT  O  N N 25  
ARG H    H  N N 26  
ARG H2   H  N N 27  
ARG HA   H  N N 28  
ARG HB2  H  N N 29  
ARG HB3  H  N N 30  
ARG HG2  H  N N 31  
ARG HG3  H  N N 32  
ARG HD2  H  N N 33  
ARG HD3  H  N N 34  
ARG HE   H  N N 35  
ARG HH11 H  N N 36  
ARG HH12 H  N N 37  
ARG HH21 H  N N 38  
ARG HH22 H  N N 39  
ARG HXT  H  N N 40  
ASN N    N  N N 41  
ASN CA   C  N S 42  
ASN C    C  N N 43  
ASN O    O  N N 44  
ASN CB   C  N N 45  
ASN CG   C  N N 46  
ASN OD1  O  N N 47  
ASN ND2  N  N N 48  
ASN OXT  O  N N 49  
ASN H    H  N N 50  
ASN H2   H  N N 51  
ASN HA   H  N N 52  
ASN HB2  H  N N 53  
ASN HB3  H  N N 54  
ASN HD21 H  N N 55  
ASN HD22 H  N N 56  
ASN HXT  H  N N 57  
ASP N    N  N N 58  
ASP CA   C  N S 59  
ASP C    C  N N 60  
ASP O    O  N N 61  
ASP CB   C  N N 62  
ASP CG   C  N N 63  
ASP OD1  O  N N 64  
ASP OD2  O  N N 65  
ASP OXT  O  N N 66  
ASP H    H  N N 67  
ASP H2   H  N N 68  
ASP HA   H  N N 69  
ASP HB2  H  N N 70  
ASP HB3  H  N N 71  
ASP HD2  H  N N 72  
ASP HXT  H  N N 73  
CYS N    N  N N 74  
CYS CA   C  N R 75  
CYS C    C  N N 76  
CYS O    O  N N 77  
CYS CB   C  N N 78  
CYS SG   S  N N 79  
CYS OXT  O  N N 80  
CYS H    H  N N 81  
CYS H2   H  N N 82  
CYS HA   H  N N 83  
CYS HB2  H  N N 84  
CYS HB3  H  N N 85  
CYS HG   H  N N 86  
CYS HXT  H  N N 87  
GLN N    N  N N 88  
GLN CA   C  N S 89  
GLN C    C  N N 90  
GLN O    O  N N 91  
GLN CB   C  N N 92  
GLN CG   C  N N 93  
GLN CD   C  N N 94  
GLN OE1  O  N N 95  
GLN NE2  N  N N 96  
GLN OXT  O  N N 97  
GLN H    H  N N 98  
GLN H2   H  N N 99  
GLN HA   H  N N 100 
GLN HB2  H  N N 101 
GLN HB3  H  N N 102 
GLN HG2  H  N N 103 
GLN HG3  H  N N 104 
GLN HE21 H  N N 105 
GLN HE22 H  N N 106 
GLN HXT  H  N N 107 
GLU N    N  N N 108 
GLU CA   C  N S 109 
GLU C    C  N N 110 
GLU O    O  N N 111 
GLU CB   C  N N 112 
GLU CG   C  N N 113 
GLU CD   C  N N 114 
GLU OE1  O  N N 115 
GLU OE2  O  N N 116 
GLU OXT  O  N N 117 
GLU H    H  N N 118 
GLU H2   H  N N 119 
GLU HA   H  N N 120 
GLU HB2  H  N N 121 
GLU HB3  H  N N 122 
GLU HG2  H  N N 123 
GLU HG3  H  N N 124 
GLU HE2  H  N N 125 
GLU HXT  H  N N 126 
GLY N    N  N N 127 
GLY CA   C  N N 128 
GLY C    C  N N 129 
GLY O    O  N N 130 
GLY OXT  O  N N 131 
GLY H    H  N N 132 
GLY H2   H  N N 133 
GLY HA2  H  N N 134 
GLY HA3  H  N N 135 
GLY HXT  H  N N 136 
HIS N    N  N N 137 
HIS CA   C  N S 138 
HIS C    C  N N 139 
HIS O    O  N N 140 
HIS CB   C  N N 141 
HIS CG   C  Y N 142 
HIS ND1  N  Y N 143 
HIS CD2  C  Y N 144 
HIS CE1  C  Y N 145 
HIS NE2  N  Y N 146 
HIS OXT  O  N N 147 
HIS H    H  N N 148 
HIS H2   H  N N 149 
HIS HA   H  N N 150 
HIS HB2  H  N N 151 
HIS HB3  H  N N 152 
HIS HD1  H  N N 153 
HIS HD2  H  N N 154 
HIS HE1  H  N N 155 
HIS HE2  H  N N 156 
HIS HXT  H  N N 157 
HOH O    O  N N 158 
HOH H1   H  N N 159 
HOH H2   H  N N 160 
ILE N    N  N N 161 
ILE CA   C  N S 162 
ILE C    C  N N 163 
ILE O    O  N N 164 
ILE CB   C  N S 165 
ILE CG1  C  N N 166 
ILE CG2  C  N N 167 
ILE CD1  C  N N 168 
ILE OXT  O  N N 169 
ILE H    H  N N 170 
ILE H2   H  N N 171 
ILE HA   H  N N 172 
ILE HB   H  N N 173 
ILE HG12 H  N N 174 
ILE HG13 H  N N 175 
ILE HG21 H  N N 176 
ILE HG22 H  N N 177 
ILE HG23 H  N N 178 
ILE HD11 H  N N 179 
ILE HD12 H  N N 180 
ILE HD13 H  N N 181 
ILE HXT  H  N N 182 
LEU N    N  N N 183 
LEU CA   C  N S 184 
LEU C    C  N N 185 
LEU O    O  N N 186 
LEU CB   C  N N 187 
LEU CG   C  N N 188 
LEU CD1  C  N N 189 
LEU CD2  C  N N 190 
LEU OXT  O  N N 191 
LEU H    H  N N 192 
LEU H2   H  N N 193 
LEU HA   H  N N 194 
LEU HB2  H  N N 195 
LEU HB3  H  N N 196 
LEU HG   H  N N 197 
LEU HD11 H  N N 198 
LEU HD12 H  N N 199 
LEU HD13 H  N N 200 
LEU HD21 H  N N 201 
LEU HD22 H  N N 202 
LEU HD23 H  N N 203 
LEU HXT  H  N N 204 
LYS N    N  N N 205 
LYS CA   C  N S 206 
LYS C    C  N N 207 
LYS O    O  N N 208 
LYS CB   C  N N 209 
LYS CG   C  N N 210 
LYS CD   C  N N 211 
LYS CE   C  N N 212 
LYS NZ   N  N N 213 
LYS OXT  O  N N 214 
LYS H    H  N N 215 
LYS H2   H  N N 216 
LYS HA   H  N N 217 
LYS HB2  H  N N 218 
LYS HB3  H  N N 219 
LYS HG2  H  N N 220 
LYS HG3  H  N N 221 
LYS HD2  H  N N 222 
LYS HD3  H  N N 223 
LYS HE2  H  N N 224 
LYS HE3  H  N N 225 
LYS HZ1  H  N N 226 
LYS HZ2  H  N N 227 
LYS HZ3  H  N N 228 
LYS HXT  H  N N 229 
MET N    N  N N 230 
MET CA   C  N S 231 
MET C    C  N N 232 
MET O    O  N N 233 
MET CB   C  N N 234 
MET CG   C  N N 235 
MET SD   S  N N 236 
MET CE   C  N N 237 
MET OXT  O  N N 238 
MET H    H  N N 239 
MET H2   H  N N 240 
MET HA   H  N N 241 
MET HB2  H  N N 242 
MET HB3  H  N N 243 
MET HG2  H  N N 244 
MET HG3  H  N N 245 
MET HE1  H  N N 246 
MET HE2  H  N N 247 
MET HE3  H  N N 248 
MET HXT  H  N N 249 
PHE N    N  N N 250 
PHE CA   C  N S 251 
PHE C    C  N N 252 
PHE O    O  N N 253 
PHE CB   C  N N 254 
PHE CG   C  Y N 255 
PHE CD1  C  Y N 256 
PHE CD2  C  Y N 257 
PHE CE1  C  Y N 258 
PHE CE2  C  Y N 259 
PHE CZ   C  Y N 260 
PHE OXT  O  N N 261 
PHE H    H  N N 262 
PHE H2   H  N N 263 
PHE HA   H  N N 264 
PHE HB2  H  N N 265 
PHE HB3  H  N N 266 
PHE HD1  H  N N 267 
PHE HD2  H  N N 268 
PHE HE1  H  N N 269 
PHE HE2  H  N N 270 
PHE HZ   H  N N 271 
PHE HXT  H  N N 272 
PRO N    N  N N 273 
PRO CA   C  N S 274 
PRO C    C  N N 275 
PRO O    O  N N 276 
PRO CB   C  N N 277 
PRO CG   C  N N 278 
PRO CD   C  N N 279 
PRO OXT  O  N N 280 
PRO H    H  N N 281 
PRO HA   H  N N 282 
PRO HB2  H  N N 283 
PRO HB3  H  N N 284 
PRO HG2  H  N N 285 
PRO HG3  H  N N 286 
PRO HD2  H  N N 287 
PRO HD3  H  N N 288 
PRO HXT  H  N N 289 
SER N    N  N N 290 
SER CA   C  N S 291 
SER C    C  N N 292 
SER O    O  N N 293 
SER CB   C  N N 294 
SER OG   O  N N 295 
SER OXT  O  N N 296 
SER H    H  N N 297 
SER H2   H  N N 298 
SER HA   H  N N 299 
SER HB2  H  N N 300 
SER HB3  H  N N 301 
SER HG   H  N N 302 
SER HXT  H  N N 303 
THR N    N  N N 304 
THR CA   C  N S 305 
THR C    C  N N 306 
THR O    O  N N 307 
THR CB   C  N R 308 
THR OG1  O  N N 309 
THR CG2  C  N N 310 
THR OXT  O  N N 311 
THR H    H  N N 312 
THR H2   H  N N 313 
THR HA   H  N N 314 
THR HB   H  N N 315 
THR HG1  H  N N 316 
THR HG21 H  N N 317 
THR HG22 H  N N 318 
THR HG23 H  N N 319 
THR HXT  H  N N 320 
TRP N    N  N N 321 
TRP CA   C  N S 322 
TRP C    C  N N 323 
TRP O    O  N N 324 
TRP CB   C  N N 325 
TRP CG   C  Y N 326 
TRP CD1  C  Y N 327 
TRP CD2  C  Y N 328 
TRP NE1  N  Y N 329 
TRP CE2  C  Y N 330 
TRP CE3  C  Y N 331 
TRP CZ2  C  Y N 332 
TRP CZ3  C  Y N 333 
TRP CH2  C  Y N 334 
TRP OXT  O  N N 335 
TRP H    H  N N 336 
TRP H2   H  N N 337 
TRP HA   H  N N 338 
TRP HB2  H  N N 339 
TRP HB3  H  N N 340 
TRP HD1  H  N N 341 
TRP HE1  H  N N 342 
TRP HE3  H  N N 343 
TRP HZ2  H  N N 344 
TRP HZ3  H  N N 345 
TRP HH2  H  N N 346 
TRP HXT  H  N N 347 
TYR N    N  N N 348 
TYR CA   C  N S 349 
TYR C    C  N N 350 
TYR O    O  N N 351 
TYR CB   C  N N 352 
TYR CG   C  Y N 353 
TYR CD1  C  Y N 354 
TYR CD2  C  Y N 355 
TYR CE1  C  Y N 356 
TYR CE2  C  Y N 357 
TYR CZ   C  Y N 358 
TYR OH   O  N N 359 
TYR OXT  O  N N 360 
TYR H    H  N N 361 
TYR H2   H  N N 362 
TYR HA   H  N N 363 
TYR HB2  H  N N 364 
TYR HB3  H  N N 365 
TYR HD1  H  N N 366 
TYR HD2  H  N N 367 
TYR HE1  H  N N 368 
TYR HE2  H  N N 369 
TYR HH   H  N N 370 
TYR HXT  H  N N 371 
VAL N    N  N N 372 
VAL CA   C  N S 373 
VAL C    C  N N 374 
VAL O    O  N N 375 
VAL CB   C  N N 376 
VAL CG1  C  N N 377 
VAL CG2  C  N N 378 
VAL OXT  O  N N 379 
VAL H    H  N N 380 
VAL H2   H  N N 381 
VAL HA   H  N N 382 
VAL HB   H  N N 383 
VAL HG11 H  N N 384 
VAL HG12 H  N N 385 
VAL HG13 H  N N 386 
VAL HG21 H  N N 387 
VAL HG22 H  N N 388 
VAL HG23 H  N N 389 
VAL HXT  H  N N 390 
ZN  ZN   ZN N N 391 
# 
loop_
_chem_comp_bond.comp_id 
_chem_comp_bond.atom_id_1 
_chem_comp_bond.atom_id_2 
_chem_comp_bond.value_order 
_chem_comp_bond.pdbx_aromatic_flag 
_chem_comp_bond.pdbx_stereo_config 
_chem_comp_bond.pdbx_ordinal 
ALA N   CA   sing N N 1   
ALA N   H    sing N N 2   
ALA N   H2   sing N N 3   
ALA CA  C    sing N N 4   
ALA CA  CB   sing N N 5   
ALA CA  HA   sing N N 6   
ALA C   O    doub N N 7   
ALA C   OXT  sing N N 8   
ALA CB  HB1  sing N N 9   
ALA CB  HB2  sing N N 10  
ALA CB  HB3  sing N N 11  
ALA OXT HXT  sing N N 12  
ARG N   CA   sing N N 13  
ARG N   H    sing N N 14  
ARG N   H2   sing N N 15  
ARG CA  C    sing N N 16  
ARG CA  CB   sing N N 17  
ARG CA  HA   sing N N 18  
ARG C   O    doub N N 19  
ARG C   OXT  sing N N 20  
ARG CB  CG   sing N N 21  
ARG CB  HB2  sing N N 22  
ARG CB  HB3  sing N N 23  
ARG CG  CD   sing N N 24  
ARG CG  HG2  sing N N 25  
ARG CG  HG3  sing N N 26  
ARG CD  NE   sing N N 27  
ARG CD  HD2  sing N N 28  
ARG CD  HD3  sing N N 29  
ARG NE  CZ   sing N N 30  
ARG NE  HE   sing N N 31  
ARG CZ  NH1  sing N N 32  
ARG CZ  NH2  doub N N 33  
ARG NH1 HH11 sing N N 34  
ARG NH1 HH12 sing N N 35  
ARG NH2 HH21 sing N N 36  
ARG NH2 HH22 sing N N 37  
ARG OXT HXT  sing N N 38  
ASN N   CA   sing N N 39  
ASN N   H    sing N N 40  
ASN N   H2   sing N N 41  
ASN CA  C    sing N N 42  
ASN CA  CB   sing N N 43  
ASN CA  HA   sing N N 44  
ASN C   O    doub N N 45  
ASN C   OXT  sing N N 46  
ASN CB  CG   sing N N 47  
ASN CB  HB2  sing N N 48  
ASN CB  HB3  sing N N 49  
ASN CG  OD1  doub N N 50  
ASN CG  ND2  sing N N 51  
ASN ND2 HD21 sing N N 52  
ASN ND2 HD22 sing N N 53  
ASN OXT HXT  sing N N 54  
ASP N   CA   sing N N 55  
ASP N   H    sing N N 56  
ASP N   H2   sing N N 57  
ASP CA  C    sing N N 58  
ASP CA  CB   sing N N 59  
ASP CA  HA   sing N N 60  
ASP C   O    doub N N 61  
ASP C   OXT  sing N N 62  
ASP CB  CG   sing N N 63  
ASP CB  HB2  sing N N 64  
ASP CB  HB3  sing N N 65  
ASP CG  OD1  doub N N 66  
ASP CG  OD2  sing N N 67  
ASP OD2 HD2  sing N N 68  
ASP OXT HXT  sing N N 69  
CYS N   CA   sing N N 70  
CYS N   H    sing N N 71  
CYS N   H2   sing N N 72  
CYS CA  C    sing N N 73  
CYS CA  CB   sing N N 74  
CYS CA  HA   sing N N 75  
CYS C   O    doub N N 76  
CYS C   OXT  sing N N 77  
CYS CB  SG   sing N N 78  
CYS CB  HB2  sing N N 79  
CYS CB  HB3  sing N N 80  
CYS SG  HG   sing N N 81  
CYS OXT HXT  sing N N 82  
GLN N   CA   sing N N 83  
GLN N   H    sing N N 84  
GLN N   H2   sing N N 85  
GLN CA  C    sing N N 86  
GLN CA  CB   sing N N 87  
GLN CA  HA   sing N N 88  
GLN C   O    doub N N 89  
GLN C   OXT  sing N N 90  
GLN CB  CG   sing N N 91  
GLN CB  HB2  sing N N 92  
GLN CB  HB3  sing N N 93  
GLN CG  CD   sing N N 94  
GLN CG  HG2  sing N N 95  
GLN CG  HG3  sing N N 96  
GLN CD  OE1  doub N N 97  
GLN CD  NE2  sing N N 98  
GLN NE2 HE21 sing N N 99  
GLN NE2 HE22 sing N N 100 
GLN OXT HXT  sing N N 101 
GLU N   CA   sing N N 102 
GLU N   H    sing N N 103 
GLU N   H2   sing N N 104 
GLU CA  C    sing N N 105 
GLU CA  CB   sing N N 106 
GLU CA  HA   sing N N 107 
GLU C   O    doub N N 108 
GLU C   OXT  sing N N 109 
GLU CB  CG   sing N N 110 
GLU CB  HB2  sing N N 111 
GLU CB  HB3  sing N N 112 
GLU CG  CD   sing N N 113 
GLU CG  HG2  sing N N 114 
GLU CG  HG3  sing N N 115 
GLU CD  OE1  doub N N 116 
GLU CD  OE2  sing N N 117 
GLU OE2 HE2  sing N N 118 
GLU OXT HXT  sing N N 119 
GLY N   CA   sing N N 120 
GLY N   H    sing N N 121 
GLY N   H2   sing N N 122 
GLY CA  C    sing N N 123 
GLY CA  HA2  sing N N 124 
GLY CA  HA3  sing N N 125 
GLY C   O    doub N N 126 
GLY C   OXT  sing N N 127 
GLY OXT HXT  sing N N 128 
HIS N   CA   sing N N 129 
HIS N   H    sing N N 130 
HIS N   H2   sing N N 131 
HIS CA  C    sing N N 132 
HIS CA  CB   sing N N 133 
HIS CA  HA   sing N N 134 
HIS C   O    doub N N 135 
HIS C   OXT  sing N N 136 
HIS CB  CG   sing N N 137 
HIS CB  HB2  sing N N 138 
HIS CB  HB3  sing N N 139 
HIS CG  ND1  sing Y N 140 
HIS CG  CD2  doub Y N 141 
HIS ND1 CE1  doub Y N 142 
HIS ND1 HD1  sing N N 143 
HIS CD2 NE2  sing Y N 144 
HIS CD2 HD2  sing N N 145 
HIS CE1 NE2  sing Y N 146 
HIS CE1 HE1  sing N N 147 
HIS NE2 HE2  sing N N 148 
HIS OXT HXT  sing N N 149 
HOH O   H1   sing N N 150 
HOH O   H2   sing N N 151 
ILE N   CA   sing N N 152 
ILE N   H    sing N N 153 
ILE N   H2   sing N N 154 
ILE CA  C    sing N N 155 
ILE CA  CB   sing N N 156 
ILE CA  HA   sing N N 157 
ILE C   O    doub N N 158 
ILE C   OXT  sing N N 159 
ILE CB  CG1  sing N N 160 
ILE CB  CG2  sing N N 161 
ILE CB  HB   sing N N 162 
ILE CG1 CD1  sing N N 163 
ILE CG1 HG12 sing N N 164 
ILE CG1 HG13 sing N N 165 
ILE CG2 HG21 sing N N 166 
ILE CG2 HG22 sing N N 167 
ILE CG2 HG23 sing N N 168 
ILE CD1 HD11 sing N N 169 
ILE CD1 HD12 sing N N 170 
ILE CD1 HD13 sing N N 171 
ILE OXT HXT  sing N N 172 
LEU N   CA   sing N N 173 
LEU N   H    sing N N 174 
LEU N   H2   sing N N 175 
LEU CA  C    sing N N 176 
LEU CA  CB   sing N N 177 
LEU CA  HA   sing N N 178 
LEU C   O    doub N N 179 
LEU C   OXT  sing N N 180 
LEU CB  CG   sing N N 181 
LEU CB  HB2  sing N N 182 
LEU CB  HB3  sing N N 183 
LEU CG  CD1  sing N N 184 
LEU CG  CD2  sing N N 185 
LEU CG  HG   sing N N 186 
LEU CD1 HD11 sing N N 187 
LEU CD1 HD12 sing N N 188 
LEU CD1 HD13 sing N N 189 
LEU CD2 HD21 sing N N 190 
LEU CD2 HD22 sing N N 191 
LEU CD2 HD23 sing N N 192 
LEU OXT HXT  sing N N 193 
LYS N   CA   sing N N 194 
LYS N   H    sing N N 195 
LYS N   H2   sing N N 196 
LYS CA  C    sing N N 197 
LYS CA  CB   sing N N 198 
LYS CA  HA   sing N N 199 
LYS C   O    doub N N 200 
LYS C   OXT  sing N N 201 
LYS CB  CG   sing N N 202 
LYS CB  HB2  sing N N 203 
LYS CB  HB3  sing N N 204 
LYS CG  CD   sing N N 205 
LYS CG  HG2  sing N N 206 
LYS CG  HG3  sing N N 207 
LYS CD  CE   sing N N 208 
LYS CD  HD2  sing N N 209 
LYS CD  HD3  sing N N 210 
LYS CE  NZ   sing N N 211 
LYS CE  HE2  sing N N 212 
LYS CE  HE3  sing N N 213 
LYS NZ  HZ1  sing N N 214 
LYS NZ  HZ2  sing N N 215 
LYS NZ  HZ3  sing N N 216 
LYS OXT HXT  sing N N 217 
MET N   CA   sing N N 218 
MET N   H    sing N N 219 
MET N   H2   sing N N 220 
MET CA  C    sing N N 221 
MET CA  CB   sing N N 222 
MET CA  HA   sing N N 223 
MET C   O    doub N N 224 
MET C   OXT  sing N N 225 
MET CB  CG   sing N N 226 
MET CB  HB2  sing N N 227 
MET CB  HB3  sing N N 228 
MET CG  SD   sing N N 229 
MET CG  HG2  sing N N 230 
MET CG  HG3  sing N N 231 
MET SD  CE   sing N N 232 
MET CE  HE1  sing N N 233 
MET CE  HE2  sing N N 234 
MET CE  HE3  sing N N 235 
MET OXT HXT  sing N N 236 
PHE N   CA   sing N N 237 
PHE N   H    sing N N 238 
PHE N   H2   sing N N 239 
PHE CA  C    sing N N 240 
PHE CA  CB   sing N N 241 
PHE CA  HA   sing N N 242 
PHE C   O    doub N N 243 
PHE C   OXT  sing N N 244 
PHE CB  CG   sing N N 245 
PHE CB  HB2  sing N N 246 
PHE CB  HB3  sing N N 247 
PHE CG  CD1  doub Y N 248 
PHE CG  CD2  sing Y N 249 
PHE CD1 CE1  sing Y N 250 
PHE CD1 HD1  sing N N 251 
PHE CD2 CE2  doub Y N 252 
PHE CD2 HD2  sing N N 253 
PHE CE1 CZ   doub Y N 254 
PHE CE1 HE1  sing N N 255 
PHE CE2 CZ   sing Y N 256 
PHE CE2 HE2  sing N N 257 
PHE CZ  HZ   sing N N 258 
PHE OXT HXT  sing N N 259 
PRO N   CA   sing N N 260 
PRO N   CD   sing N N 261 
PRO N   H    sing N N 262 
PRO CA  C    sing N N 263 
PRO CA  CB   sing N N 264 
PRO CA  HA   sing N N 265 
PRO C   O    doub N N 266 
PRO C   OXT  sing N N 267 
PRO CB  CG   sing N N 268 
PRO CB  HB2  sing N N 269 
PRO CB  HB3  sing N N 270 
PRO CG  CD   sing N N 271 
PRO CG  HG2  sing N N 272 
PRO CG  HG3  sing N N 273 
PRO CD  HD2  sing N N 274 
PRO CD  HD3  sing N N 275 
PRO OXT HXT  sing N N 276 
SER N   CA   sing N N 277 
SER N   H    sing N N 278 
SER N   H2   sing N N 279 
SER CA  C    sing N N 280 
SER CA  CB   sing N N 281 
SER CA  HA   sing N N 282 
SER C   O    doub N N 283 
SER C   OXT  sing N N 284 
SER CB  OG   sing N N 285 
SER CB  HB2  sing N N 286 
SER CB  HB3  sing N N 287 
SER OG  HG   sing N N 288 
SER OXT HXT  sing N N 289 
THR N   CA   sing N N 290 
THR N   H    sing N N 291 
THR N   H2   sing N N 292 
THR CA  C    sing N N 293 
THR CA  CB   sing N N 294 
THR CA  HA   sing N N 295 
THR C   O    doub N N 296 
THR C   OXT  sing N N 297 
THR CB  OG1  sing N N 298 
THR CB  CG2  sing N N 299 
THR CB  HB   sing N N 300 
THR OG1 HG1  sing N N 301 
THR CG2 HG21 sing N N 302 
THR CG2 HG22 sing N N 303 
THR CG2 HG23 sing N N 304 
THR OXT HXT  sing N N 305 
TRP N   CA   sing N N 306 
TRP N   H    sing N N 307 
TRP N   H2   sing N N 308 
TRP CA  C    sing N N 309 
TRP CA  CB   sing N N 310 
TRP CA  HA   sing N N 311 
TRP C   O    doub N N 312 
TRP C   OXT  sing N N 313 
TRP CB  CG   sing N N 314 
TRP CB  HB2  sing N N 315 
TRP CB  HB3  sing N N 316 
TRP CG  CD1  doub Y N 317 
TRP CG  CD2  sing Y N 318 
TRP CD1 NE1  sing Y N 319 
TRP CD1 HD1  sing N N 320 
TRP CD2 CE2  doub Y N 321 
TRP CD2 CE3  sing Y N 322 
TRP NE1 CE2  sing Y N 323 
TRP NE1 HE1  sing N N 324 
TRP CE2 CZ2  sing Y N 325 
TRP CE3 CZ3  doub Y N 326 
TRP CE3 HE3  sing N N 327 
TRP CZ2 CH2  doub Y N 328 
TRP CZ2 HZ2  sing N N 329 
TRP CZ3 CH2  sing Y N 330 
TRP CZ3 HZ3  sing N N 331 
TRP CH2 HH2  sing N N 332 
TRP OXT HXT  sing N N 333 
TYR N   CA   sing N N 334 
TYR N   H    sing N N 335 
TYR N   H2   sing N N 336 
TYR CA  C    sing N N 337 
TYR CA  CB   sing N N 338 
TYR CA  HA   sing N N 339 
TYR C   O    doub N N 340 
TYR C   OXT  sing N N 341 
TYR CB  CG   sing N N 342 
TYR CB  HB2  sing N N 343 
TYR CB  HB3  sing N N 344 
TYR CG  CD1  doub Y N 345 
TYR CG  CD2  sing Y N 346 
TYR CD1 CE1  sing Y N 347 
TYR CD1 HD1  sing N N 348 
TYR CD2 CE2  doub Y N 349 
TYR CD2 HD2  sing N N 350 
TYR CE1 CZ   doub Y N 351 
TYR CE1 HE1  sing N N 352 
TYR CE2 CZ   sing Y N 353 
TYR CE2 HE2  sing N N 354 
TYR CZ  OH   sing N N 355 
TYR OH  HH   sing N N 356 
TYR OXT HXT  sing N N 357 
VAL N   CA   sing N N 358 
VAL N   H    sing N N 359 
VAL N   H2   sing N N 360 
VAL CA  C    sing N N 361 
VAL CA  CB   sing N N 362 
VAL CA  HA   sing N N 363 
VAL C   O    doub N N 364 
VAL C   OXT  sing N N 365 
VAL CB  CG1  sing N N 366 
VAL CB  CG2  sing N N 367 
VAL CB  HB   sing N N 368 
VAL CG1 HG11 sing N N 369 
VAL CG1 HG12 sing N N 370 
VAL CG1 HG13 sing N N 371 
VAL CG2 HG21 sing N N 372 
VAL CG2 HG22 sing N N 373 
VAL CG2 HG23 sing N N 374 
VAL OXT HXT  sing N N 375 
# 
loop_
_pdbx_entity_nonpoly.entity_id 
_pdbx_entity_nonpoly.name 
_pdbx_entity_nonpoly.comp_id 
2 'ZINC ION' ZN  
3 water      HOH 
# 
_pdbx_initial_refinement_model.id               1 
_pdbx_initial_refinement_model.entity_id_list   ? 
_pdbx_initial_refinement_model.type             'experimental model' 
_pdbx_initial_refinement_model.source_name      PDB 
_pdbx_initial_refinement_model.accession_code   1UOL 
_pdbx_initial_refinement_model.details          'PDB ENTRY 1UOL' 
# 
